data_3NRZ
#
_entry.id   3NRZ
#
_cell.length_a   133.016
_cell.length_b   73.645
_cell.length_c   138.696
_cell.angle_alpha   90.000
_cell.angle_beta   97.050
_cell.angle_gamma   90.000
#
_symmetry.space_group_name_H-M   'P 1 21 1'
#
loop_
_entity.id
_entity.type
_entity.pdbx_description
1 polymer 'Xanthine dehydrogenase/oxidase'
2 polymer 'Xanthine dehydrogenase/oxidase'
3 polymer 'Xanthine dehydrogenase/oxidase'
4 non-polymer 'FE2/S2 (INORGANIC) CLUSTER'
5 non-polymer 'FLAVIN-ADENINE DINUCLEOTIDE'
6 non-polymer 'PHOSPHONIC ACIDMONO-(2-AMINO-5,6-DIMERCAPTO-4-OXO-3,7,8A,9,10,10A-HEXAHYDRO-4H-8-OXA-1,3,9,10-TETRAAZA-ANTHRACEN-7-YLMETHYL)ESTER'
7 non-polymer 'DIOXOTHIOMOLYBDENUM(VI) ION'
8 non-polymer HYPOXANTHINE
9 water water
#
loop_
_entity_poly.entity_id
_entity_poly.type
_entity_poly.pdbx_seq_one_letter_code
_entity_poly.pdbx_strand_id
1 'polypeptide(L)'
;TADELVFFVNGKKVVEKNADPETTLLAYLRRKLGLRGTKLGCGEGGCGACTVMLSKYDRLQDKIIHFSANACLAPICTLH
HVAVTTVEGIGSTKTRLHPVQERIAKSHGSQCGFCTPGIVMSMYTLLRNQPEPTVEEIEDAFQGNLCRCTGYRPILQGFR
TFAK
;
A,J
2 'polypeptide(L)'
;PKQLRFEGERVTWIQASTLKELLDLKAQHPEAKLVVGNTEIGIEMKFKNQLFPMIICPAWIPELNAVEHGPEGISFGAAC
ALSSVEKTLLEAVAKLPTQKTEVFRGVLEQLRWFAGKQVKSVASLGGNIITASPISDLNPVFMASGTKLTIVSRGTRRTV
PMDHTFFPSYRKTLLGPEEILLSIEIPYSREDEFFSAFKQASRREDDIAKVTCGMRVLFQPGSMQVKELALCYGGMADRT
ISALKTTQKQLSKFWNEKLLQDVCAGLAEELSLSPDAPGGMIEFRRTLTLSFFFKFYLTVLKKLG
;
B,K
3 'polypeptide(L)'
;DTVGRPLPHLAAAMQASGEAVYCDDIPRYENELFLRLVTSTRAHAKIKSIDVSEAQKVPGFVCFLSADDIPGSNETGLFN
DETVFAKDTVTCVGHIIGAVVADTPEHAERAAHVVKVTYEDLPAIITIEDAIKNNSFYGSELKIEKGDLKKGFSEADNVV
SGELYIGGQDHFYLETHCTIAIPKGEEGEMELFVSTQNAMKTQSFVAKMLGVPVNRILVRVKRMGGGFGGKETRSTLVSV
AVALAAYKTGHPVRCMLDRNEDMLITGGRHPFLARYKVGFMKTGTIVALEVDHYSNAGNSRDLSHSIMERALFHMDNCYK
IPNIRGTGRLCKTNLSSNTAFRGFGGPQALFIAENWMSEVAVTCGLPAEEVRWKNMYKEGDLTHFNQRLEGFSVPRCWDE
CLKSSQYYARKSEVDKFNKENCWKKRGLCIIPTKFGISFTVPFLNQAGALIHVYTDGSVLVSHGGTEMGQGLHTKMVQVA
SKALKIPISKIYISETSTNTVPNSSPTAASVSTDIYGQAVYEACQTILKRLEPFKKKNPDGSWEDWVMAAYQDRVSLSTT
GFYRTPNLGYSFETNSGNAFHYFTYGVACSEVEIDCLTGDHKNLRTDIVMDVGSSLNPAIDIGQVEGAFVQGLGLFTLEE
LHYSPEGSLHTRGPSTYKIPAFGSIPTEFRVSLLRDCPNKKAIYASKAVGEPPLFLGASVFFAIKDAIRAARAQHTNNNT
KELFRLDSPATPEKIRNACVDKFTTLCVTGAPGNCK
;
C,L
#
# COMPACT_ATOMS: atom_id res chain seq x y z
N THR A 1 19.74 -13.97 -29.77
CA THR A 1 19.75 -15.16 -30.68
C THR A 1 19.21 -16.38 -29.92
N ALA A 2 18.44 -16.07 -28.88
CA ALA A 2 17.80 -17.07 -28.03
C ALA A 2 16.42 -17.43 -28.56
N ASP A 3 16.03 -18.67 -28.34
CA ASP A 3 14.70 -19.15 -28.70
C ASP A 3 13.67 -18.63 -27.71
N GLU A 4 12.39 -18.67 -28.09
CA GLU A 4 11.30 -18.34 -27.17
C GLU A 4 11.01 -19.57 -26.33
N LEU A 5 10.75 -19.35 -25.04
CA LEU A 5 10.28 -20.41 -24.16
C LEU A 5 8.76 -20.34 -24.05
N VAL A 6 8.11 -21.48 -24.28
CA VAL A 6 6.66 -21.52 -24.34
C VAL A 6 6.12 -22.60 -23.41
N PHE A 7 5.35 -22.19 -22.41
CA PHE A 7 4.72 -23.13 -21.50
C PHE A 7 3.33 -22.65 -21.12
N PHE A 8 2.57 -23.44 -20.37
CA PHE A 8 1.23 -23.04 -20.03
C PHE A 8 1.09 -22.98 -18.53
N VAL A 9 0.32 -22.02 -18.05
CA VAL A 9 0.08 -21.90 -16.60
C VAL A 9 -1.42 -21.71 -16.39
N ASN A 10 -2.03 -22.66 -15.69
CA ASN A 10 -3.48 -22.71 -15.49
C ASN A 10 -4.29 -22.55 -16.79
N GLY A 11 -3.78 -23.19 -17.83
CA GLY A 11 -4.48 -23.28 -19.11
C GLY A 11 -4.15 -22.15 -20.05
N LYS A 12 -3.40 -21.16 -19.58
CA LYS A 12 -3.09 -19.98 -20.36
C LYS A 12 -1.63 -20.01 -20.83
N LYS A 13 -1.43 -19.73 -22.12
CA LYS A 13 -0.11 -19.72 -22.75
C LYS A 13 0.79 -18.60 -22.23
N VAL A 14 2.04 -18.96 -21.93
CA VAL A 14 3.09 -18.01 -21.52
C VAL A 14 4.18 -18.09 -22.59
N VAL A 15 4.53 -16.96 -23.17
CA VAL A 15 5.62 -16.88 -24.16
C VAL A 15 6.72 -16.02 -23.55
N GLU A 16 7.83 -16.65 -23.17
CA GLU A 16 8.93 -15.92 -22.55
C GLU A 16 10.07 -15.78 -23.55
N LYS A 17 10.27 -14.55 -24.02
CA LYS A 17 11.20 -14.29 -25.10
C LYS A 17 12.65 -14.20 -24.63
N ASN A 18 12.85 -13.83 -23.36
CA ASN A 18 14.19 -13.77 -22.80
C ASN A 18 14.33 -14.54 -21.50
N ALA A 19 14.08 -15.85 -21.58
CA ALA A 19 14.23 -16.76 -20.44
C ALA A 19 15.67 -16.76 -19.96
N ASP A 20 15.84 -16.47 -18.69
CA ASP A 20 17.12 -16.64 -18.02
C ASP A 20 17.14 -18.04 -17.42
N PRO A 21 18.15 -18.85 -17.81
CA PRO A 21 18.37 -20.20 -17.30
C PRO A 21 18.35 -20.31 -15.78
N GLU A 22 18.70 -19.23 -15.08
CA GLU A 22 18.75 -19.22 -13.61
C GLU A 22 17.36 -19.10 -12.93
N THR A 23 16.34 -18.72 -13.69
CA THR A 23 15.00 -18.46 -13.13
C THR A 23 14.27 -19.73 -12.77
N THR A 24 13.81 -19.81 -11.51
CA THR A 24 13.00 -20.93 -11.06
C THR A 24 11.54 -20.68 -11.40
N LEU A 25 10.77 -21.77 -11.46
CA LEU A 25 9.36 -21.65 -11.73
C LEU A 25 8.67 -20.85 -10.61
N LEU A 26 9.09 -21.09 -9.37
CA LEU A 26 8.48 -20.37 -8.25
C LEU A 26 8.67 -18.86 -8.40
N ALA A 27 9.90 -18.45 -8.71
CA ALA A 27 10.18 -17.04 -8.97
C ALA A 27 9.31 -16.50 -10.11
N TYR A 28 9.20 -17.27 -11.19
CA TYR A 28 8.41 -16.83 -12.32
C TYR A 28 6.94 -16.65 -11.96
N LEU A 29 6.37 -17.64 -11.25
CA LEU A 29 4.96 -17.63 -10.88
C LEU A 29 4.65 -16.45 -9.98
N ARG A 30 5.48 -16.28 -8.96
CA ARG A 30 5.24 -15.23 -7.96
C ARG A 30 5.57 -13.81 -8.45
N ARG A 31 6.71 -13.66 -9.12
CA ARG A 31 7.23 -12.32 -9.39
C ARG A 31 7.10 -11.83 -10.84
N LYS A 32 6.80 -12.74 -11.75
CA LYS A 32 6.49 -12.33 -13.13
C LYS A 32 4.98 -12.48 -13.36
N LEU A 33 4.41 -13.64 -13.04
CA LEU A 33 2.98 -13.84 -13.32
C LEU A 33 2.01 -13.35 -12.22
N GLY A 34 2.54 -13.06 -11.04
CA GLY A 34 1.73 -12.56 -9.92
C GLY A 34 0.78 -13.58 -9.31
N LEU A 35 1.14 -14.85 -9.40
CA LEU A 35 0.31 -15.92 -8.84
C LEU A 35 0.98 -16.35 -7.54
N ARG A 36 0.51 -15.76 -6.45
CA ARG A 36 1.21 -15.90 -5.17
C ARG A 36 0.67 -16.97 -4.21
N GLY A 37 -0.30 -17.77 -4.69
CA GLY A 37 -0.77 -18.95 -3.95
C GLY A 37 0.31 -19.99 -3.69
N THR A 38 1.22 -20.16 -4.65
CA THR A 38 2.37 -21.05 -4.50
C THR A 38 3.44 -20.35 -3.64
N LYS A 39 3.90 -21.03 -2.59
CA LYS A 39 4.75 -20.39 -1.54
C LYS A 39 6.20 -20.87 -1.53
N LEU A 40 7.09 -19.99 -1.03
CA LEU A 40 8.46 -20.35 -0.67
C LEU A 40 8.53 -20.70 0.82
N GLY A 41 8.87 -21.96 1.11
CA GLY A 41 9.06 -22.39 2.51
C GLY A 41 10.50 -22.77 2.88
N CYS A 42 11.32 -23.11 1.89
CA CYS A 42 12.70 -23.56 2.12
C CYS A 42 13.66 -23.36 0.93
N GLY A 43 13.15 -23.41 -0.28
CA GLY A 43 14.01 -23.33 -1.48
C GLY A 43 14.93 -24.52 -1.73
N GLU A 44 14.74 -25.64 -1.01
CA GLU A 44 15.64 -26.81 -1.15
C GLU A 44 14.94 -28.18 -1.32
N GLY A 45 13.66 -28.16 -1.68
CA GLY A 45 12.92 -29.40 -1.99
C GLY A 45 12.32 -30.16 -0.81
N GLY A 46 12.56 -29.67 0.41
CA GLY A 46 12.10 -30.41 1.61
C GLY A 46 10.71 -30.17 2.17
N CYS A 47 10.08 -29.05 1.83
CA CYS A 47 8.90 -28.66 2.59
C CYS A 47 7.60 -28.78 1.82
N GLY A 48 7.68 -28.73 0.48
CA GLY A 48 6.52 -28.86 -0.42
C GLY A 48 5.57 -27.67 -0.52
N ALA A 49 5.90 -26.58 0.18
CA ALA A 49 5.07 -25.35 0.15
C ALA A 49 4.87 -24.79 -1.29
N CYS A 50 5.83 -25.09 -2.15
CA CYS A 50 5.87 -24.64 -3.53
C CYS A 50 5.33 -25.69 -4.54
N THR A 51 4.66 -26.73 -4.05
CA THR A 51 4.21 -27.83 -4.90
C THR A 51 3.19 -27.37 -5.96
N VAL A 52 3.46 -27.76 -7.21
CA VAL A 52 2.57 -27.52 -8.33
C VAL A 52 2.37 -28.86 -9.05
N MET A 53 1.40 -28.91 -9.95
CA MET A 53 1.24 -30.06 -10.84
C MET A 53 1.80 -29.69 -12.21
N LEU A 54 2.62 -30.57 -12.78
CA LEU A 54 3.06 -30.45 -14.15
C LEU A 54 2.39 -31.53 -14.99
N SER A 55 2.06 -31.17 -16.22
CA SER A 55 1.44 -32.09 -17.15
C SER A 55 2.12 -31.91 -18.49
N LYS A 56 2.34 -33.01 -19.20
CA LYS A 56 2.83 -32.87 -20.57
C LYS A 56 2.39 -34.06 -21.41
N TYR A 57 2.53 -33.91 -22.72
CA TYR A 57 2.32 -35.04 -23.61
C TYR A 57 3.68 -35.67 -23.73
N ASP A 58 3.80 -36.88 -23.19
CA ASP A 58 5.05 -37.61 -23.17
C ASP A 58 5.21 -38.41 -24.48
N ARG A 59 6.16 -37.98 -25.30
CA ARG A 59 6.43 -38.57 -26.62
C ARG A 59 6.95 -40.02 -26.61
N LEU A 60 7.66 -40.43 -25.55
CA LEU A 60 8.05 -41.84 -25.39
C LEU A 60 6.84 -42.74 -25.19
N GLN A 61 5.96 -42.35 -24.27
CA GLN A 61 4.83 -43.20 -23.89
C GLN A 61 3.54 -42.87 -24.64
N ASP A 62 3.61 -41.86 -25.51
CA ASP A 62 2.43 -41.13 -26.00
C ASP A 62 1.65 -40.38 -24.89
N LYS A 63 1.25 -41.11 -23.85
CA LYS A 63 0.39 -40.60 -22.78
C LYS A 63 0.56 -39.09 -22.47
N ILE A 64 -0.54 -38.43 -22.15
CA ILE A 64 -0.49 -37.22 -21.32
C ILE A 64 -0.13 -37.75 -19.93
N ILE A 65 0.87 -37.17 -19.28
CA ILE A 65 1.17 -37.56 -17.90
C ILE A 65 1.02 -36.36 -16.95
N HIS A 66 0.64 -36.62 -15.70
CA HIS A 66 0.51 -35.56 -14.68
C HIS A 66 1.33 -35.92 -13.46
N PHE A 67 2.17 -34.99 -13.00
CA PHE A 67 2.96 -35.27 -11.79
C PHE A 67 3.21 -34.00 -10.98
N SER A 68 3.51 -34.17 -9.70
CA SER A 68 3.80 -33.02 -8.84
C SER A 68 5.27 -32.69 -8.90
N ALA A 69 5.62 -31.44 -8.61
CA ALA A 69 7.01 -31.02 -8.58
C ALA A 69 7.12 -29.81 -7.66
N ASN A 70 8.32 -29.59 -7.17
CA ASN A 70 8.69 -28.41 -6.39
C ASN A 70 9.03 -27.27 -7.31
N ALA A 71 8.25 -26.20 -7.24
CA ALA A 71 8.48 -25.04 -8.11
C ALA A 71 9.79 -24.32 -7.75
N CYS A 72 10.24 -24.49 -6.51
CA CYS A 72 11.47 -23.82 -6.05
C CYS A 72 12.72 -24.37 -6.74
N LEU A 73 12.63 -25.60 -7.23
CA LEU A 73 13.80 -26.25 -7.86
C LEU A 73 13.71 -26.39 -9.38
N ALA A 74 12.53 -26.18 -9.94
CA ALA A 74 12.33 -26.35 -11.38
C ALA A 74 12.76 -25.12 -12.18
N PRO A 75 13.80 -25.28 -13.04
CA PRO A 75 14.17 -24.16 -13.90
C PRO A 75 13.07 -23.97 -14.94
N ILE A 76 12.71 -22.72 -15.26
CA ILE A 76 11.70 -22.53 -16.30
C ILE A 76 12.19 -23.09 -17.63
N CYS A 77 13.50 -23.14 -17.81
CA CYS A 77 14.09 -23.66 -19.06
C CYS A 77 13.87 -25.16 -19.29
N THR A 78 13.47 -25.90 -18.25
CA THR A 78 13.02 -27.28 -18.44
C THR A 78 11.55 -27.43 -18.86
N LEU A 79 10.80 -26.32 -18.97
CA LEU A 79 9.34 -26.39 -19.01
C LEU A 79 8.74 -26.09 -20.41
N HIS A 80 9.58 -26.06 -21.43
CA HIS A 80 9.08 -25.81 -22.79
C HIS A 80 8.06 -26.89 -23.13
N HIS A 81 6.86 -26.46 -23.53
CA HIS A 81 5.70 -27.36 -23.83
C HIS A 81 5.21 -28.20 -22.64
N VAL A 82 5.31 -27.62 -21.46
CA VAL A 82 4.79 -28.27 -20.26
C VAL A 82 3.67 -27.36 -19.72
N ALA A 83 2.62 -27.95 -19.18
CA ALA A 83 1.54 -27.22 -18.53
C ALA A 83 1.68 -27.28 -17.01
N VAL A 84 1.59 -26.11 -16.39
CA VAL A 84 1.66 -25.95 -14.94
C VAL A 84 0.26 -25.66 -14.39
N THR A 85 -0.11 -26.33 -13.30
CA THR A 85 -1.35 -26.04 -12.59
C THR A 85 -0.96 -25.67 -11.17
N THR A 86 -1.39 -24.50 -10.74
CA THR A 86 -1.19 -24.06 -9.38
C THR A 86 -2.53 -24.17 -8.63
N VAL A 87 -2.47 -23.82 -7.36
CA VAL A 87 -3.64 -23.86 -6.48
C VAL A 87 -4.79 -23.00 -7.05
N GLU A 88 -4.46 -21.86 -7.67
CA GLU A 88 -5.51 -21.02 -8.23
C GLU A 88 -6.12 -21.59 -9.54
N GLY A 89 -5.43 -22.57 -10.12
CA GLY A 89 -5.90 -23.31 -11.28
C GLY A 89 -7.03 -24.28 -11.03
N ILE A 90 -7.20 -24.73 -9.78
CA ILE A 90 -8.19 -25.79 -9.53
C ILE A 90 -9.53 -25.33 -8.92
N GLY A 91 -9.55 -24.13 -8.35
CA GLY A 91 -10.77 -23.59 -7.74
C GLY A 91 -10.49 -22.36 -6.88
N SER A 92 -11.53 -21.62 -6.52
CA SER A 92 -11.37 -20.43 -5.66
C SER A 92 -12.69 -20.05 -5.00
N THR A 93 -12.60 -19.25 -3.94
CA THR A 93 -13.78 -18.80 -3.20
C THR A 93 -14.66 -17.86 -4.04
N LYS A 94 -14.14 -17.41 -5.17
CA LYS A 94 -14.86 -16.48 -6.05
C LYS A 94 -15.56 -17.19 -7.20
N THR A 95 -15.22 -18.46 -7.39
CA THR A 95 -15.92 -19.30 -8.37
C THR A 95 -16.51 -20.47 -7.57
N ARG A 96 -15.78 -21.58 -7.50
CA ARG A 96 -16.11 -22.70 -6.64
C ARG A 96 -14.82 -23.38 -6.24
N LEU A 97 -14.73 -23.75 -4.97
CA LEU A 97 -13.59 -24.52 -4.51
C LEU A 97 -13.62 -25.91 -5.13
N HIS A 98 -12.45 -26.47 -5.37
CA HIS A 98 -12.34 -27.88 -5.70
C HIS A 98 -12.65 -28.72 -4.42
N PRO A 99 -13.23 -29.93 -4.56
CA PRO A 99 -13.45 -30.79 -3.37
C PRO A 99 -12.21 -30.96 -2.46
N VAL A 100 -11.01 -31.01 -3.04
CA VAL A 100 -9.77 -31.09 -2.24
C VAL A 100 -9.62 -29.86 -1.29
N GLN A 101 -9.89 -28.67 -1.83
CA GLN A 101 -9.82 -27.40 -1.09
C GLN A 101 -10.94 -27.36 -0.07
N GLU A 102 -12.14 -27.77 -0.50
CA GLU A 102 -13.26 -27.76 0.44
C GLU A 102 -13.01 -28.65 1.67
N ARG A 103 -12.48 -29.84 1.40
CA ARG A 103 -12.32 -30.85 2.42
C ARG A 103 -11.29 -30.47 3.46
N ILE A 104 -10.17 -29.93 3.00
CA ILE A 104 -9.09 -29.59 3.93
C ILE A 104 -9.53 -28.42 4.82
N ALA A 105 -10.24 -27.46 4.25
CA ALA A 105 -10.75 -26.31 5.01
C ALA A 105 -11.77 -26.76 6.06
N LYS A 106 -12.73 -27.59 5.64
CA LYS A 106 -13.81 -27.97 6.54
C LYS A 106 -13.40 -29.01 7.61
N SER A 107 -12.33 -29.77 7.34
CA SER A 107 -11.85 -30.78 8.28
C SER A 107 -10.84 -30.21 9.28
N HIS A 108 -10.69 -28.87 9.27
CA HIS A 108 -9.79 -28.18 10.17
C HIS A 108 -8.33 -28.57 9.88
N GLY A 109 -8.03 -28.84 8.61
CA GLY A 109 -6.64 -29.19 8.21
C GLY A 109 -5.80 -28.00 7.80
N SER A 110 -6.32 -26.80 8.03
CA SER A 110 -5.59 -25.56 7.71
C SER A 110 -5.60 -24.66 8.96
N GLN A 111 -4.44 -24.39 9.58
CA GLN A 111 -4.37 -23.44 10.70
C GLN A 111 -3.77 -22.14 10.21
N CYS A 112 -2.43 -22.03 10.17
CA CYS A 112 -1.83 -20.81 9.62
C CYS A 112 -2.06 -20.69 8.10
N GLY A 113 -2.24 -21.84 7.45
CA GLY A 113 -2.59 -21.95 6.02
C GLY A 113 -1.42 -21.88 5.05
N PHE A 114 -0.21 -21.68 5.56
CA PHE A 114 0.94 -21.46 4.65
C PHE A 114 1.31 -22.73 3.85
N CYS A 115 1.16 -23.92 4.45
CA CYS A 115 1.43 -25.19 3.76
C CYS A 115 0.26 -25.67 2.91
N THR A 116 -0.90 -25.05 3.08
CA THR A 116 -2.14 -25.59 2.53
C THR A 116 -2.15 -25.69 0.99
N PRO A 117 -1.76 -24.62 0.26
CA PRO A 117 -1.65 -24.76 -1.20
C PRO A 117 -0.81 -25.96 -1.63
N GLY A 118 0.35 -26.16 -0.99
CA GLY A 118 1.26 -27.26 -1.32
C GLY A 118 0.65 -28.65 -1.10
N ILE A 119 -0.06 -28.77 0.00
CA ILE A 119 -0.77 -30.03 0.35
C ILE A 119 -1.95 -30.29 -0.62
N VAL A 120 -2.67 -29.21 -0.95
CA VAL A 120 -3.79 -29.26 -1.88
C VAL A 120 -3.29 -29.77 -3.23
N MET A 121 -2.13 -29.26 -3.67
CA MET A 121 -1.60 -29.68 -4.97
C MET A 121 -1.10 -31.12 -4.98
N SER A 122 -0.47 -31.57 -3.89
CA SER A 122 -0.11 -32.98 -3.73
C SER A 122 -1.35 -33.92 -3.80
N MET A 123 -2.44 -33.52 -3.16
CA MET A 123 -3.67 -34.35 -3.12
C MET A 123 -4.34 -34.30 -4.48
N TYR A 124 -4.39 -33.12 -5.08
CA TYR A 124 -4.96 -32.96 -6.41
C TYR A 124 -4.24 -33.85 -7.44
N THR A 125 -2.91 -33.85 -7.38
CA THR A 125 -2.10 -34.62 -8.35
C THR A 125 -2.37 -36.13 -8.21
N LEU A 126 -2.48 -36.58 -6.98
CA LEU A 126 -2.78 -37.96 -6.72
C LEU A 126 -4.12 -38.30 -7.38
N LEU A 127 -5.16 -37.50 -7.12
CA LEU A 127 -6.50 -37.76 -7.68
C LEU A 127 -6.58 -37.70 -9.20
N ARG A 128 -5.73 -36.88 -9.81
CA ARG A 128 -5.67 -36.78 -11.27
C ARG A 128 -5.00 -38.04 -11.87
N ASN A 129 -4.17 -38.73 -11.08
CA ASN A 129 -3.55 -39.98 -11.51
C ASN A 129 -4.38 -41.20 -11.13
N GLN A 130 -5.05 -41.10 -9.99
CA GLN A 130 -5.83 -42.19 -9.44
C GLN A 130 -7.10 -41.65 -8.81
N PRO A 131 -8.20 -41.62 -9.59
CA PRO A 131 -9.51 -41.11 -9.14
C PRO A 131 -10.07 -41.81 -7.88
N GLU A 132 -9.67 -43.05 -7.65
CA GLU A 132 -10.02 -43.73 -6.41
C GLU A 132 -8.82 -44.41 -5.77
N PRO A 133 -8.07 -43.65 -4.96
CA PRO A 133 -6.88 -44.18 -4.33
C PRO A 133 -7.25 -45.00 -3.10
N THR A 134 -6.27 -45.73 -2.56
CA THR A 134 -6.41 -46.41 -1.28
C THR A 134 -6.02 -45.44 -0.18
N VAL A 135 -6.36 -45.79 1.06
CA VAL A 135 -5.93 -45.04 2.23
C VAL A 135 -4.41 -44.96 2.23
N GLU A 136 -3.76 -46.04 1.82
CA GLU A 136 -2.30 -46.17 1.83
C GLU A 136 -1.64 -45.19 0.87
N GLU A 137 -2.15 -45.12 -0.36
CA GLU A 137 -1.66 -44.19 -1.37
C GLU A 137 -1.80 -42.74 -0.93
N ILE A 138 -2.91 -42.43 -0.25
CA ILE A 138 -3.15 -41.08 0.26
C ILE A 138 -2.07 -40.65 1.28
N GLU A 139 -1.81 -41.43 2.32
CA GLU A 139 -0.75 -41.02 3.28
C GLU A 139 0.62 -40.88 2.63
N ASP A 140 0.97 -41.83 1.75
CA ASP A 140 2.22 -41.76 1.00
C ASP A 140 2.37 -40.57 0.05
N ALA A 141 1.25 -39.94 -0.30
CA ALA A 141 1.25 -38.78 -1.20
C ALA A 141 1.95 -37.54 -0.61
N PHE A 142 2.14 -37.53 0.71
CA PHE A 142 2.60 -36.31 1.38
C PHE A 142 3.98 -36.38 2.02
N GLN A 143 4.83 -37.30 1.60
CA GLN A 143 6.17 -37.35 2.18
C GLN A 143 6.90 -36.05 1.93
N GLY A 144 6.52 -35.37 0.85
CA GLY A 144 7.21 -34.13 0.47
C GLY A 144 6.60 -32.83 1.02
N ASN A 145 5.63 -32.94 1.91
CA ASN A 145 4.93 -31.74 2.48
C ASN A 145 5.00 -31.68 4.01
N LEU A 146 5.39 -30.51 4.53
CA LEU A 146 5.56 -30.31 5.95
C LEU A 146 4.51 -29.34 6.44
N CYS A 147 3.98 -29.58 7.64
CA CYS A 147 3.03 -28.65 8.29
C CYS A 147 3.46 -28.54 9.72
N ARG A 148 3.64 -27.31 10.20
CA ARG A 148 4.12 -27.07 11.56
C ARG A 148 2.98 -26.89 12.58
N CYS A 149 1.76 -26.63 12.09
CA CYS A 149 0.62 -26.23 12.96
C CYS A 149 -0.31 -27.35 13.38
N THR A 150 -0.63 -28.23 12.43
CA THR A 150 -1.82 -29.08 12.60
C THR A 150 -1.60 -30.43 13.28
N GLY A 151 -0.37 -30.89 13.25
CA GLY A 151 -0.06 -32.25 13.71
C GLY A 151 -0.64 -33.29 12.74
N TYR A 152 -1.00 -32.86 11.54
CA TYR A 152 -1.36 -33.73 10.39
C TYR A 152 -2.66 -34.56 10.47
N ARG A 153 -3.00 -35.04 11.65
CA ARG A 153 -4.25 -35.81 11.87
C ARG A 153 -5.49 -35.31 11.06
N PRO A 154 -5.84 -33.98 11.16
CA PRO A 154 -7.06 -33.52 10.45
C PRO A 154 -6.96 -33.52 8.93
N ILE A 155 -5.75 -33.27 8.40
CA ILE A 155 -5.54 -33.33 6.97
C ILE A 155 -5.81 -34.75 6.45
N LEU A 156 -5.29 -35.74 7.18
CA LEU A 156 -5.44 -37.13 6.74
C LEU A 156 -6.89 -37.61 6.86
N GLN A 157 -7.55 -37.22 7.97
CA GLN A 157 -8.95 -37.57 8.19
C GLN A 157 -9.88 -36.95 7.14
N GLY A 158 -9.62 -35.69 6.77
CA GLY A 158 -10.32 -35.04 5.69
C GLY A 158 -10.12 -35.74 4.36
N PHE A 159 -8.88 -36.06 4.02
CA PHE A 159 -8.61 -36.66 2.71
C PHE A 159 -8.95 -38.15 2.62
N ARG A 160 -9.13 -38.79 3.77
CA ARG A 160 -9.45 -40.22 3.80
C ARG A 160 -10.80 -40.48 3.13
N THR A 161 -11.64 -39.43 3.10
CA THR A 161 -12.94 -39.48 2.43
C THR A 161 -12.87 -39.72 0.92
N PHE A 162 -11.68 -39.54 0.34
CA PHE A 162 -11.48 -39.75 -1.09
C PHE A 162 -11.13 -41.21 -1.41
N ALA A 163 -10.91 -42.01 -0.38
CA ALA A 163 -10.32 -43.35 -0.57
C ALA A 163 -11.34 -44.45 -0.86
N LYS A 164 -10.81 -45.59 -1.31
CA LYS A 164 -11.35 -46.97 -1.13
C LYS A 164 -11.71 -47.66 -2.44
N PRO B 1 10.83 -31.37 -32.73
CA PRO B 1 11.76 -31.22 -31.60
C PRO B 1 13.14 -30.78 -32.09
N LYS B 2 13.56 -29.58 -31.69
CA LYS B 2 14.85 -29.05 -32.11
C LYS B 2 15.62 -28.53 -30.91
N GLN B 3 16.93 -28.40 -31.10
CA GLN B 3 17.80 -27.77 -30.10
C GLN B 3 17.38 -26.34 -29.80
N LEU B 4 17.28 -26.01 -28.51
CA LEU B 4 16.94 -24.65 -28.08
C LEU B 4 18.06 -24.01 -27.27
N ARG B 5 18.21 -22.70 -27.41
CA ARG B 5 19.26 -21.95 -26.74
C ARG B 5 18.62 -20.86 -25.89
N PHE B 6 18.96 -20.84 -24.61
CA PHE B 6 18.53 -19.75 -23.73
C PHE B 6 19.75 -19.05 -23.16
N GLU B 7 19.69 -17.72 -23.14
CA GLU B 7 20.82 -16.91 -22.72
C GLU B 7 20.44 -16.01 -21.55
N GLY B 8 21.14 -16.16 -20.45
CA GLY B 8 20.87 -15.36 -19.28
C GLY B 8 21.95 -14.34 -19.06
N GLU B 9 21.89 -13.68 -17.91
CA GLU B 9 22.86 -12.68 -17.54
C GLU B 9 24.22 -13.31 -17.23
N ARG B 10 24.20 -14.58 -16.83
CA ARG B 10 25.43 -15.31 -16.47
C ARG B 10 25.54 -16.68 -17.12
N VAL B 11 24.41 -17.24 -17.58
CA VAL B 11 24.36 -18.64 -17.98
C VAL B 11 23.72 -18.83 -19.33
N THR B 12 24.31 -19.73 -20.12
CA THR B 12 23.74 -20.15 -21.39
C THR B 12 23.26 -21.60 -21.24
N TRP B 13 22.02 -21.84 -21.66
CA TRP B 13 21.37 -23.15 -21.52
C TRP B 13 21.05 -23.68 -22.90
N ILE B 14 21.48 -24.91 -23.17
CA ILE B 14 21.12 -25.59 -24.42
C ILE B 14 20.26 -26.80 -24.12
N GLN B 15 19.09 -26.86 -24.74
CA GLN B 15 18.21 -28.00 -24.63
C GLN B 15 18.50 -28.94 -25.80
N ALA B 16 19.19 -30.06 -25.53
CA ALA B 16 19.63 -30.96 -26.60
C ALA B 16 18.47 -31.84 -27.06
N SER B 17 18.29 -32.00 -28.37
CA SER B 17 17.18 -32.83 -28.87
C SER B 17 17.57 -34.29 -29.17
N THR B 18 18.82 -34.53 -29.58
CA THR B 18 19.28 -35.91 -29.81
C THR B 18 20.60 -36.18 -29.12
N LEU B 19 20.93 -37.47 -28.98
CA LEU B 19 22.19 -37.90 -28.40
C LEU B 19 23.40 -37.37 -29.18
N LYS B 20 23.29 -37.33 -30.50
CA LYS B 20 24.39 -36.87 -31.34
C LYS B 20 24.69 -35.41 -31.06
N GLU B 21 23.65 -34.59 -30.94
CA GLU B 21 23.80 -33.18 -30.58
C GLU B 21 24.49 -33.04 -29.23
N LEU B 22 24.07 -33.85 -28.27
CA LEU B 22 24.63 -33.84 -26.92
C LEU B 22 26.13 -34.15 -26.90
N LEU B 23 26.54 -35.20 -27.62
CA LEU B 23 27.95 -35.60 -27.64
C LEU B 23 28.82 -34.57 -28.36
N ASP B 24 28.28 -33.96 -29.42
CA ASP B 24 28.95 -32.85 -30.11
C ASP B 24 29.15 -31.64 -29.21
N LEU B 25 28.07 -31.21 -28.54
CA LEU B 25 28.13 -30.11 -27.57
C LEU B 25 29.13 -30.36 -26.46
N LYS B 26 29.10 -31.59 -25.93
CA LYS B 26 30.01 -32.00 -24.86
C LYS B 26 31.47 -32.03 -25.30
N ALA B 27 31.70 -32.35 -26.57
CA ALA B 27 33.03 -32.32 -27.15
C ALA B 27 33.47 -30.89 -27.45
N GLN B 28 32.52 -30.04 -27.83
CA GLN B 28 32.79 -28.62 -28.05
C GLN B 28 33.09 -27.88 -26.73
N HIS B 29 32.35 -28.22 -25.68
CA HIS B 29 32.51 -27.63 -24.35
C HIS B 29 32.51 -28.73 -23.30
N PRO B 30 33.70 -29.28 -23.00
CA PRO B 30 33.83 -30.31 -21.97
C PRO B 30 33.39 -29.84 -20.57
N GLU B 31 33.56 -28.55 -20.29
CA GLU B 31 33.22 -27.98 -18.98
C GLU B 31 31.72 -27.64 -18.85
N ALA B 32 30.96 -27.80 -19.94
CA ALA B 32 29.49 -27.64 -19.93
C ALA B 32 28.88 -28.54 -18.89
N LYS B 33 27.94 -28.00 -18.12
CA LYS B 33 27.28 -28.74 -17.06
C LYS B 33 25.94 -29.35 -17.48
N LEU B 34 25.80 -30.67 -17.29
CA LEU B 34 24.52 -31.32 -17.53
C LEU B 34 23.54 -31.03 -16.41
N VAL B 35 22.27 -30.85 -16.76
CA VAL B 35 21.17 -30.68 -15.80
C VAL B 35 19.97 -31.47 -16.31
N VAL B 36 19.44 -32.33 -15.45
CA VAL B 36 18.18 -32.99 -15.72
C VAL B 36 17.09 -32.47 -14.78
N GLY B 37 17.06 -32.97 -13.55
CA GLY B 37 16.07 -32.51 -12.57
C GLY B 37 16.44 -31.25 -11.78
N ASN B 38 17.71 -30.85 -11.83
CA ASN B 38 18.20 -29.66 -11.14
C ASN B 38 18.11 -29.78 -9.59
N THR B 39 17.82 -30.97 -9.07
CA THR B 39 17.66 -31.15 -7.63
C THR B 39 18.99 -31.13 -6.87
N GLU B 40 20.10 -31.21 -7.62
CA GLU B 40 21.43 -31.06 -7.04
C GLU B 40 22.05 -29.74 -7.51
N ILE B 41 22.00 -29.50 -8.82
CA ILE B 41 22.56 -28.28 -9.41
C ILE B 41 21.93 -27.01 -8.86
N GLY B 42 20.61 -27.03 -8.67
CA GLY B 42 19.88 -25.92 -8.02
C GLY B 42 20.41 -25.58 -6.63
N ILE B 43 20.74 -26.60 -5.85
CA ILE B 43 21.27 -26.45 -4.50
C ILE B 43 22.68 -25.90 -4.56
N GLU B 44 23.48 -26.45 -5.48
CA GLU B 44 24.86 -26.01 -5.68
C GLU B 44 24.96 -24.55 -6.06
N MET B 45 24.07 -24.11 -6.94
CA MET B 45 24.05 -22.71 -7.36
C MET B 45 23.53 -21.80 -6.24
N LYS B 46 22.49 -22.22 -5.55
CA LYS B 46 21.87 -21.41 -4.50
C LYS B 46 22.71 -21.33 -3.20
N PHE B 47 23.16 -22.48 -2.72
CA PHE B 47 23.73 -22.63 -1.38
C PHE B 47 25.25 -22.82 -1.33
N LYS B 48 25.79 -23.43 -2.39
CA LYS B 48 27.22 -23.68 -2.51
C LYS B 48 27.81 -22.64 -3.45
N ASN B 49 26.94 -21.72 -3.87
CA ASN B 49 27.23 -20.58 -4.76
C ASN B 49 28.15 -20.83 -5.98
N GLN B 50 28.16 -22.07 -6.46
CA GLN B 50 28.80 -22.43 -7.72
C GLN B 50 28.11 -21.72 -8.89
N LEU B 51 28.86 -21.47 -9.95
CA LEU B 51 28.29 -20.91 -11.18
C LEU B 51 28.75 -21.77 -12.35
N PHE B 52 27.80 -22.16 -13.20
CA PHE B 52 28.09 -22.94 -14.39
C PHE B 52 27.60 -22.14 -15.60
N PRO B 53 28.51 -21.39 -16.25
CA PRO B 53 28.15 -20.47 -17.34
C PRO B 53 27.56 -21.17 -18.56
N MET B 54 27.78 -22.47 -18.67
CA MET B 54 27.28 -23.26 -19.78
C MET B 54 26.58 -24.51 -19.24
N ILE B 55 25.28 -24.64 -19.54
CA ILE B 55 24.45 -25.77 -19.11
C ILE B 55 23.79 -26.45 -20.31
N ILE B 56 23.86 -27.77 -20.34
CA ILE B 56 23.14 -28.56 -21.35
C ILE B 56 22.09 -29.43 -20.66
N CYS B 57 20.87 -29.41 -21.18
CA CYS B 57 19.81 -30.27 -20.67
C CYS B 57 19.44 -31.39 -21.65
N PRO B 58 19.75 -32.65 -21.30
CA PRO B 58 19.51 -33.80 -22.17
C PRO B 58 18.18 -34.52 -21.99
N ALA B 59 17.24 -33.93 -21.25
CA ALA B 59 16.03 -34.64 -20.83
C ALA B 59 15.11 -35.09 -21.99
N TRP B 60 15.18 -34.38 -23.12
CA TRP B 60 14.37 -34.72 -24.28
C TRP B 60 14.87 -35.92 -25.10
N ILE B 61 16.12 -36.31 -24.88
CA ILE B 61 16.78 -37.33 -25.71
C ILE B 61 16.19 -38.72 -25.40
N PRO B 62 15.65 -39.40 -26.43
CA PRO B 62 15.32 -40.82 -26.26
C PRO B 62 16.66 -41.53 -26.03
N GLU B 63 16.69 -42.74 -25.50
CA GLU B 63 17.93 -43.22 -24.84
C GLU B 63 17.99 -42.23 -23.68
N LEU B 64 18.62 -42.55 -22.58
CA LEU B 64 18.52 -41.61 -21.44
C LEU B 64 17.12 -41.58 -20.82
N ASN B 65 16.07 -41.87 -21.59
CA ASN B 65 14.74 -42.07 -21.03
C ASN B 65 14.20 -43.48 -21.23
N ALA B 66 14.95 -44.30 -21.96
CA ALA B 66 14.50 -45.64 -22.31
C ALA B 66 14.60 -46.60 -21.13
N VAL B 67 13.58 -47.47 -21.01
CA VAL B 67 13.61 -48.58 -20.06
C VAL B 67 13.63 -49.86 -20.89
N GLU B 68 14.67 -50.67 -20.72
CA GLU B 68 14.87 -51.89 -21.52
C GLU B 68 15.00 -53.11 -20.64
N HIS B 69 14.25 -54.15 -20.98
CA HIS B 69 14.33 -55.42 -20.29
C HIS B 69 15.23 -56.36 -21.08
N GLY B 70 16.34 -56.77 -20.48
CA GLY B 70 17.32 -57.61 -21.15
C GLY B 70 17.50 -58.95 -20.46
N PRO B 71 18.41 -59.78 -20.99
CA PRO B 71 18.66 -61.08 -20.36
C PRO B 71 19.24 -60.96 -18.94
N GLU B 72 20.13 -60.00 -18.73
CA GLU B 72 20.86 -59.87 -17.46
C GLU B 72 20.20 -58.94 -16.42
N GLY B 73 19.30 -58.08 -16.87
CA GLY B 73 18.64 -57.15 -15.96
C GLY B 73 17.83 -56.07 -16.66
N ILE B 74 17.40 -55.07 -15.89
CA ILE B 74 16.59 -53.98 -16.42
C ILE B 74 17.46 -52.75 -16.58
N SER B 75 17.43 -52.19 -17.79
CA SER B 75 18.25 -51.04 -18.09
C SER B 75 17.38 -49.78 -18.10
N PHE B 76 17.89 -48.72 -17.47
CA PHE B 76 17.23 -47.43 -17.37
C PHE B 76 18.13 -46.35 -17.97
N GLY B 77 17.55 -45.53 -18.85
CA GLY B 77 18.25 -44.35 -19.31
C GLY B 77 18.61 -43.50 -18.11
N ALA B 78 19.71 -42.77 -18.19
CA ALA B 78 20.22 -42.02 -17.03
C ALA B 78 19.29 -40.85 -16.61
N ALA B 79 18.43 -40.40 -17.52
CA ALA B 79 17.52 -39.29 -17.20
C ALA B 79 16.20 -39.75 -16.63
N CYS B 80 15.99 -41.06 -16.57
CA CYS B 80 14.78 -41.59 -15.97
C CYS B 80 14.57 -41.07 -14.52
N ALA B 81 13.39 -40.52 -14.26
CA ALA B 81 13.01 -40.08 -12.91
C ALA B 81 12.99 -41.25 -11.94
N LEU B 82 13.30 -40.97 -10.67
CA LEU B 82 13.32 -42.01 -9.68
C LEU B 82 11.96 -42.65 -9.51
N SER B 83 10.89 -41.86 -9.73
CA SER B 83 9.51 -42.37 -9.68
C SER B 83 9.26 -43.43 -10.74
N SER B 84 9.86 -43.25 -11.91
CA SER B 84 9.71 -44.19 -13.03
C SER B 84 10.48 -45.46 -12.76
N VAL B 85 11.67 -45.29 -12.19
CA VAL B 85 12.44 -46.43 -11.72
C VAL B 85 11.63 -47.23 -10.68
N GLU B 86 11.06 -46.53 -9.71
CA GLU B 86 10.32 -47.17 -8.64
C GLU B 86 9.13 -47.96 -9.20
N LYS B 87 8.36 -47.34 -10.10
CA LYS B 87 7.23 -47.99 -10.78
C LYS B 87 7.63 -49.26 -11.54
N THR B 88 8.68 -49.15 -12.37
CA THR B 88 9.19 -50.27 -13.16
C THR B 88 9.63 -51.41 -12.25
N LEU B 89 10.37 -51.08 -11.18
CA LEU B 89 10.86 -52.10 -10.25
C LEU B 89 9.73 -52.74 -9.46
N LEU B 90 8.73 -51.95 -9.09
CA LEU B 90 7.60 -52.49 -8.34
C LEU B 90 6.83 -53.49 -9.19
N GLU B 91 6.71 -53.21 -10.48
CA GLU B 91 6.09 -54.15 -11.41
C GLU B 91 6.91 -55.42 -11.57
N ALA B 92 8.22 -55.28 -11.79
CA ALA B 92 9.12 -56.43 -11.89
C ALA B 92 8.99 -57.33 -10.65
N VAL B 93 8.96 -56.73 -9.47
CA VAL B 93 8.84 -57.48 -8.22
C VAL B 93 7.51 -58.24 -8.13
N ALA B 94 6.42 -57.59 -8.53
CA ALA B 94 5.09 -58.21 -8.54
C ALA B 94 4.96 -59.38 -9.53
N LYS B 95 5.75 -59.35 -10.60
CA LYS B 95 5.60 -60.27 -11.73
C LYS B 95 6.58 -61.45 -11.67
N LEU B 96 7.80 -61.19 -11.19
CA LEU B 96 8.89 -62.15 -11.30
C LEU B 96 9.09 -62.96 -10.00
N PRO B 97 9.80 -64.10 -10.10
CA PRO B 97 10.03 -64.90 -8.90
C PRO B 97 10.97 -64.18 -7.94
N THR B 98 10.71 -64.31 -6.64
CA THR B 98 11.48 -63.68 -5.57
C THR B 98 13.00 -63.80 -5.80
N GLN B 99 13.46 -64.97 -6.27
CA GLN B 99 14.88 -65.24 -6.37
C GLN B 99 15.60 -64.44 -7.45
N LYS B 100 14.83 -63.85 -8.38
CA LYS B 100 15.39 -62.99 -9.40
C LYS B 100 15.31 -61.49 -9.05
N THR B 101 14.62 -61.15 -7.99
CA THR B 101 14.37 -59.73 -7.70
C THR B 101 15.06 -59.18 -6.44
N GLU B 102 16.05 -59.92 -5.92
CA GLU B 102 16.77 -59.48 -4.70
C GLU B 102 17.36 -58.06 -4.83
N VAL B 103 18.03 -57.78 -5.94
CA VAL B 103 18.63 -56.45 -6.15
C VAL B 103 17.56 -55.34 -6.33
N PHE B 104 16.50 -55.63 -7.11
CA PHE B 104 15.38 -54.69 -7.28
C PHE B 104 14.75 -54.31 -5.95
N ARG B 105 14.52 -55.32 -5.11
CA ARG B 105 13.93 -55.15 -3.80
C ARG B 105 14.79 -54.27 -2.89
N GLY B 106 16.11 -54.41 -3.01
CA GLY B 106 17.06 -53.54 -2.31
C GLY B 106 16.99 -52.09 -2.77
N VAL B 107 16.90 -51.89 -4.08
CA VAL B 107 16.71 -50.54 -4.65
C VAL B 107 15.42 -49.92 -4.09
N LEU B 108 14.34 -50.68 -4.13
CA LEU B 108 13.05 -50.21 -3.60
C LEU B 108 13.05 -49.88 -2.11
N GLU B 109 13.72 -50.68 -1.31
CA GLU B 109 13.93 -50.35 0.10
C GLU B 109 14.58 -49.00 0.29
N GLN B 110 15.58 -48.68 -0.54
CA GLN B 110 16.29 -47.39 -0.42
C GLN B 110 15.43 -46.21 -0.89
N LEU B 111 14.51 -46.51 -1.80
CA LEU B 111 13.57 -45.50 -2.28
C LEU B 111 12.32 -45.28 -1.40
N ARG B 112 12.13 -46.10 -0.36
CA ARG B 112 10.91 -46.02 0.48
C ARG B 112 10.63 -44.69 1.17
N TRP B 113 11.55 -44.27 2.03
CA TRP B 113 11.43 -43.00 2.75
C TRP B 113 12.58 -42.13 2.27
N PHE B 114 12.49 -41.78 0.99
CA PHE B 114 13.51 -41.08 0.27
C PHE B 114 12.76 -39.86 -0.22
N ALA B 115 13.13 -38.66 0.20
CA ALA B 115 12.46 -37.47 -0.36
C ALA B 115 10.90 -37.48 -0.30
N GLY B 116 10.25 -36.88 -1.30
CA GLY B 116 8.78 -36.83 -1.45
C GLY B 116 8.42 -37.15 -2.91
N LYS B 117 7.12 -37.27 -3.23
CA LYS B 117 6.73 -37.56 -4.62
C LYS B 117 7.22 -36.46 -5.58
N GLN B 118 7.22 -35.21 -5.10
CA GLN B 118 7.69 -34.04 -5.87
C GLN B 118 9.12 -34.22 -6.34
N VAL B 119 10.01 -34.64 -5.43
CA VAL B 119 11.41 -34.78 -5.75
C VAL B 119 11.61 -36.00 -6.63
N LYS B 120 10.91 -37.09 -6.31
CA LYS B 120 11.11 -38.33 -7.06
C LYS B 120 10.58 -38.27 -8.48
N SER B 121 9.64 -37.36 -8.75
CA SER B 121 9.13 -37.17 -10.12
C SER B 121 10.09 -36.46 -11.07
N VAL B 122 11.06 -35.72 -10.52
CA VAL B 122 12.03 -34.99 -11.35
C VAL B 122 13.51 -35.39 -11.19
N ALA B 123 13.87 -35.95 -10.04
CA ALA B 123 15.24 -36.38 -9.74
C ALA B 123 15.57 -37.59 -10.62
N SER B 124 16.68 -37.52 -11.34
CA SER B 124 17.05 -38.62 -12.23
C SER B 124 17.91 -39.64 -11.54
N LEU B 125 17.90 -40.86 -12.09
CA LEU B 125 18.77 -41.93 -11.67
C LEU B 125 20.22 -41.56 -11.86
N GLY B 126 20.56 -41.06 -13.05
CA GLY B 126 21.93 -40.70 -13.39
C GLY B 126 22.48 -39.56 -12.57
N GLY B 127 21.63 -38.60 -12.27
CA GLY B 127 22.00 -37.48 -11.43
C GLY B 127 22.40 -37.91 -10.04
N ASN B 128 21.71 -38.88 -9.46
CA ASN B 128 22.06 -39.33 -8.11
C ASN B 128 23.44 -39.99 -8.16
N ILE B 129 23.65 -40.87 -9.14
CA ILE B 129 24.92 -41.56 -9.31
C ILE B 129 26.07 -40.59 -9.46
N ILE B 130 25.96 -39.65 -10.41
CA ILE B 130 27.05 -38.75 -10.76
C ILE B 130 27.29 -37.66 -9.72
N THR B 131 26.23 -37.23 -9.02
CA THR B 131 26.39 -36.33 -7.89
C THR B 131 27.45 -36.91 -6.94
N ALA B 132 27.42 -38.23 -6.75
CA ALA B 132 28.40 -38.96 -5.97
C ALA B 132 28.52 -38.47 -4.52
N SER B 133 27.39 -38.21 -3.88
CA SER B 133 27.39 -37.82 -2.47
C SER B 133 27.90 -39.01 -1.64
N PRO B 134 28.73 -38.74 -0.60
CA PRO B 134 29.12 -39.80 0.35
C PRO B 134 27.89 -40.50 0.95
N ILE B 135 26.77 -39.81 1.01
CA ILE B 135 25.60 -40.37 1.71
C ILE B 135 24.46 -40.77 0.76
N SER B 136 24.77 -40.88 -0.54
CA SER B 136 23.86 -41.49 -1.52
C SER B 136 23.34 -42.85 -1.03
N ASP B 137 22.01 -43.02 -1.08
CA ASP B 137 21.40 -44.29 -0.65
C ASP B 137 21.41 -45.30 -1.80
N LEU B 138 21.67 -44.81 -3.02
CA LEU B 138 21.63 -45.68 -4.20
C LEU B 138 23.01 -46.22 -4.60
N ASN B 139 24.03 -45.38 -4.54
CA ASN B 139 25.39 -45.82 -4.92
C ASN B 139 25.89 -47.09 -4.18
N PRO B 140 25.68 -47.20 -2.84
CA PRO B 140 26.05 -48.45 -2.17
C PRO B 140 25.35 -49.70 -2.71
N VAL B 141 24.08 -49.56 -3.12
CA VAL B 141 23.33 -50.67 -3.74
C VAL B 141 23.88 -51.03 -5.13
N PHE B 142 24.13 -50.02 -5.94
CA PHE B 142 24.69 -50.22 -7.28
C PHE B 142 26.08 -50.80 -7.23
N MET B 143 26.89 -50.35 -6.25
CA MET B 143 28.23 -50.87 -6.09
C MET B 143 28.21 -52.34 -5.65
N ALA B 144 27.43 -52.65 -4.62
CA ALA B 144 27.31 -54.01 -4.09
C ALA B 144 26.72 -54.99 -5.08
N SER B 145 25.92 -54.50 -6.03
CA SER B 145 25.30 -55.40 -6.98
C SER B 145 26.08 -55.51 -8.31
N GLY B 146 27.12 -54.68 -8.48
CA GLY B 146 27.84 -54.63 -9.76
C GLY B 146 26.99 -54.13 -10.93
N THR B 147 26.03 -53.24 -10.64
CA THR B 147 25.23 -52.58 -11.66
C THR B 147 26.12 -52.00 -12.78
N LYS B 148 25.70 -52.23 -14.03
CA LYS B 148 26.50 -51.82 -15.19
C LYS B 148 26.18 -50.40 -15.66
N LEU B 149 27.21 -49.60 -15.89
CA LEU B 149 27.07 -48.25 -16.39
C LEU B 149 27.58 -48.17 -17.82
N THR B 150 26.75 -47.65 -18.72
CA THR B 150 27.15 -47.37 -20.09
C THR B 150 27.48 -45.89 -20.21
N ILE B 151 28.72 -45.62 -20.56
CA ILE B 151 29.27 -44.27 -20.58
C ILE B 151 29.74 -43.94 -22.01
N VAL B 152 29.36 -42.77 -22.50
CA VAL B 152 29.57 -42.40 -23.91
C VAL B 152 30.11 -40.98 -24.08
N SER B 153 30.92 -40.78 -25.13
CA SER B 153 31.26 -39.44 -25.63
C SER B 153 31.33 -39.48 -27.16
N ARG B 154 31.60 -38.34 -27.79
CA ARG B 154 31.82 -38.33 -29.24
C ARG B 154 32.91 -39.34 -29.54
N GLY B 155 32.51 -40.48 -30.11
CA GLY B 155 33.46 -41.52 -30.49
C GLY B 155 33.47 -42.73 -29.58
N THR B 156 33.60 -42.47 -28.27
CA THR B 156 33.75 -43.52 -27.27
C THR B 156 32.43 -44.07 -26.74
N ARG B 157 32.45 -45.35 -26.42
CA ARG B 157 31.34 -46.01 -25.73
C ARG B 157 31.93 -47.17 -24.94
N ARG B 158 31.65 -47.20 -23.64
CA ARG B 158 32.14 -48.28 -22.78
C ARG B 158 31.14 -48.63 -21.69
N THR B 159 31.06 -49.92 -21.36
CA THR B 159 30.23 -50.40 -20.25
C THR B 159 31.12 -50.93 -19.13
N VAL B 160 30.97 -50.34 -17.94
CA VAL B 160 31.71 -50.78 -16.75
C VAL B 160 30.76 -51.20 -15.62
N PRO B 161 31.06 -52.32 -14.95
CA PRO B 161 30.37 -52.57 -13.67
C PRO B 161 30.78 -51.51 -12.65
N MET B 162 29.83 -51.03 -11.85
CA MET B 162 30.19 -50.09 -10.80
C MET B 162 30.90 -50.84 -9.68
N ASP B 163 32.08 -50.35 -9.30
CA ASP B 163 32.84 -50.95 -8.21
C ASP B 163 33.58 -49.86 -7.46
N HIS B 164 34.44 -50.27 -6.53
CA HIS B 164 35.10 -49.32 -5.63
C HIS B 164 35.85 -48.22 -6.38
N THR B 165 36.46 -48.57 -7.51
CA THR B 165 37.27 -47.65 -8.30
C THR B 165 36.49 -46.50 -8.94
N PHE B 166 35.18 -46.67 -9.09
CA PHE B 166 34.34 -45.67 -9.77
C PHE B 166 34.23 -44.34 -9.02
N PHE B 167 34.46 -44.37 -7.71
CA PHE B 167 34.44 -43.17 -6.89
C PHE B 167 35.83 -42.95 -6.28
N PRO B 168 36.70 -42.21 -7.00
CA PRO B 168 38.09 -42.02 -6.62
C PRO B 168 38.28 -41.06 -5.44
N SER B 169 37.50 -39.99 -5.39
CA SER B 169 37.61 -38.97 -4.34
C SER B 169 36.27 -38.25 -4.11
N TYR B 170 36.27 -37.31 -3.16
CA TYR B 170 35.07 -36.56 -2.78
C TYR B 170 34.34 -36.02 -3.99
N ARG B 171 33.09 -36.45 -4.15
CA ARG B 171 32.18 -35.97 -5.18
C ARG B 171 32.67 -36.18 -6.62
N LYS B 172 33.61 -37.11 -6.79
CA LYS B 172 34.21 -37.36 -8.08
C LYS B 172 33.85 -38.76 -8.58
N THR B 173 33.68 -38.90 -9.89
CA THR B 173 33.44 -40.19 -10.51
C THR B 173 34.53 -40.48 -11.54
N LEU B 174 34.60 -41.74 -11.98
CA LEU B 174 35.56 -42.12 -13.01
C LEU B 174 35.00 -41.89 -14.43
N LEU B 175 34.56 -40.65 -14.69
CA LEU B 175 34.14 -40.18 -16.01
C LEU B 175 35.13 -39.17 -16.59
N GLY B 176 35.36 -39.24 -17.91
CA GLY B 176 36.09 -38.19 -18.61
C GLY B 176 35.30 -36.91 -18.62
N PRO B 177 35.98 -35.75 -18.73
CA PRO B 177 35.31 -34.44 -18.81
C PRO B 177 34.30 -34.30 -19.96
N GLU B 178 34.42 -35.14 -20.99
CA GLU B 178 33.51 -35.12 -22.14
C GLU B 178 32.52 -36.27 -22.14
N GLU B 179 32.57 -37.11 -21.12
CA GLU B 179 31.71 -38.29 -21.04
C GLU B 179 30.39 -37.96 -20.36
N ILE B 180 29.35 -38.69 -20.75
CA ILE B 180 28.04 -38.60 -20.13
C ILE B 180 27.61 -40.03 -19.80
N LEU B 181 26.81 -40.17 -18.76
CA LEU B 181 26.29 -41.46 -18.39
C LEU B 181 25.01 -41.66 -19.18
N LEU B 182 24.95 -42.72 -19.97
CA LEU B 182 23.83 -42.94 -20.86
C LEU B 182 22.74 -43.84 -20.25
N SER B 183 23.18 -44.94 -19.63
CA SER B 183 22.23 -45.89 -19.08
C SER B 183 22.85 -46.72 -17.97
N ILE B 184 21.97 -47.32 -17.17
CA ILE B 184 22.27 -48.06 -15.96
C ILE B 184 21.51 -49.37 -15.98
N GLU B 185 22.22 -50.50 -15.94
CA GLU B 185 21.52 -51.78 -15.91
C GLU B 185 21.56 -52.45 -14.54
N ILE B 186 20.40 -52.54 -13.90
CA ILE B 186 20.23 -53.13 -12.59
C ILE B 186 20.02 -54.63 -12.78
N PRO B 187 20.93 -55.44 -12.21
CA PRO B 187 20.93 -56.88 -12.51
C PRO B 187 19.79 -57.66 -11.87
N TYR B 188 19.33 -58.68 -12.58
CA TYR B 188 18.58 -59.76 -11.95
C TYR B 188 19.46 -60.51 -10.96
N SER B 189 18.84 -61.05 -9.92
CA SER B 189 19.51 -61.85 -8.94
C SER B 189 19.61 -63.28 -9.46
N ARG B 190 20.72 -63.96 -9.18
CA ARG B 190 20.93 -65.35 -9.61
C ARG B 190 20.48 -66.34 -8.52
N GLU B 191 20.48 -67.64 -8.83
CA GLU B 191 20.19 -68.63 -7.78
C GLU B 191 21.31 -68.55 -6.72
N ASP B 192 20.97 -68.80 -5.46
CA ASP B 192 21.95 -68.74 -4.36
C ASP B 192 22.55 -67.34 -4.14
N GLU B 193 21.86 -66.31 -4.64
CA GLU B 193 22.32 -64.93 -4.48
C GLU B 193 21.29 -64.15 -3.66
N PHE B 194 21.76 -63.39 -2.66
CA PHE B 194 20.86 -62.68 -1.75
C PHE B 194 21.34 -61.24 -1.58
N PHE B 195 20.40 -60.33 -1.31
CA PHE B 195 20.74 -58.92 -1.27
C PHE B 195 19.93 -58.24 -0.17
N SER B 196 20.56 -57.30 0.53
CA SER B 196 19.85 -56.41 1.46
C SER B 196 20.39 -55.00 1.34
N ALA B 197 19.58 -54.00 1.71
CA ALA B 197 19.99 -52.61 1.76
C ALA B 197 19.41 -52.00 3.04
N PHE B 198 20.20 -51.18 3.74
CA PHE B 198 19.72 -50.53 4.95
C PHE B 198 20.15 -49.08 4.97
N LYS B 199 19.46 -48.26 5.78
CA LYS B 199 19.90 -46.89 5.97
C LYS B 199 19.54 -46.35 7.33
N GLN B 200 20.48 -45.58 7.88
CA GLN B 200 20.29 -44.71 9.03
C GLN B 200 19.05 -43.84 8.87
N ALA B 201 18.30 -43.70 9.95
CA ALA B 201 17.08 -42.90 10.01
C ALA B 201 17.30 -41.53 10.66
N SER B 202 18.49 -40.96 10.42
CA SER B 202 18.79 -39.60 10.85
C SER B 202 19.85 -39.00 9.94
N ARG B 203 19.75 -37.69 9.73
CA ARG B 203 20.74 -36.98 8.94
C ARG B 203 20.93 -35.63 9.61
N ARG B 204 22.18 -35.23 9.80
CA ARG B 204 22.50 -34.10 10.66
C ARG B 204 23.49 -33.15 9.98
N GLU B 205 24.11 -33.63 8.90
CA GLU B 205 25.07 -32.86 8.09
C GLU B 205 24.66 -32.96 6.63
N ASP B 206 25.00 -31.94 5.84
CA ASP B 206 24.49 -31.82 4.48
C ASP B 206 24.80 -33.00 3.57
N ASP B 207 26.01 -33.55 3.64
CA ASP B 207 26.32 -34.73 2.82
C ASP B 207 27.37 -35.67 3.38
N ILE B 208 27.44 -35.77 4.71
CA ILE B 208 28.34 -36.73 5.35
C ILE B 208 27.66 -37.42 6.53
N ALA B 209 28.23 -38.55 6.95
CA ALA B 209 27.92 -39.17 8.24
C ALA B 209 26.49 -39.70 8.40
N LYS B 210 25.93 -40.21 7.31
CA LYS B 210 24.67 -40.95 7.37
C LYS B 210 24.90 -42.32 6.77
N VAL B 211 24.82 -43.35 7.61
CA VAL B 211 25.18 -44.69 7.20
C VAL B 211 24.11 -45.30 6.29
N THR B 212 24.56 -45.85 5.16
CA THR B 212 23.68 -46.51 4.21
C THR B 212 24.51 -47.63 3.57
N CYS B 213 23.86 -48.73 3.23
CA CYS B 213 24.62 -49.86 2.74
C CYS B 213 23.89 -50.72 1.73
N GLY B 214 24.68 -51.35 0.87
CA GLY B 214 24.23 -52.42 -0.03
C GLY B 214 25.05 -53.66 0.36
N MET B 215 24.36 -54.78 0.49
CA MET B 215 25.01 -56.01 0.87
C MET B 215 24.59 -57.16 -0.02
N ARG B 216 25.57 -57.86 -0.59
CA ARG B 216 25.31 -58.99 -1.46
C ARG B 216 26.16 -60.23 -1.11
N VAL B 217 25.55 -61.41 -1.13
CA VAL B 217 26.31 -62.66 -1.03
C VAL B 217 25.84 -63.65 -2.12
N LEU B 218 26.80 -64.34 -2.71
CA LEU B 218 26.52 -65.42 -3.66
C LEU B 218 27.15 -66.68 -3.08
N PHE B 219 26.37 -67.74 -2.98
CA PHE B 219 26.88 -69.01 -2.48
C PHE B 219 27.29 -69.92 -3.64
N GLN B 220 28.19 -70.88 -3.35
CA GLN B 220 28.42 -72.01 -4.26
C GLN B 220 27.11 -72.78 -4.40
N PRO B 221 26.81 -73.32 -5.59
CA PRO B 221 25.53 -73.94 -5.92
C PRO B 221 24.99 -74.87 -4.83
N GLY B 222 23.85 -74.50 -4.25
CA GLY B 222 23.14 -75.29 -3.26
C GLY B 222 23.79 -75.42 -1.89
N SER B 223 24.68 -74.49 -1.54
CA SER B 223 25.37 -74.54 -0.25
C SER B 223 25.27 -73.22 0.53
N MET B 224 25.95 -73.20 1.68
CA MET B 224 26.08 -72.00 2.51
C MET B 224 27.54 -71.57 2.52
N GLN B 225 28.26 -71.97 1.48
CA GLN B 225 29.67 -71.61 1.29
C GLN B 225 29.77 -70.39 0.39
N VAL B 226 30.44 -69.37 0.90
CA VAL B 226 30.55 -68.09 0.22
C VAL B 226 31.41 -68.19 -1.04
N LYS B 227 30.85 -67.74 -2.17
CA LYS B 227 31.58 -67.62 -3.42
C LYS B 227 31.96 -66.16 -3.65
N GLU B 228 31.00 -65.28 -3.36
CA GLU B 228 31.22 -63.83 -3.45
C GLU B 228 30.55 -63.13 -2.28
N LEU B 229 31.17 -62.05 -1.82
CA LEU B 229 30.57 -61.18 -0.81
C LEU B 229 30.94 -59.74 -1.09
N ALA B 230 29.93 -58.87 -1.00
CA ALA B 230 30.14 -57.46 -1.19
C ALA B 230 29.37 -56.67 -0.13
N LEU B 231 30.07 -55.81 0.59
CA LEU B 231 29.46 -54.92 1.57
C LEU B 231 29.93 -53.53 1.23
N CYS B 232 28.99 -52.67 0.85
CA CYS B 232 29.34 -51.32 0.46
C CYS B 232 28.59 -50.35 1.35
N TYR B 233 29.26 -49.28 1.74
CA TYR B 233 28.72 -48.34 2.72
C TYR B 233 28.88 -46.90 2.28
N GLY B 234 27.82 -46.12 2.46
CA GLY B 234 27.91 -44.66 2.39
C GLY B 234 27.98 -44.13 3.81
N GLY B 235 28.44 -42.89 3.97
CA GLY B 235 28.42 -42.20 5.27
C GLY B 235 29.48 -42.62 6.27
N MET B 236 30.51 -43.32 5.77
CA MET B 236 31.62 -43.82 6.60
C MET B 236 32.97 -43.23 6.14
N ALA B 237 32.91 -42.36 5.14
CA ALA B 237 34.08 -41.76 4.52
C ALA B 237 33.61 -40.64 3.59
N ASP B 238 34.54 -40.11 2.80
CA ASP B 238 34.26 -38.99 1.88
C ASP B 238 33.64 -39.46 0.56
N ARG B 239 33.34 -40.76 0.49
CA ARG B 239 32.76 -41.36 -0.71
C ARG B 239 32.19 -42.70 -0.33
N THR B 240 31.37 -43.25 -1.23
CA THR B 240 30.90 -44.63 -1.13
C THR B 240 32.10 -45.57 -1.20
N ILE B 241 32.17 -46.49 -0.26
CA ILE B 241 33.31 -47.41 -0.12
C ILE B 241 32.88 -48.86 0.00
N SER B 242 33.78 -49.76 -0.37
CA SER B 242 33.58 -51.21 -0.20
C SER B 242 34.52 -51.76 0.86
N ALA B 243 34.01 -52.68 1.69
CA ALA B 243 34.80 -53.32 2.75
C ALA B 243 35.53 -54.55 2.16
N LEU B 244 36.38 -54.28 1.17
CA LEU B 244 37.03 -55.33 0.39
C LEU B 244 37.98 -56.23 1.18
N LYS B 245 38.80 -55.61 2.03
CA LYS B 245 39.69 -56.37 2.91
C LYS B 245 38.91 -57.43 3.68
N THR B 246 37.85 -57.02 4.38
CA THR B 246 36.98 -57.89 5.17
C THR B 246 36.26 -59.00 4.36
N THR B 247 35.68 -58.65 3.22
CA THR B 247 34.88 -59.64 2.46
C THR B 247 35.79 -60.66 1.78
N GLN B 248 36.94 -60.21 1.27
CA GLN B 248 37.92 -61.08 0.63
C GLN B 248 38.32 -62.24 1.56
N LYS B 249 38.46 -61.96 2.85
CA LYS B 249 38.79 -63.00 3.84
C LYS B 249 37.70 -64.08 4.02
N GLN B 250 36.46 -63.77 3.63
CA GLN B 250 35.35 -64.71 3.86
C GLN B 250 35.10 -65.70 2.74
N LEU B 251 35.82 -65.56 1.64
CA LEU B 251 35.57 -66.41 0.48
C LEU B 251 35.86 -67.89 0.78
N SER B 252 34.92 -68.73 0.34
CA SER B 252 34.87 -70.17 0.65
C SER B 252 34.64 -70.54 2.13
N LYS B 253 34.31 -69.55 2.97
CA LYS B 253 33.86 -69.80 4.36
C LYS B 253 32.35 -70.05 4.41
N PHE B 254 31.89 -70.68 5.48
CA PHE B 254 30.48 -71.01 5.63
C PHE B 254 29.68 -69.96 6.43
N TRP B 255 28.42 -69.78 6.05
CA TRP B 255 27.53 -68.79 6.66
C TRP B 255 27.07 -69.18 8.07
N ASN B 256 27.93 -68.91 9.07
CA ASN B 256 27.64 -69.25 10.48
C ASN B 256 28.18 -68.22 11.49
N GLU B 257 28.12 -68.57 12.77
CA GLU B 257 28.55 -67.67 13.86
C GLU B 257 29.98 -67.18 13.71
N LYS B 258 30.84 -68.03 13.18
CA LYS B 258 32.25 -67.69 13.03
C LYS B 258 32.43 -66.62 11.97
N LEU B 259 31.66 -66.72 10.88
CA LEU B 259 31.68 -65.71 9.82
C LEU B 259 31.14 -64.39 10.37
N LEU B 260 30.03 -64.44 11.09
CA LEU B 260 29.49 -63.24 11.73
C LEU B 260 30.56 -62.56 12.59
N GLN B 261 31.23 -63.31 13.45
CA GLN B 261 32.33 -62.73 14.25
C GLN B 261 33.46 -62.09 13.43
N ASP B 262 33.95 -62.81 12.42
CA ASP B 262 35.07 -62.36 11.60
C ASP B 262 34.72 -61.15 10.78
N VAL B 263 33.51 -61.14 10.21
CA VAL B 263 33.08 -59.96 9.46
C VAL B 263 32.96 -58.78 10.41
N CYS B 264 32.33 -58.98 11.55
CA CYS B 264 32.20 -57.87 12.50
C CYS B 264 33.55 -57.31 12.95
N ALA B 265 34.50 -58.21 13.27
CA ALA B 265 35.87 -57.81 13.60
C ALA B 265 36.54 -57.04 12.47
N GLY B 266 36.27 -57.49 11.24
CA GLY B 266 36.82 -56.87 10.04
C GLY B 266 36.27 -55.49 9.79
N LEU B 267 34.95 -55.36 9.92
CA LEU B 267 34.26 -54.09 9.72
C LEU B 267 34.66 -53.05 10.76
N ALA B 268 34.72 -53.47 12.02
CA ALA B 268 35.12 -52.57 13.11
C ALA B 268 36.48 -51.95 12.81
N GLU B 269 37.39 -52.76 12.27
CA GLU B 269 38.73 -52.34 11.87
C GLU B 269 38.79 -51.51 10.58
N GLU B 270 38.32 -52.08 9.47
CA GLU B 270 38.40 -51.44 8.15
C GLU B 270 37.68 -50.09 8.09
N LEU B 271 36.52 -50.00 8.77
CA LEU B 271 35.68 -48.80 8.68
C LEU B 271 35.86 -47.86 9.87
N SER B 272 36.86 -48.13 10.70
CA SER B 272 37.06 -47.35 11.93
C SER B 272 37.17 -45.86 11.65
N LEU B 273 36.54 -45.06 12.51
CA LEU B 273 36.56 -43.60 12.38
C LEU B 273 37.38 -42.98 13.51
N SER B 274 38.11 -41.91 13.20
CA SER B 274 38.88 -41.19 14.22
C SER B 274 37.93 -40.38 15.09
N PRO B 275 38.28 -40.13 16.37
CA PRO B 275 37.43 -39.33 17.26
C PRO B 275 36.98 -38.02 16.63
N ASP B 276 37.84 -37.45 15.78
CA ASP B 276 37.59 -36.18 15.12
C ASP B 276 37.00 -36.31 13.71
N ALA B 277 36.55 -37.51 13.34
CA ALA B 277 36.06 -37.74 11.96
C ALA B 277 34.93 -36.76 11.64
N PRO B 278 34.89 -36.25 10.39
CA PRO B 278 33.81 -35.29 10.05
C PRO B 278 32.44 -35.93 10.24
N GLY B 279 31.54 -35.22 10.91
CA GLY B 279 30.17 -35.71 11.13
C GLY B 279 29.92 -36.28 12.51
N GLY B 280 31.00 -36.66 13.21
CA GLY B 280 30.90 -37.21 14.57
C GLY B 280 30.03 -38.45 14.61
N MET B 281 29.20 -38.60 15.64
CA MET B 281 28.37 -39.83 15.82
C MET B 281 29.20 -41.09 15.62
N ILE B 282 30.42 -41.06 16.14
CA ILE B 282 31.44 -42.07 15.85
C ILE B 282 31.04 -43.46 16.32
N GLU B 283 30.64 -43.57 17.59
CA GLU B 283 30.16 -44.82 18.16
C GLU B 283 28.90 -45.35 17.45
N PHE B 284 27.89 -44.48 17.29
CA PHE B 284 26.67 -44.81 16.57
C PHE B 284 26.94 -45.41 15.17
N ARG B 285 27.78 -44.73 14.37
CA ARG B 285 28.03 -45.18 13.00
C ARG B 285 28.73 -46.55 12.94
N ARG B 286 29.75 -46.73 13.74
CA ARG B 286 30.38 -48.03 13.90
C ARG B 286 29.35 -49.10 14.31
N THR B 287 28.50 -48.79 15.29
CA THR B 287 27.49 -49.75 15.74
C THR B 287 26.55 -50.12 14.59
N LEU B 288 26.14 -49.14 13.80
CA LEU B 288 25.26 -49.38 12.63
C LEU B 288 25.90 -50.27 11.58
N THR B 289 27.16 -50.01 11.25
CA THR B 289 27.82 -50.86 10.24
C THR B 289 27.72 -52.33 10.64
N LEU B 290 27.91 -52.61 11.94
CA LEU B 290 27.82 -53.95 12.46
C LEU B 290 26.40 -54.47 12.56
N SER B 291 25.47 -53.64 13.07
CA SER B 291 24.07 -54.05 13.24
C SER B 291 23.41 -54.30 11.90
N PHE B 292 23.76 -53.49 10.90
CA PHE B 292 23.26 -53.74 9.53
C PHE B 292 23.73 -55.09 8.99
N PHE B 293 25.03 -55.37 9.12
CA PHE B 293 25.49 -56.68 8.71
C PHE B 293 24.77 -57.79 9.48
N PHE B 294 24.54 -57.59 10.78
CA PHE B 294 23.82 -58.59 11.55
C PHE B 294 22.44 -58.86 10.96
N LYS B 295 21.72 -57.78 10.61
CA LYS B 295 20.38 -57.90 10.03
C LYS B 295 20.48 -58.70 8.71
N PHE B 296 21.47 -58.37 7.90
CA PHE B 296 21.74 -59.07 6.65
C PHE B 296 22.03 -60.57 6.91
N TYR B 297 22.93 -60.83 7.86
CA TYR B 297 23.29 -62.18 8.27
C TYR B 297 22.07 -63.06 8.61
N LEU B 298 21.19 -62.54 9.45
CA LEU B 298 19.96 -63.23 9.82
C LEU B 298 18.95 -63.33 8.66
N THR B 299 18.85 -62.29 7.84
CA THR B 299 17.97 -62.34 6.68
C THR B 299 18.43 -63.45 5.73
N VAL B 300 19.73 -63.51 5.45
CA VAL B 300 20.31 -64.52 4.55
C VAL B 300 20.03 -65.93 5.06
N LEU B 301 20.16 -66.13 6.37
CA LEU B 301 19.78 -67.40 7.03
C LEU B 301 18.30 -67.78 6.86
N LYS B 302 17.39 -66.82 7.00
CA LYS B 302 15.97 -67.07 6.75
C LYS B 302 15.71 -67.41 5.28
N LYS B 303 16.42 -66.73 4.38
CA LYS B 303 16.30 -66.99 2.94
C LYS B 303 16.93 -68.33 2.52
N LEU B 304 17.99 -68.74 3.22
CA LEU B 304 18.61 -70.05 3.02
C LEU B 304 17.74 -71.17 3.57
N GLY B 305 17.14 -70.94 4.74
CA GLY B 305 16.35 -71.94 5.43
C GLY B 305 14.87 -71.65 5.29
N ASP C 1 -25.69 -17.84 18.18
CA ASP C 1 -24.65 -18.11 19.24
C ASP C 1 -23.79 -19.32 18.85
N THR C 2 -22.53 -19.07 18.50
CA THR C 2 -21.65 -20.13 18.00
C THR C 2 -20.58 -20.52 19.01
N VAL C 3 -20.56 -19.85 20.15
CA VAL C 3 -19.59 -20.15 21.22
C VAL C 3 -19.85 -21.59 21.67
N GLY C 4 -18.79 -22.40 21.64
CA GLY C 4 -18.90 -23.83 21.92
C GLY C 4 -19.12 -24.70 20.70
N ARG C 5 -19.26 -24.08 19.53
CA ARG C 5 -19.45 -24.80 18.26
C ARG C 5 -18.14 -24.87 17.48
N PRO C 6 -17.88 -26.02 16.80
CA PRO C 6 -16.66 -26.24 16.01
C PRO C 6 -16.65 -25.51 14.65
N LEU C 7 -16.69 -24.19 14.68
CA LEU C 7 -16.67 -23.37 13.48
C LEU C 7 -15.28 -23.48 12.86
N PRO C 8 -15.19 -23.75 11.54
CA PRO C 8 -13.87 -23.70 10.89
C PRO C 8 -13.23 -22.29 11.02
N HIS C 9 -11.91 -22.27 11.10
CA HIS C 9 -11.10 -21.05 11.07
C HIS C 9 -11.64 -20.19 9.93
N LEU C 10 -11.92 -18.92 10.20
CA LEU C 10 -12.60 -18.05 9.24
C LEU C 10 -11.89 -17.94 7.89
N ALA C 11 -10.56 -18.06 7.91
CA ALA C 11 -9.80 -17.89 6.66
C ALA C 11 -9.47 -19.21 6.00
N ALA C 12 -9.99 -20.33 6.53
CA ALA C 12 -9.58 -21.65 6.03
C ALA C 12 -9.79 -21.85 4.52
N ALA C 13 -10.95 -21.42 4.01
CA ALA C 13 -11.28 -21.58 2.59
C ALA C 13 -10.31 -20.77 1.72
N MET C 14 -10.03 -19.55 2.14
CA MET C 14 -9.10 -18.69 1.42
C MET C 14 -7.67 -19.22 1.46
N GLN C 15 -7.29 -19.84 2.57
CA GLN C 15 -5.98 -20.46 2.68
C GLN C 15 -5.83 -21.68 1.77
N ALA C 16 -6.89 -22.47 1.66
CA ALA C 16 -6.88 -23.65 0.79
C ALA C 16 -6.88 -23.27 -0.70
N SER C 17 -7.38 -22.07 -1.02
CA SER C 17 -7.45 -21.60 -2.42
C SER C 17 -6.24 -20.75 -2.83
N GLY C 18 -5.31 -20.56 -1.89
CA GLY C 18 -4.16 -19.68 -2.14
C GLY C 18 -4.51 -18.21 -2.30
N GLU C 19 -5.65 -17.78 -1.75
CA GLU C 19 -6.12 -16.41 -1.86
C GLU C 19 -5.78 -15.59 -0.61
N ALA C 20 -5.53 -16.28 0.49
CA ALA C 20 -5.10 -15.64 1.73
C ALA C 20 -3.73 -14.95 1.52
N VAL C 21 -3.66 -13.66 1.84
CA VAL C 21 -2.42 -12.91 1.57
C VAL C 21 -1.48 -12.95 2.78
N TYR C 22 -0.25 -13.41 2.57
CA TYR C 22 0.81 -13.29 3.59
C TYR C 22 1.72 -12.15 3.14
N CYS C 23 2.58 -11.71 4.02
CA CYS C 23 3.39 -10.53 3.78
C CYS C 23 4.02 -10.42 2.38
N ASP C 24 4.73 -11.46 1.94
CA ASP C 24 5.39 -11.42 0.63
C ASP C 24 4.42 -11.57 -0.54
N ASP C 25 3.16 -11.91 -0.26
CA ASP C 25 2.15 -11.98 -1.34
C ASP C 25 1.58 -10.60 -1.67
N ILE C 26 1.87 -9.62 -0.83
CA ILE C 26 1.45 -8.25 -1.09
C ILE C 26 2.14 -7.79 -2.38
N PRO C 27 1.38 -7.18 -3.31
CA PRO C 27 1.99 -6.71 -4.58
C PRO C 27 3.12 -5.72 -4.34
N ARG C 28 4.11 -5.72 -5.23
CA ARG C 28 5.24 -4.80 -5.10
C ARG C 28 4.93 -3.47 -5.76
N TYR C 29 5.38 -2.38 -5.15
CA TYR C 29 5.35 -1.07 -5.83
C TYR C 29 6.30 -1.09 -7.01
N GLU C 30 6.02 -0.29 -8.04
CA GLU C 30 6.85 -0.30 -9.23
C GLU C 30 8.33 -0.01 -8.90
N ASN C 31 8.59 0.77 -7.85
CA ASN C 31 9.94 1.19 -7.46
C ASN C 31 10.52 0.41 -6.27
N GLU C 32 9.93 -0.72 -5.94
CA GLU C 32 10.26 -1.44 -4.70
C GLU C 32 11.59 -2.17 -4.83
N LEU C 33 12.46 -2.02 -3.84
CA LEU C 33 13.77 -2.70 -3.78
C LEU C 33 13.77 -3.86 -2.77
N PHE C 34 14.84 -4.64 -2.77
CA PHE C 34 14.93 -5.84 -1.95
C PHE C 34 16.20 -5.84 -1.14
N LEU C 35 16.10 -6.34 0.08
CA LEU C 35 17.23 -6.27 0.99
C LEU C 35 17.68 -7.69 1.31
N ARG C 36 19.00 -7.90 1.41
CA ARG C 36 19.55 -9.16 1.87
C ARG C 36 20.57 -8.86 2.96
N LEU C 37 20.39 -9.49 4.13
CA LEU C 37 21.33 -9.29 5.25
C LEU C 37 22.74 -9.87 4.96
N VAL C 38 23.76 -9.15 5.42
CA VAL C 38 25.12 -9.65 5.46
C VAL C 38 25.46 -9.96 6.92
N THR C 39 25.94 -11.17 7.12
CA THR C 39 25.93 -11.80 8.43
C THR C 39 27.32 -12.38 8.76
N SER C 40 27.70 -12.37 10.04
CA SER C 40 29.00 -12.93 10.48
C SER C 40 29.22 -14.41 10.22
N THR C 41 30.43 -14.78 9.85
CA THR C 41 30.73 -16.21 9.70
C THR C 41 31.63 -16.69 10.85
N ARG C 42 31.89 -15.81 11.82
CA ARG C 42 32.70 -16.13 13.01
C ARG C 42 31.89 -15.98 14.30
N ALA C 43 32.18 -16.85 15.27
CA ALA C 43 31.54 -16.79 16.59
C ALA C 43 31.90 -15.56 17.38
N HIS C 44 33.17 -15.14 17.32
CA HIS C 44 33.59 -14.00 18.11
C HIS C 44 34.84 -13.46 17.45
N ALA C 45 34.76 -12.23 16.99
CA ALA C 45 35.86 -11.63 16.23
C ALA C 45 35.71 -10.13 16.08
N LYS C 46 36.84 -9.44 15.93
CA LYS C 46 36.81 -8.06 15.51
C LYS C 46 36.61 -8.00 13.99
N ILE C 47 35.82 -7.04 13.53
CA ILE C 47 35.67 -6.80 12.11
C ILE C 47 36.79 -5.85 11.68
N LYS C 48 37.66 -6.35 10.82
CA LYS C 48 38.83 -5.64 10.33
C LYS C 48 38.48 -4.87 9.05
N SER C 49 37.62 -5.43 8.20
CA SER C 49 37.20 -4.74 6.98
C SER C 49 35.98 -5.36 6.32
N ILE C 50 35.24 -4.54 5.59
CA ILE C 50 34.12 -5.00 4.78
C ILE C 50 34.31 -4.50 3.37
N ASP C 51 34.50 -5.43 2.43
CA ASP C 51 34.79 -5.09 1.05
C ASP C 51 33.57 -5.36 0.14
N VAL C 52 33.08 -4.30 -0.49
CA VAL C 52 31.87 -4.34 -1.31
C VAL C 52 32.18 -4.17 -2.80
N SER C 53 33.47 -4.17 -3.15
CA SER C 53 33.90 -3.96 -4.54
C SER C 53 33.23 -4.87 -5.58
N GLU C 54 33.19 -6.16 -5.28
CA GLU C 54 32.57 -7.13 -6.21
C GLU C 54 31.03 -7.08 -6.19
N ALA C 55 30.44 -6.82 -5.01
CA ALA C 55 28.99 -6.61 -4.89
C ALA C 55 28.49 -5.46 -5.78
N GLN C 56 29.27 -4.40 -5.88
CA GLN C 56 28.95 -3.26 -6.74
C GLN C 56 28.91 -3.57 -8.25
N LYS C 57 29.52 -4.69 -8.64
CA LYS C 57 29.50 -5.12 -10.04
C LYS C 57 28.29 -5.97 -10.36
N VAL C 58 27.48 -6.29 -9.34
CA VAL C 58 26.26 -7.06 -9.58
C VAL C 58 25.20 -6.15 -10.21
N PRO C 59 24.64 -6.55 -11.36
CA PRO C 59 23.56 -5.78 -11.97
C PRO C 59 22.48 -5.47 -10.92
N GLY C 60 21.95 -4.26 -10.95
CA GLY C 60 20.86 -3.88 -10.06
C GLY C 60 21.22 -3.63 -8.60
N PHE C 61 22.52 -3.67 -8.29
CA PHE C 61 23.00 -3.24 -6.96
C PHE C 61 22.65 -1.79 -6.66
N VAL C 62 22.11 -1.52 -5.48
CA VAL C 62 21.73 -0.17 -5.10
C VAL C 62 22.71 0.37 -4.07
N CYS C 63 22.82 -0.29 -2.92
CA CYS C 63 23.75 0.15 -1.87
C CYS C 63 24.06 -0.93 -0.84
N PHE C 64 25.14 -0.72 -0.08
CA PHE C 64 25.41 -1.48 1.12
C PHE C 64 25.18 -0.60 2.32
N LEU C 65 24.43 -1.13 3.29
CA LEU C 65 24.08 -0.42 4.52
C LEU C 65 24.84 -1.02 5.68
N SER C 66 25.38 -0.14 6.52
CA SER C 66 26.11 -0.52 7.72
C SER C 66 25.66 0.40 8.85
N ALA C 67 26.26 0.19 10.02
CA ALA C 67 26.01 0.98 11.22
C ALA C 67 26.19 2.49 10.97
N ASP C 68 27.15 2.88 10.14
CA ASP C 68 27.36 4.32 9.83
C ASP C 68 26.17 5.02 9.17
N ASP C 69 25.27 4.25 8.56
CA ASP C 69 24.12 4.78 7.84
C ASP C 69 22.89 5.11 8.72
N ILE C 70 22.90 4.63 9.96
CA ILE C 70 21.77 4.79 10.87
C ILE C 70 21.63 6.25 11.35
N PRO C 71 20.46 6.89 11.11
CA PRO C 71 20.32 8.29 11.53
C PRO C 71 20.05 8.51 13.01
N GLY C 72 19.49 7.50 13.69
CA GLY C 72 19.09 7.67 15.06
C GLY C 72 20.01 6.90 15.97
N SER C 73 19.65 5.67 16.29
CA SER C 73 20.42 4.88 17.24
C SER C 73 20.74 3.49 16.70
N ASN C 74 21.96 3.01 16.99
CA ASN C 74 22.36 1.64 16.65
C ASN C 74 22.20 0.68 17.85
N GLU C 75 21.56 1.15 18.92
CA GLU C 75 21.32 0.34 20.12
C GLU C 75 19.88 -0.17 20.08
N THR C 76 19.70 -1.48 20.21
CA THR C 76 18.38 -2.09 20.05
C THR C 76 18.22 -3.32 20.93
N GLY C 77 17.09 -4.00 20.77
CA GLY C 77 16.81 -5.22 21.54
C GLY C 77 16.06 -4.87 22.81
N LEU C 78 15.44 -5.89 23.38
CA LEU C 78 14.55 -5.72 24.53
C LEU C 78 15.25 -5.02 25.70
N PHE C 79 16.52 -5.34 25.91
CA PHE C 79 17.31 -4.75 27.00
C PHE C 79 18.43 -3.85 26.52
N ASN C 80 18.30 -3.38 25.27
CA ASN C 80 19.23 -2.40 24.70
C ASN C 80 20.70 -2.87 24.70
N ASP C 81 20.88 -4.17 24.54
CA ASP C 81 22.20 -4.81 24.59
C ASP C 81 22.59 -5.40 23.23
N GLU C 82 21.86 -5.00 22.19
CA GLU C 82 22.07 -5.49 20.83
C GLU C 82 22.41 -4.33 19.91
N THR C 83 23.03 -4.63 18.78
CA THR C 83 23.17 -3.64 17.73
C THR C 83 22.21 -3.94 16.58
N VAL C 84 21.80 -2.89 15.88
CA VAL C 84 21.12 -3.05 14.63
C VAL C 84 22.09 -3.70 13.66
N PHE C 85 23.26 -3.08 13.48
CA PHE C 85 24.34 -3.61 12.63
C PHE C 85 25.60 -3.59 13.50
N ALA C 86 26.33 -4.71 13.47
CA ALA C 86 27.56 -4.87 14.25
C ALA C 86 28.54 -3.78 13.83
N LYS C 87 29.25 -3.21 14.79
CA LYS C 87 30.17 -2.14 14.45
C LYS C 87 31.63 -2.61 14.45
N ASP C 88 32.13 -2.94 15.63
CA ASP C 88 33.55 -3.31 15.76
C ASP C 88 33.75 -4.81 15.92
N THR C 89 32.82 -5.45 16.61
CA THR C 89 32.96 -6.86 16.92
C THR C 89 31.71 -7.62 16.53
N VAL C 90 31.90 -8.88 16.14
CA VAL C 90 30.79 -9.79 15.97
C VAL C 90 30.80 -10.79 17.15
N THR C 91 29.62 -11.17 17.63
CA THR C 91 29.53 -12.02 18.81
C THR C 91 28.78 -13.35 18.61
N CYS C 92 28.42 -13.63 17.35
CA CYS C 92 27.96 -14.96 16.95
C CYS C 92 28.01 -15.12 15.44
N VAL C 93 27.98 -16.36 14.97
CA VAL C 93 27.98 -16.64 13.50
C VAL C 93 26.89 -15.98 12.56
N GLY C 94 25.71 -15.68 13.03
CA GLY C 94 24.75 -15.00 12.12
C GLY C 94 24.51 -13.56 12.55
N HIS C 95 25.51 -12.98 13.22
CA HIS C 95 25.43 -11.61 13.73
C HIS C 95 25.36 -10.66 12.55
N ILE C 96 24.33 -9.82 12.52
CA ILE C 96 24.11 -8.97 11.35
C ILE C 96 25.13 -7.83 11.32
N ILE C 97 25.84 -7.74 10.21
CA ILE C 97 26.88 -6.74 10.01
C ILE C 97 26.42 -5.61 9.09
N GLY C 98 25.53 -5.93 8.16
CA GLY C 98 25.08 -4.94 7.20
C GLY C 98 24.00 -5.54 6.32
N ALA C 99 23.64 -4.81 5.27
CA ALA C 99 22.69 -5.34 4.30
C ALA C 99 22.98 -4.79 2.93
N VAL C 100 22.69 -5.61 1.92
CA VAL C 100 22.71 -5.17 0.54
C VAL C 100 21.28 -4.87 0.06
N VAL C 101 21.15 -3.80 -0.71
CA VAL C 101 19.86 -3.45 -1.30
C VAL C 101 20.01 -3.55 -2.81
N ALA C 102 19.07 -4.21 -3.49
CA ALA C 102 19.13 -4.33 -4.95
C ALA C 102 17.74 -4.30 -5.61
N ASP C 103 17.71 -4.28 -6.94
CA ASP C 103 16.46 -4.14 -7.66
C ASP C 103 15.64 -5.44 -7.71
N THR C 104 16.26 -6.60 -7.45
CA THR C 104 15.52 -7.88 -7.40
C THR C 104 16.07 -8.72 -6.22
N PRO C 105 15.27 -9.68 -5.67
CA PRO C 105 15.83 -10.52 -4.59
C PRO C 105 16.98 -11.44 -5.05
N GLU C 106 16.94 -11.89 -6.31
CA GLU C 106 18.06 -12.65 -6.90
C GLU C 106 19.35 -11.82 -6.92
N HIS C 107 19.25 -10.57 -7.37
CA HIS C 107 20.40 -9.67 -7.38
C HIS C 107 20.93 -9.37 -5.97
N ALA C 108 20.01 -9.15 -5.01
CA ALA C 108 20.41 -8.91 -3.62
C ALA C 108 21.21 -10.11 -3.13
N GLU C 109 20.68 -11.31 -3.39
CA GLU C 109 21.32 -12.56 -2.98
C GLU C 109 22.74 -12.68 -3.53
N ARG C 110 22.86 -12.45 -4.85
CA ARG C 110 24.14 -12.53 -5.54
C ARG C 110 25.14 -11.57 -4.92
N ALA C 111 24.73 -10.32 -4.74
CA ALA C 111 25.61 -9.28 -4.19
C ALA C 111 26.03 -9.56 -2.76
N ALA C 112 25.10 -10.01 -1.92
CA ALA C 112 25.45 -10.30 -0.52
C ALA C 112 26.50 -11.41 -0.43
N HIS C 113 26.41 -12.40 -1.33
CA HIS C 113 27.39 -13.48 -1.32
C HIS C 113 28.82 -13.02 -1.61
N VAL C 114 28.96 -11.95 -2.39
CA VAL C 114 30.27 -11.45 -2.85
C VAL C 114 30.86 -10.35 -1.93
N VAL C 115 30.11 -9.98 -0.89
CA VAL C 115 30.64 -9.09 0.16
C VAL C 115 31.69 -9.83 0.99
N LYS C 116 32.91 -9.28 1.06
CA LYS C 116 34.00 -9.93 1.80
C LYS C 116 34.21 -9.27 3.15
N VAL C 117 34.23 -10.08 4.19
CA VAL C 117 34.54 -9.57 5.52
C VAL C 117 35.86 -10.17 5.98
N THR C 118 36.69 -9.32 6.59
CA THR C 118 37.94 -9.74 7.21
C THR C 118 37.82 -9.60 8.71
N TYR C 119 38.28 -10.65 9.40
CA TYR C 119 38.10 -10.76 10.83
C TYR C 119 39.41 -10.96 11.55
N GLU C 120 39.40 -10.71 12.86
CA GLU C 120 40.46 -11.16 13.76
C GLU C 120 39.76 -11.88 14.90
N ASP C 121 39.98 -13.19 15.00
CA ASP C 121 39.28 -14.03 15.97
C ASP C 121 39.56 -13.68 17.40
N LEU C 122 38.53 -13.83 18.23
CA LEU C 122 38.62 -13.68 19.67
C LEU C 122 38.15 -14.98 20.32
N PRO C 123 38.58 -15.25 21.58
CA PRO C 123 38.16 -16.44 22.32
C PRO C 123 36.64 -16.49 22.42
N ALA C 124 36.05 -17.61 22.06
CA ALA C 124 34.60 -17.76 22.03
C ALA C 124 34.13 -18.75 23.09
N ILE C 125 32.90 -18.55 23.55
CA ILE C 125 32.22 -19.42 24.49
C ILE C 125 30.95 -19.94 23.81
N ILE C 126 30.85 -21.24 23.64
CA ILE C 126 29.73 -21.81 22.89
C ILE C 126 28.79 -22.70 23.72
N THR C 127 29.36 -23.55 24.57
CA THR C 127 28.57 -24.49 25.35
C THR C 127 28.21 -23.92 26.72
N ILE C 128 27.13 -24.47 27.31
CA ILE C 128 26.76 -24.14 28.70
C ILE C 128 27.98 -24.42 29.61
N GLU C 129 28.61 -25.58 29.40
CA GLU C 129 29.82 -25.97 30.16
C GLU C 129 30.93 -24.92 30.04
N ASP C 130 31.21 -24.46 28.82
CA ASP C 130 32.12 -23.33 28.53
C ASP C 130 31.78 -22.07 29.37
N ALA C 131 30.50 -21.69 29.36
CA ALA C 131 30.02 -20.51 30.08
C ALA C 131 30.17 -20.67 31.59
N ILE C 132 29.81 -21.84 32.12
CA ILE C 132 29.94 -22.11 33.54
C ILE C 132 31.42 -21.96 33.95
N LYS C 133 32.30 -22.60 33.19
CA LYS C 133 33.76 -22.58 33.44
C LYS C 133 34.35 -21.17 33.33
N ASN C 134 33.71 -20.32 32.54
CA ASN C 134 34.19 -18.97 32.34
C ASN C 134 33.41 -17.92 33.13
N ASN C 135 32.46 -18.37 33.95
CA ASN C 135 31.57 -17.45 34.70
C ASN C 135 30.88 -16.45 33.77
N SER C 136 30.31 -16.95 32.67
CA SER C 136 29.78 -16.07 31.63
C SER C 136 28.26 -16.17 31.68
N PHE C 137 27.66 -15.26 32.45
CA PHE C 137 26.23 -15.27 32.75
C PHE C 137 25.62 -13.88 32.56
N TYR C 138 24.33 -13.83 32.25
CA TYR C 138 23.57 -12.58 32.28
C TYR C 138 22.94 -12.47 33.65
N GLY C 139 23.32 -11.44 34.40
CA GLY C 139 22.68 -11.19 35.70
C GLY C 139 23.04 -12.23 36.73
N SER C 140 22.29 -12.26 37.82
CA SER C 140 22.62 -13.16 38.91
C SER C 140 21.67 -14.37 38.93
N GLU C 141 21.79 -15.17 39.97
CA GLU C 141 20.96 -16.35 40.13
C GLU C 141 19.51 -15.99 40.46
N LEU C 142 18.57 -16.65 39.78
CA LEU C 142 17.16 -16.66 40.15
C LEU C 142 16.90 -17.87 41.05
N LYS C 143 16.05 -17.72 42.07
CA LYS C 143 15.83 -18.81 43.02
C LYS C 143 14.42 -18.80 43.60
N ILE C 144 13.85 -19.99 43.78
CA ILE C 144 12.62 -20.17 44.57
C ILE C 144 12.94 -21.26 45.57
N GLU C 145 12.66 -21.00 46.85
CA GLU C 145 12.90 -21.98 47.89
C GLU C 145 11.73 -22.08 48.86
N LYS C 146 11.42 -23.30 49.28
CA LYS C 146 10.34 -23.56 50.23
C LYS C 146 10.73 -24.72 51.14
N GLY C 147 10.39 -24.61 52.41
CA GLY C 147 10.69 -25.68 53.37
C GLY C 147 12.15 -25.66 53.79
N ASP C 148 12.65 -26.80 54.27
CA ASP C 148 14.03 -26.90 54.75
C ASP C 148 14.71 -28.12 54.12
N LEU C 149 15.63 -27.84 53.21
CA LEU C 149 16.26 -28.89 52.40
C LEU C 149 17.11 -29.86 53.22
N LYS C 150 17.97 -29.31 54.08
CA LYS C 150 18.60 -30.10 55.13
C LYS C 150 17.40 -30.40 56.02
N LYS C 151 17.21 -31.65 56.38
CA LYS C 151 16.01 -32.09 57.10
C LYS C 151 15.18 -32.94 56.19
N GLY C 152 14.74 -32.36 55.06
CA GLY C 152 14.14 -33.14 54.00
C GLY C 152 15.07 -34.24 53.57
N PHE C 153 16.32 -33.90 53.27
CA PHE C 153 17.30 -34.93 52.88
C PHE C 153 17.69 -35.88 54.02
N SER C 154 17.67 -35.39 55.26
CA SER C 154 17.85 -36.23 56.46
C SER C 154 16.77 -37.29 56.58
N GLU C 155 15.54 -36.90 56.26
CA GLU C 155 14.38 -37.75 56.44
C GLU C 155 14.24 -38.75 55.29
N ALA C 156 14.92 -38.48 54.18
CA ALA C 156 14.80 -39.32 52.96
C ALA C 156 15.41 -40.70 53.15
N ASP C 157 14.74 -41.73 52.61
CA ASP C 157 15.30 -43.08 52.58
C ASP C 157 16.33 -43.25 51.47
N ASN C 158 16.11 -42.60 50.33
CA ASN C 158 16.99 -42.71 49.17
C ASN C 158 17.28 -41.32 48.65
N VAL C 159 18.42 -41.17 48.00
CA VAL C 159 18.76 -39.92 47.33
C VAL C 159 19.29 -40.30 45.94
N VAL C 160 18.88 -39.55 44.93
CA VAL C 160 19.36 -39.73 43.57
C VAL C 160 19.82 -38.37 43.10
N SER C 161 21.02 -38.30 42.54
CA SER C 161 21.49 -37.06 41.95
C SER C 161 21.93 -37.32 40.52
N GLY C 162 21.87 -36.30 39.68
CA GLY C 162 22.23 -36.49 38.29
C GLY C 162 22.31 -35.20 37.52
N GLU C 163 22.56 -35.35 36.23
CA GLU C 163 22.67 -34.21 35.33
C GLU C 163 21.88 -34.55 34.07
N LEU C 164 21.26 -33.54 33.47
CA LEU C 164 20.42 -33.75 32.30
C LEU C 164 20.59 -32.56 31.35
N TYR C 165 20.57 -32.83 30.05
CA TYR C 165 20.60 -31.79 29.03
C TYR C 165 19.42 -31.94 28.08
N ILE C 166 18.82 -30.81 27.72
CA ILE C 166 17.77 -30.78 26.71
C ILE C 166 18.16 -29.80 25.60
N GLY C 167 18.26 -30.30 24.39
CA GLY C 167 18.71 -29.49 23.26
C GLY C 167 17.65 -28.47 22.92
N GLY C 168 18.06 -27.47 22.14
CA GLY C 168 17.12 -26.42 21.71
C GLY C 168 16.21 -26.84 20.57
N GLN C 169 15.65 -25.87 19.89
CA GLN C 169 14.65 -26.17 18.87
C GLN C 169 14.52 -24.98 17.92
N ASP C 170 14.39 -25.23 16.62
CA ASP C 170 14.15 -24.14 15.69
C ASP C 170 12.65 -24.05 15.46
N HIS C 171 12.09 -22.82 15.40
CA HIS C 171 10.62 -22.64 15.27
C HIS C 171 10.05 -23.32 14.01
N PHE C 172 10.79 -23.18 12.91
CA PHE C 172 10.35 -23.75 11.63
C PHE C 172 8.88 -23.41 11.30
N TYR C 173 8.49 -22.17 11.57
CA TYR C 173 7.27 -21.58 11.02
C TYR C 173 7.41 -21.71 9.52
N LEU C 174 6.34 -22.11 8.83
CA LEU C 174 6.48 -22.32 7.39
C LEU C 174 6.79 -21.02 6.67
N GLU C 175 6.19 -19.92 7.16
CA GLU C 175 6.52 -18.58 6.64
C GLU C 175 7.65 -17.98 7.48
N THR C 176 8.79 -17.72 6.83
CA THR C 176 9.94 -17.14 7.53
C THR C 176 9.65 -15.63 7.78
N HIS C 177 10.54 -14.98 8.51
CA HIS C 177 10.44 -13.54 8.79
C HIS C 177 10.37 -12.72 7.49
N CYS C 178 9.53 -11.68 7.50
CA CYS C 178 9.20 -10.89 6.31
C CYS C 178 8.75 -9.49 6.76
N THR C 179 9.29 -8.44 6.13
CA THR C 179 8.87 -7.06 6.34
C THR C 179 8.85 -6.34 4.98
N ILE C 180 7.84 -5.52 4.78
CA ILE C 180 7.81 -4.48 3.76
C ILE C 180 7.73 -3.13 4.45
N ALA C 181 8.61 -2.20 4.09
CA ALA C 181 8.60 -0.86 4.69
C ALA C 181 8.39 0.15 3.59
N ILE C 182 7.36 0.99 3.78
CA ILE C 182 7.01 2.01 2.80
C ILE C 182 7.23 3.41 3.40
N PRO C 183 8.27 4.15 2.92
CA PRO C 183 8.54 5.51 3.39
C PRO C 183 7.58 6.47 2.67
N LYS C 184 6.93 7.37 3.41
CA LYS C 184 5.97 8.27 2.80
C LYS C 184 6.60 9.54 2.26
N GLY C 185 7.78 9.89 2.77
CA GLY C 185 8.53 11.07 2.31
C GLY C 185 8.11 12.35 2.98
N GLU C 186 7.14 12.25 3.91
CA GLU C 186 6.67 13.36 4.76
C GLU C 186 6.94 13.08 6.22
N GLU C 187 7.64 13.99 6.90
CA GLU C 187 7.62 13.99 8.35
C GLU C 187 8.16 12.72 9.03
N GLY C 188 8.94 11.93 8.30
CA GLY C 188 9.50 10.68 8.83
C GLY C 188 8.52 9.50 8.81
N GLU C 189 7.33 9.69 8.24
CA GLU C 189 6.28 8.67 8.28
C GLU C 189 6.69 7.43 7.51
N MET C 190 6.38 6.26 8.08
CA MET C 190 6.62 4.99 7.42
C MET C 190 5.47 4.03 7.75
N GLU C 191 5.06 3.24 6.77
CA GLU C 191 4.05 2.19 6.98
C GLU C 191 4.77 0.86 6.73
N LEU C 192 4.58 -0.09 7.64
CA LEU C 192 5.27 -1.38 7.55
C LEU C 192 4.27 -2.51 7.61
N PHE C 193 4.44 -3.48 6.73
CA PHE C 193 3.66 -4.70 6.72
C PHE C 193 4.61 -5.77 7.21
N VAL C 194 4.24 -6.42 8.31
CA VAL C 194 5.20 -7.24 9.07
C VAL C 194 4.61 -8.59 9.50
N SER C 195 5.38 -9.67 9.32
CA SER C 195 5.05 -10.98 9.92
C SER C 195 5.60 -10.98 11.36
N THR C 196 4.83 -10.41 12.29
CA THR C 196 5.24 -10.28 13.69
C THR C 196 4.11 -10.53 14.71
N GLN C 197 4.48 -11.11 15.84
CA GLN C 197 3.56 -11.21 16.97
C GLN C 197 3.62 -9.94 17.85
N ASN C 198 4.49 -8.98 17.53
CA ASN C 198 4.76 -7.87 18.44
C ASN C 198 4.86 -6.58 17.65
N ALA C 199 3.71 -6.09 17.20
CA ALA C 199 3.69 -4.86 16.37
C ALA C 199 4.21 -3.64 17.19
N MET C 200 3.86 -3.58 18.46
CA MET C 200 4.30 -2.50 19.37
C MET C 200 5.81 -2.33 19.44
N LYS C 201 6.54 -3.43 19.62
CA LYS C 201 8.00 -3.35 19.70
C LYS C 201 8.57 -3.10 18.32
N THR C 202 7.93 -3.65 17.29
CA THR C 202 8.37 -3.39 15.91
C THR C 202 8.34 -1.87 15.70
N GLN C 203 7.19 -1.28 16.05
CA GLN C 203 6.98 0.13 15.91
C GLN C 203 8.02 0.97 16.70
N SER C 204 8.19 0.65 17.98
CA SER C 204 9.17 1.27 18.88
C SER C 204 10.60 1.18 18.40
N PHE C 205 11.01 0.00 17.96
CA PHE C 205 12.40 -0.24 17.59
C PHE C 205 12.70 0.48 16.27
N VAL C 206 11.74 0.48 15.35
CA VAL C 206 11.94 1.20 14.08
C VAL C 206 12.11 2.69 14.38
N ALA C 207 11.23 3.21 15.24
CA ALA C 207 11.20 4.64 15.57
C ALA C 207 12.53 5.05 16.23
N LYS C 208 13.01 4.20 17.13
CA LYS C 208 14.29 4.42 17.82
C LYS C 208 15.50 4.45 16.89
N MET C 209 15.57 3.50 15.95
CA MET C 209 16.67 3.47 15.01
C MET C 209 16.64 4.71 14.10
N LEU C 210 15.44 5.11 13.65
CA LEU C 210 15.31 6.28 12.79
C LEU C 210 15.42 7.64 13.53
N GLY C 211 15.26 7.60 14.86
CA GLY C 211 15.21 8.80 15.69
C GLY C 211 14.02 9.71 15.43
N VAL C 212 12.85 9.11 15.22
CA VAL C 212 11.59 9.81 14.97
C VAL C 212 10.57 9.40 16.07
N PRO C 213 9.54 10.24 16.36
CA PRO C 213 8.54 9.81 17.39
C PRO C 213 7.77 8.55 16.93
N VAL C 214 7.32 7.75 17.89
CA VAL C 214 6.63 6.49 17.60
C VAL C 214 5.34 6.76 16.77
N ASN C 215 4.76 7.94 16.94
CA ASN C 215 3.53 8.28 16.22
C ASN C 215 3.71 8.40 14.67
N ARG C 216 4.96 8.41 14.19
CA ARG C 216 5.24 8.48 12.73
C ARG C 216 5.20 7.10 12.06
N ILE C 217 5.19 6.06 12.89
CA ILE C 217 5.39 4.67 12.42
C ILE C 217 4.10 3.88 12.60
N LEU C 218 3.62 3.33 11.48
CA LEU C 218 2.41 2.50 11.45
C LEU C 218 2.84 1.09 11.09
N VAL C 219 2.47 0.12 11.93
CA VAL C 219 2.81 -1.29 11.71
C VAL C 219 1.48 -2.04 11.56
N ARG C 220 1.38 -2.84 10.51
CA ARG C 220 0.13 -3.58 10.20
C ARG C 220 0.43 -5.07 10.02
N VAL C 221 -0.40 -5.91 10.63
CA VAL C 221 -0.23 -7.35 10.57
C VAL C 221 -1.57 -7.98 10.25
N LYS C 222 -1.67 -8.54 9.04
CA LYS C 222 -2.88 -9.23 8.62
C LYS C 222 -2.86 -10.64 9.21
N ARG C 223 -1.78 -11.37 8.93
CA ARG C 223 -1.61 -12.74 9.43
C ARG C 223 -0.15 -13.18 9.29
N MET C 224 0.19 -14.21 10.05
CA MET C 224 1.48 -14.84 9.97
C MET C 224 1.28 -16.28 9.55
N GLY C 225 2.19 -16.82 8.74
CA GLY C 225 2.26 -18.27 8.48
C GLY C 225 3.02 -18.99 9.60
N GLY C 226 2.52 -18.84 10.83
CA GLY C 226 3.20 -19.41 12.01
C GLY C 226 4.07 -18.38 12.69
N GLY C 227 4.11 -18.48 14.02
CA GLY C 227 4.97 -17.64 14.85
C GLY C 227 5.66 -18.48 15.93
N PHE C 228 4.84 -19.12 16.77
CA PHE C 228 5.31 -20.06 17.82
C PHE C 228 6.27 -19.41 18.81
N GLY C 229 6.23 -18.08 18.90
CA GLY C 229 7.12 -17.33 19.80
C GLY C 229 8.31 -16.70 19.09
N GLY C 230 8.66 -17.26 17.95
CA GLY C 230 9.83 -16.83 17.18
C GLY C 230 9.69 -15.46 16.53
N LYS C 231 8.45 -14.93 16.54
CA LYS C 231 8.15 -13.64 15.94
C LYS C 231 7.70 -12.67 17.04
N GLU C 232 7.94 -13.04 18.30
CA GLU C 232 7.60 -12.21 19.47
C GLU C 232 8.62 -11.10 19.65
N THR C 233 9.89 -11.35 19.37
CA THR C 233 10.86 -10.25 19.48
C THR C 233 11.83 -10.17 18.33
N ARG C 234 12.20 -11.33 17.79
CA ARG C 234 13.33 -11.45 16.86
C ARG C 234 12.97 -11.00 15.47
N SER C 235 11.68 -10.76 15.23
CA SER C 235 11.22 -10.24 13.95
C SER C 235 11.83 -8.85 13.68
N THR C 236 12.18 -8.13 14.75
CA THR C 236 12.72 -6.77 14.60
C THR C 236 14.10 -6.75 13.94
N LEU C 237 14.80 -7.89 13.93
CA LEU C 237 16.10 -8.00 13.25
C LEU C 237 15.97 -7.63 11.78
N VAL C 238 14.92 -8.15 11.14
CA VAL C 238 14.63 -7.84 9.73
C VAL C 238 13.89 -6.50 9.61
N SER C 239 12.90 -6.28 10.47
CA SER C 239 12.06 -5.06 10.34
C SER C 239 12.92 -3.80 10.38
N VAL C 240 13.87 -3.74 11.31
CA VAL C 240 14.63 -2.51 11.51
C VAL C 240 15.56 -2.25 10.30
N ALA C 241 16.16 -3.32 9.79
CA ALA C 241 17.03 -3.24 8.59
C ALA C 241 16.28 -2.75 7.34
N VAL C 242 15.12 -3.34 7.11
CA VAL C 242 14.28 -2.94 5.97
C VAL C 242 13.85 -1.48 6.10
N ALA C 243 13.46 -1.07 7.31
CA ALA C 243 13.07 0.32 7.58
C ALA C 243 14.23 1.28 7.29
N LEU C 244 15.45 0.91 7.72
CA LEU C 244 16.61 1.74 7.40
C LEU C 244 16.82 1.86 5.88
N ALA C 245 16.68 0.75 5.16
CA ALA C 245 16.84 0.78 3.70
C ALA C 245 15.81 1.69 3.06
N ALA C 246 14.56 1.61 3.52
CA ALA C 246 13.48 2.48 3.05
C ALA C 246 13.79 3.95 3.33
N TYR C 247 14.26 4.21 4.54
CA TYR C 247 14.68 5.56 4.94
C TYR C 247 15.77 6.11 4.02
N LYS C 248 16.80 5.29 3.79
CA LYS C 248 18.01 5.70 3.09
C LYS C 248 17.77 5.91 1.59
N THR C 249 16.99 5.02 0.99
CA THR C 249 16.73 5.08 -0.43
C THR C 249 15.51 5.95 -0.78
N GLY C 250 14.58 6.12 0.16
CA GLY C 250 13.27 6.71 -0.14
C GLY C 250 12.32 5.86 -0.97
N HIS C 251 12.70 4.61 -1.27
CA HIS C 251 11.84 3.66 -1.99
C HIS C 251 11.23 2.68 -0.98
N PRO C 252 10.08 2.07 -1.33
CA PRO C 252 9.64 0.87 -0.60
C PRO C 252 10.71 -0.21 -0.69
N VAL C 253 10.88 -0.94 0.40
CA VAL C 253 11.87 -2.01 0.43
C VAL C 253 11.24 -3.23 1.13
N ARG C 254 11.60 -4.41 0.68
CA ARG C 254 11.18 -5.63 1.38
C ARG C 254 12.27 -6.65 1.56
N CYS C 255 12.07 -7.53 2.53
CA CYS C 255 12.92 -8.67 2.72
C CYS C 255 12.09 -9.83 3.29
N MET C 256 12.23 -11.00 2.69
CA MET C 256 11.77 -12.22 3.33
C MET C 256 13.00 -13.14 3.45
N LEU C 257 13.25 -13.68 4.64
CA LEU C 257 14.46 -14.50 4.83
C LEU C 257 14.36 -15.83 4.14
N ASP C 258 15.48 -16.31 3.62
CA ASP C 258 15.56 -17.69 3.20
C ASP C 258 15.60 -18.55 4.47
N ARG C 259 15.14 -19.78 4.35
CA ARG C 259 15.13 -20.73 5.47
C ARG C 259 16.48 -20.79 6.19
N ASN C 260 17.58 -20.83 5.42
CA ASN C 260 18.91 -21.02 6.02
C ASN C 260 19.38 -19.81 6.84
N GLU C 261 18.98 -18.61 6.38
CA GLU C 261 19.21 -17.34 7.10
C GLU C 261 18.39 -17.31 8.37
N ASP C 262 17.12 -17.63 8.22
CA ASP C 262 16.19 -17.59 9.34
C ASP C 262 16.71 -18.51 10.45
N MET C 263 17.08 -19.75 10.13
CA MET C 263 17.52 -20.71 11.14
C MET C 263 18.80 -20.25 11.83
N LEU C 264 19.64 -19.54 11.08
CA LEU C 264 20.95 -19.12 11.60
C LEU C 264 20.82 -17.90 12.51
N ILE C 265 19.99 -16.96 12.11
CA ILE C 265 20.00 -15.60 12.66
C ILE C 265 19.00 -15.38 13.80
N THR C 266 17.84 -16.01 13.72
CA THR C 266 16.71 -15.52 14.52
C THR C 266 16.54 -16.17 15.88
N GLY C 267 17.37 -17.16 16.20
CA GLY C 267 17.30 -17.81 17.51
C GLY C 267 16.23 -18.88 17.62
N GLY C 268 16.32 -19.67 18.69
CA GLY C 268 15.37 -20.75 18.95
C GLY C 268 15.03 -20.89 20.42
N ARG C 269 14.60 -22.10 20.76
CA ARG C 269 14.27 -22.47 22.11
C ARG C 269 15.60 -22.54 22.87
N HIS C 270 15.60 -22.24 24.17
CA HIS C 270 16.79 -22.33 25.00
C HIS C 270 17.10 -23.78 25.34
N PRO C 271 18.31 -24.25 24.96
CA PRO C 271 18.81 -25.50 25.57
C PRO C 271 18.93 -25.26 27.08
N PHE C 272 18.73 -26.31 27.89
CA PHE C 272 18.87 -26.23 29.33
C PHE C 272 19.78 -27.37 29.76
N LEU C 273 20.63 -27.07 30.75
CA LEU C 273 21.36 -28.09 31.50
C LEU C 273 20.82 -28.03 32.92
N ALA C 274 20.54 -29.18 33.50
CA ALA C 274 20.09 -29.20 34.88
C ALA C 274 20.97 -30.14 35.70
N ARG C 275 21.29 -29.71 36.91
CA ARG C 275 21.89 -30.62 37.88
C ARG C 275 20.87 -30.75 39.00
N TYR C 276 20.51 -31.99 39.34
CA TYR C 276 19.41 -32.21 40.29
C TYR C 276 19.78 -33.24 41.38
N LYS C 277 19.13 -33.10 42.54
CA LYS C 277 19.18 -34.09 43.63
C LYS C 277 17.78 -34.20 44.26
N VAL C 278 17.26 -35.42 44.33
CA VAL C 278 15.92 -35.68 44.88
C VAL C 278 16.05 -36.68 46.02
N GLY C 279 15.34 -36.40 47.12
CA GLY C 279 15.29 -37.30 48.27
C GLY C 279 13.88 -37.85 48.38
N PHE C 280 13.76 -39.14 48.61
CA PHE C 280 12.45 -39.79 48.60
C PHE C 280 12.41 -40.98 49.57
N MET C 281 11.19 -41.40 49.89
CA MET C 281 10.97 -42.57 50.75
C MET C 281 10.89 -43.83 49.90
N LYS C 282 10.98 -45.00 50.54
CA LYS C 282 10.94 -46.27 49.82
C LYS C 282 9.57 -46.47 49.16
N THR C 283 8.59 -45.73 49.66
CA THR C 283 7.25 -45.58 49.10
C THR C 283 7.19 -44.84 47.76
N GLY C 284 8.24 -44.07 47.45
CA GLY C 284 8.17 -43.21 46.27
C GLY C 284 7.75 -41.78 46.59
N THR C 285 7.35 -41.50 47.83
CA THR C 285 6.96 -40.15 48.21
C THR C 285 8.19 -39.25 48.24
N ILE C 286 8.10 -38.09 47.57
CA ILE C 286 9.19 -37.11 47.52
C ILE C 286 9.25 -36.28 48.79
N VAL C 287 10.46 -36.14 49.33
CA VAL C 287 10.68 -35.34 50.53
C VAL C 287 11.58 -34.10 50.34
N ALA C 288 12.44 -34.10 49.33
CA ALA C 288 13.30 -32.94 49.10
C ALA C 288 13.73 -32.91 47.66
N LEU C 289 13.84 -31.71 47.11
CA LEU C 289 14.31 -31.58 45.74
C LEU C 289 15.18 -30.33 45.61
N GLU C 290 16.33 -30.51 44.96
CA GLU C 290 17.19 -29.39 44.62
C GLU C 290 17.54 -29.46 43.13
N VAL C 291 17.25 -28.39 42.40
CA VAL C 291 17.55 -28.35 40.94
C VAL C 291 18.22 -27.05 40.57
N ASP C 292 19.39 -27.13 39.96
CA ASP C 292 20.07 -25.94 39.42
C ASP C 292 19.93 -25.97 37.91
N HIS C 293 19.35 -24.91 37.35
CA HIS C 293 19.06 -24.88 35.91
C HIS C 293 20.01 -23.87 35.28
N TYR C 294 20.48 -24.17 34.08
CA TYR C 294 21.30 -23.24 33.30
C TYR C 294 20.72 -23.24 31.89
N SER C 295 20.40 -22.08 31.36
CA SER C 295 19.96 -22.00 29.96
C SER C 295 21.05 -21.40 29.07
N ASN C 296 21.13 -21.91 27.84
CA ASN C 296 21.99 -21.27 26.87
C ASN C 296 21.28 -20.09 26.21
N ALA C 297 21.57 -18.88 26.68
CA ALA C 297 20.82 -17.69 26.23
C ALA C 297 21.35 -17.06 24.92
N GLY C 298 22.61 -17.33 24.57
CA GLY C 298 23.16 -16.73 23.36
C GLY C 298 23.69 -15.33 23.62
N ASN C 299 23.79 -14.53 22.55
CA ASN C 299 24.59 -13.30 22.61
C ASN C 299 23.85 -12.00 22.99
N SER C 300 22.57 -12.13 23.41
CA SER C 300 21.85 -11.05 24.11
C SER C 300 20.86 -11.58 25.13
N ARG C 301 20.32 -10.68 25.95
CA ARG C 301 19.34 -11.07 26.97
C ARG C 301 18.02 -11.50 26.30
N ASP C 302 17.43 -10.61 25.49
CA ASP C 302 16.10 -10.85 24.89
C ASP C 302 15.14 -11.33 26.01
N LEU C 303 14.39 -12.41 25.80
CA LEU C 303 13.40 -12.87 26.80
C LEU C 303 13.95 -13.93 27.78
N SER C 304 15.26 -14.11 27.78
CA SER C 304 15.89 -15.22 28.53
C SER C 304 15.58 -15.18 30.04
N HIS C 305 15.51 -13.98 30.62
CA HIS C 305 15.21 -13.92 32.06
C HIS C 305 13.80 -14.43 32.37
N SER C 306 12.82 -14.00 31.59
CA SER C 306 11.43 -14.38 31.82
C SER C 306 11.22 -15.86 31.56
N ILE C 307 11.92 -16.38 30.56
CA ILE C 307 11.90 -17.82 30.26
C ILE C 307 12.37 -18.64 31.46
N MET C 308 13.46 -18.20 32.09
CA MET C 308 13.98 -18.90 33.26
C MET C 308 13.03 -18.80 34.48
N GLU C 309 12.42 -17.62 34.65
CA GLU C 309 11.36 -17.41 35.65
C GLU C 309 10.23 -18.42 35.46
N ARG C 310 9.72 -18.52 34.23
CA ARG C 310 8.70 -19.52 33.93
C ARG C 310 9.17 -20.95 34.19
N ALA C 311 10.41 -21.26 33.81
CA ALA C 311 10.96 -22.58 34.15
C ALA C 311 10.90 -22.90 35.65
N LEU C 312 11.36 -21.95 36.48
CA LEU C 312 11.34 -22.12 37.94
C LEU C 312 9.90 -22.28 38.46
N PHE C 313 8.96 -21.56 37.89
CA PHE C 313 7.54 -21.77 38.25
C PHE C 313 6.98 -23.16 37.94
N HIS C 314 7.61 -23.90 37.02
CA HIS C 314 7.08 -25.20 36.60
C HIS C 314 7.95 -26.37 36.99
N MET C 315 8.92 -26.15 37.87
CA MET C 315 9.80 -27.26 38.24
C MET C 315 9.12 -28.33 39.10
N ASP C 316 7.94 -28.01 39.64
CA ASP C 316 7.10 -28.99 40.38
C ASP C 316 6.31 -29.96 39.51
N ASN C 317 6.15 -29.62 38.24
CA ASN C 317 5.04 -30.17 37.43
C ASN C 317 3.74 -30.32 38.25
N CYS C 318 3.22 -31.53 38.41
CA CYS C 318 1.97 -31.74 39.16
C CYS C 318 2.16 -32.32 40.57
N TYR C 319 3.37 -32.18 41.10
CA TYR C 319 3.77 -32.88 42.31
C TYR C 319 4.03 -31.98 43.50
N LYS C 320 3.49 -32.40 44.63
CA LYS C 320 3.70 -31.75 45.89
C LYS C 320 5.05 -32.18 46.48
N ILE C 321 5.93 -31.21 46.70
CA ILE C 321 7.29 -31.41 47.19
C ILE C 321 7.48 -30.42 48.34
N PRO C 322 7.48 -30.89 49.60
CA PRO C 322 7.49 -29.97 50.73
C PRO C 322 8.81 -29.21 50.96
N ASN C 323 9.93 -29.78 50.52
CA ASN C 323 11.22 -29.12 50.67
C ASN C 323 11.85 -29.00 49.30
N ILE C 324 11.99 -27.77 48.82
CA ILE C 324 12.37 -27.56 47.42
C ILE C 324 13.25 -26.32 47.26
N ARG C 325 14.25 -26.42 46.40
CA ARG C 325 15.03 -25.25 46.03
C ARG C 325 15.37 -25.40 44.56
N GLY C 326 14.91 -24.45 43.76
CA GLY C 326 15.32 -24.38 42.36
C GLY C 326 16.07 -23.10 42.09
N THR C 327 17.14 -23.18 41.31
CA THR C 327 17.84 -21.97 40.90
C THR C 327 17.99 -21.95 39.40
N GLY C 328 18.25 -20.77 38.86
CA GLY C 328 18.47 -20.67 37.43
C GLY C 328 19.50 -19.62 37.11
N ARG C 329 20.30 -19.91 36.11
CA ARG C 329 21.29 -18.96 35.62
C ARG C 329 21.18 -18.89 34.09
N LEU C 330 21.41 -17.71 33.52
CA LEU C 330 21.39 -17.52 32.07
C LEU C 330 22.82 -17.47 31.57
N CYS C 331 23.20 -18.43 30.71
CA CYS C 331 24.55 -18.48 30.15
C CYS C 331 24.68 -17.53 28.98
N LYS C 332 25.71 -16.70 29.04
CA LYS C 332 26.05 -15.72 28.01
C LYS C 332 27.07 -16.34 27.03
N THR C 333 26.66 -16.55 25.79
CA THR C 333 27.47 -17.34 24.83
C THR C 333 27.49 -16.70 23.45
N ASN C 334 28.45 -17.15 22.63
CA ASN C 334 28.61 -16.62 21.26
C ASN C 334 27.79 -17.44 20.27
N LEU C 335 26.49 -17.42 20.49
CA LEU C 335 25.49 -18.08 19.65
C LEU C 335 24.38 -17.08 19.46
N SER C 336 23.64 -17.17 18.34
CA SER C 336 22.46 -16.35 18.15
C SER C 336 21.62 -16.38 19.41
N SER C 337 21.14 -15.21 19.80
CA SER C 337 20.31 -15.07 20.98
C SER C 337 19.05 -15.93 20.91
N ASN C 338 18.83 -16.74 21.94
CA ASN C 338 17.63 -17.58 21.96
C ASN C 338 16.46 -16.80 22.50
N THR C 339 15.27 -17.29 22.23
CA THR C 339 14.09 -16.47 22.43
C THR C 339 12.89 -17.30 22.92
N ALA C 340 11.71 -16.70 22.85
CA ALA C 340 10.45 -17.39 23.10
C ALA C 340 10.23 -18.50 22.07
N PHE C 341 9.73 -19.63 22.56
CA PHE C 341 9.28 -20.74 21.72
C PHE C 341 8.17 -21.39 22.54
N ARG C 342 7.02 -21.59 21.90
CA ARG C 342 5.81 -22.20 22.47
C ARG C 342 6.09 -23.02 23.72
N GLY C 343 5.65 -22.52 24.88
CA GLY C 343 5.97 -23.17 26.19
C GLY C 343 6.88 -22.31 27.07
N PHE C 344 7.83 -21.61 26.44
CA PHE C 344 8.55 -20.52 27.09
C PHE C 344 9.25 -20.96 28.39
N GLY C 345 10.06 -22.03 28.33
CA GLY C 345 10.82 -22.45 29.54
C GLY C 345 10.10 -23.52 30.31
N GLY C 346 8.77 -23.54 30.17
CA GLY C 346 7.93 -24.57 30.78
C GLY C 346 8.31 -26.00 30.40
N PRO C 347 8.32 -26.32 29.09
CA PRO C 347 8.67 -27.69 28.65
C PRO C 347 10.02 -28.17 29.19
N GLN C 348 11.02 -27.31 29.20
CA GLN C 348 12.34 -27.68 29.72
C GLN C 348 12.27 -28.06 31.21
N ALA C 349 11.61 -27.22 32.01
CA ALA C 349 11.48 -27.44 33.47
C ALA C 349 10.63 -28.67 33.78
N LEU C 350 9.57 -28.89 32.99
CA LEU C 350 8.68 -30.02 33.17
C LEU C 350 9.38 -31.32 32.77
N PHE C 351 10.21 -31.26 31.72
CA PHE C 351 10.99 -32.40 31.29
C PHE C 351 11.96 -32.85 32.39
N ILE C 352 12.62 -31.89 33.01
CA ILE C 352 13.56 -32.15 34.10
C ILE C 352 12.84 -32.82 35.27
N ALA C 353 11.67 -32.27 35.62
CA ALA C 353 10.83 -32.87 36.66
C ALA C 353 10.44 -34.30 36.37
N GLU C 354 9.95 -34.57 35.17
CA GLU C 354 9.51 -35.93 34.83
C GLU C 354 10.66 -36.94 34.79
N ASN C 355 11.83 -36.43 34.40
CA ASN C 355 13.03 -37.24 34.40
C ASN C 355 13.39 -37.76 35.82
N TRP C 356 13.52 -36.86 36.79
CA TRP C 356 13.81 -37.34 38.17
C TRP C 356 12.65 -38.17 38.74
N MET C 357 11.43 -37.84 38.35
CA MET C 357 10.28 -38.63 38.83
C MET C 357 10.35 -40.05 38.28
N SER C 358 10.78 -40.18 37.04
CA SER C 358 10.97 -41.50 36.44
C SER C 358 12.06 -42.29 37.20
N GLU C 359 13.10 -41.60 37.65
CA GLU C 359 14.21 -42.22 38.39
C GLU C 359 13.80 -42.67 39.80
N VAL C 360 12.91 -41.89 40.43
CA VAL C 360 12.33 -42.26 41.73
C VAL C 360 11.60 -43.58 41.61
N ALA C 361 10.73 -43.70 40.60
CA ALA C 361 9.95 -44.93 40.41
C ALA C 361 10.85 -46.15 40.14
N VAL C 362 11.89 -45.97 39.34
CA VAL C 362 12.82 -47.05 39.02
C VAL C 362 13.60 -47.48 40.28
N THR C 363 14.07 -46.50 41.04
CA THR C 363 14.87 -46.77 42.23
C THR C 363 14.05 -47.47 43.31
N CYS C 364 12.78 -47.09 43.42
CA CYS C 364 11.87 -47.71 44.40
C CYS C 364 11.34 -49.05 43.92
N GLY C 365 11.53 -49.36 42.64
CA GLY C 365 10.98 -50.56 42.03
C GLY C 365 9.45 -50.59 42.02
N LEU C 366 8.85 -49.41 41.79
CA LEU C 366 7.39 -49.30 41.80
C LEU C 366 6.88 -48.83 40.44
N PRO C 367 5.62 -49.18 40.09
CA PRO C 367 5.06 -48.72 38.82
C PRO C 367 5.03 -47.20 38.76
N ALA C 368 5.45 -46.67 37.61
CA ALA C 368 5.55 -45.23 37.42
C ALA C 368 4.23 -44.49 37.70
N GLU C 369 3.10 -45.03 37.25
CA GLU C 369 1.81 -44.33 37.44
C GLU C 369 1.48 -44.19 38.90
N GLU C 370 1.83 -45.21 39.68
CA GLU C 370 1.55 -45.24 41.11
C GLU C 370 2.34 -44.17 41.84
N VAL C 371 3.61 -44.05 41.49
CA VAL C 371 4.49 -43.06 42.09
C VAL C 371 4.05 -41.63 41.70
N ARG C 372 3.70 -41.42 40.43
CA ARG C 372 3.18 -40.12 40.00
C ARG C 372 1.91 -39.76 40.77
N TRP C 373 0.95 -40.69 40.81
CA TRP C 373 -0.33 -40.47 41.48
C TRP C 373 -0.15 -40.12 42.95
N LYS C 374 0.68 -40.88 43.66
CA LYS C 374 0.97 -40.66 45.09
C LYS C 374 1.48 -39.28 45.41
N ASN C 375 2.23 -38.70 44.46
CA ASN C 375 2.94 -37.44 44.69
C ASN C 375 2.20 -36.20 44.17
N MET C 376 1.09 -36.45 43.50
CA MET C 376 0.29 -35.39 42.89
C MET C 376 -0.30 -34.44 43.92
N TYR C 377 -0.37 -33.16 43.56
CA TYR C 377 -1.04 -32.16 44.38
C TYR C 377 -2.49 -32.56 44.59
N LYS C 378 -3.11 -31.98 45.59
CA LYS C 378 -4.56 -32.05 45.79
C LYS C 378 -5.15 -30.67 45.57
N GLU C 379 -6.44 -30.65 45.25
CA GLU C 379 -7.23 -29.42 45.24
C GLU C 379 -6.93 -28.56 46.45
N GLY C 380 -6.53 -27.33 46.20
CA GLY C 380 -6.33 -26.36 47.28
C GLY C 380 -4.95 -26.38 47.91
N ASP C 381 -4.09 -27.29 47.47
CA ASP C 381 -2.66 -27.24 47.83
C ASP C 381 -2.02 -25.95 47.33
N LEU C 382 -0.94 -25.55 47.97
CA LEU C 382 -0.07 -24.46 47.49
C LEU C 382 1.09 -25.02 46.69
N THR C 383 1.42 -24.36 45.59
CA THR C 383 2.64 -24.69 44.82
C THR C 383 3.89 -24.25 45.61
N HIS C 384 5.06 -24.54 45.05
CA HIS C 384 6.34 -24.18 45.66
C HIS C 384 6.51 -22.67 45.74
N PHE C 385 5.79 -21.95 44.88
CA PHE C 385 5.72 -20.50 44.93
C PHE C 385 4.47 -19.97 45.66
N ASN C 386 3.84 -20.84 46.47
CA ASN C 386 2.75 -20.46 47.36
C ASN C 386 1.45 -19.97 46.70
N GLN C 387 1.20 -20.43 45.48
CA GLN C 387 -0.08 -20.17 44.87
C GLN C 387 -1.01 -21.36 45.06
N ARG C 388 -2.23 -21.07 45.47
CA ARG C 388 -3.26 -22.09 45.67
C ARG C 388 -3.77 -22.68 44.35
N LEU C 389 -3.83 -24.00 44.29
CA LEU C 389 -4.37 -24.69 43.14
C LEU C 389 -5.89 -24.85 43.23
N GLU C 390 -6.61 -23.86 42.72
CA GLU C 390 -8.08 -23.89 42.74
C GLU C 390 -8.58 -24.51 41.45
N GLY C 391 -9.36 -25.58 41.55
CA GLY C 391 -9.87 -26.26 40.37
C GLY C 391 -8.82 -27.16 39.72
N PHE C 392 -8.11 -27.92 40.55
CA PHE C 392 -7.01 -28.78 40.12
C PHE C 392 -7.57 -30.03 39.43
N SER C 393 -7.53 -30.07 38.10
CA SER C 393 -8.32 -31.10 37.40
C SER C 393 -7.47 -32.27 36.93
N VAL C 394 -6.19 -32.26 37.28
CA VAL C 394 -5.29 -33.35 36.86
C VAL C 394 -5.85 -34.72 37.28
N PRO C 395 -6.33 -34.87 38.54
CA PRO C 395 -6.90 -36.17 38.92
C PRO C 395 -7.99 -36.69 37.97
N ARG C 396 -8.91 -35.81 37.56
CA ARG C 396 -9.94 -36.17 36.58
C ARG C 396 -9.39 -36.55 35.21
N CYS C 397 -8.51 -35.71 34.66
CA CYS C 397 -7.82 -36.03 33.41
C CYS C 397 -7.08 -37.38 33.49
N TRP C 398 -6.39 -37.61 34.60
CA TRP C 398 -5.58 -38.83 34.83
C TRP C 398 -6.48 -40.05 34.72
N ASP C 399 -7.55 -40.05 35.51
CA ASP C 399 -8.45 -41.20 35.60
C ASP C 399 -9.19 -41.44 34.28
N GLU C 400 -9.62 -40.36 33.61
CA GLU C 400 -10.24 -40.46 32.29
C GLU C 400 -9.25 -41.00 31.25
N CYS C 401 -8.00 -40.54 31.30
CA CYS C 401 -6.97 -41.00 30.35
C CYS C 401 -6.61 -42.48 30.57
N LEU C 402 -6.44 -42.87 31.84
CA LEU C 402 -6.20 -44.27 32.22
C LEU C 402 -7.30 -45.20 31.68
N LYS C 403 -8.53 -44.76 31.80
CA LYS C 403 -9.68 -45.54 31.38
C LYS C 403 -9.78 -45.62 29.86
N SER C 404 -9.77 -44.46 29.21
CA SER C 404 -10.03 -44.39 27.78
C SER C 404 -8.87 -44.94 26.96
N SER C 405 -7.64 -44.84 27.48
CA SER C 405 -6.45 -45.35 26.80
C SER C 405 -6.25 -46.84 27.08
N GLN C 406 -7.04 -47.39 28.02
CA GLN C 406 -6.94 -48.79 28.49
C GLN C 406 -5.51 -49.15 28.93
N TYR C 407 -4.94 -48.26 29.75
CA TYR C 407 -3.55 -48.28 30.11
C TYR C 407 -3.12 -49.62 30.71
N TYR C 408 -3.84 -50.09 31.73
CA TYR C 408 -3.42 -51.31 32.45
C TYR C 408 -3.41 -52.54 31.56
N ALA C 409 -4.43 -52.68 30.69
CA ALA C 409 -4.50 -53.76 29.70
C ALA C 409 -3.35 -53.70 28.70
N ARG C 410 -3.09 -52.50 28.17
CA ARG C 410 -2.00 -52.29 27.22
C ARG C 410 -0.62 -52.47 27.87
N LYS C 411 -0.52 -52.16 29.16
CA LYS C 411 0.71 -52.37 29.91
C LYS C 411 1.06 -53.88 29.95
N SER C 412 0.06 -54.73 30.19
CA SER C 412 0.25 -56.20 30.08
C SER C 412 0.67 -56.65 28.68
N GLU C 413 0.15 -56.01 27.65
CA GLU C 413 0.50 -56.35 26.28
C GLU C 413 1.92 -55.94 25.90
N VAL C 414 2.37 -54.81 26.43
CA VAL C 414 3.76 -54.35 26.24
C VAL C 414 4.73 -55.32 26.87
N ASP C 415 4.39 -55.77 28.09
CA ASP C 415 5.24 -56.73 28.79
C ASP C 415 5.31 -58.05 28.00
N LYS C 416 4.16 -58.55 27.53
CA LYS C 416 4.10 -59.74 26.67
C LYS C 416 4.94 -59.58 25.38
N PHE C 417 4.87 -58.42 24.75
CA PHE C 417 5.70 -58.12 23.58
C PHE C 417 7.20 -58.19 23.91
N ASN C 418 7.59 -57.60 25.03
CA ASN C 418 8.99 -57.57 25.42
C ASN C 418 9.53 -58.95 25.79
N LYS C 419 8.67 -59.80 26.33
CA LYS C 419 9.01 -61.20 26.61
C LYS C 419 9.29 -62.00 25.33
N GLU C 420 8.54 -61.71 24.27
CA GLU C 420 8.58 -62.48 23.03
C GLU C 420 9.53 -61.91 21.95
N ASN C 421 10.04 -60.69 22.19
CA ASN C 421 10.92 -60.01 21.21
C ASN C 421 12.27 -59.67 21.78
N CYS C 422 13.30 -59.95 20.98
CA CYS C 422 14.67 -59.79 21.43
C CYS C 422 15.28 -58.46 20.99
N TRP C 423 15.05 -58.09 19.74
CA TRP C 423 15.72 -56.94 19.10
C TRP C 423 14.78 -55.74 18.83
N LYS C 424 13.53 -55.90 19.24
CA LYS C 424 12.55 -54.83 19.29
C LYS C 424 11.88 -54.85 20.67
N LYS C 425 11.51 -53.67 21.16
CA LYS C 425 10.89 -53.55 22.46
C LYS C 425 9.85 -52.45 22.40
N ARG C 426 8.85 -52.59 23.25
CA ARG C 426 7.84 -51.59 23.38
C ARG C 426 7.91 -50.88 24.73
N GLY C 427 7.38 -49.67 24.75
CA GLY C 427 7.30 -48.89 25.97
C GLY C 427 6.01 -48.11 26.02
N LEU C 428 5.58 -47.80 27.24
CA LEU C 428 4.31 -47.13 27.47
C LEU C 428 4.43 -46.25 28.70
N CYS C 429 3.94 -45.03 28.59
CA CYS C 429 4.04 -44.10 29.68
C CYS C 429 2.85 -43.15 29.71
N ILE C 430 2.49 -42.75 30.93
CA ILE C 430 1.45 -41.75 31.15
C ILE C 430 2.01 -40.60 31.98
N ILE C 431 1.85 -39.38 31.47
CA ILE C 431 2.43 -38.16 32.08
C ILE C 431 1.36 -37.07 32.20
N PRO C 432 1.32 -36.35 33.36
CA PRO C 432 0.45 -35.21 33.56
C PRO C 432 1.20 -33.92 33.27
N THR C 433 0.45 -32.82 33.16
CA THR C 433 1.08 -31.51 33.03
C THR C 433 0.16 -30.43 33.60
N LYS C 434 0.78 -29.39 34.14
CA LYS C 434 0.09 -28.16 34.49
C LYS C 434 0.92 -27.00 33.97
N PHE C 435 0.21 -25.99 33.50
CA PHE C 435 0.87 -24.85 32.87
C PHE C 435 0.20 -23.59 33.37
N GLY C 436 0.99 -22.71 33.99
CA GLY C 436 0.48 -21.43 34.49
C GLY C 436 0.09 -20.46 33.39
N ILE C 437 -1.09 -19.87 33.52
CA ILE C 437 -1.61 -18.96 32.53
C ILE C 437 -1.51 -17.48 32.97
N SER C 438 -0.72 -16.71 32.22
CA SER C 438 -0.48 -15.25 32.39
C SER C 438 0.94 -14.92 31.97
N PHE C 439 1.18 -13.69 31.49
CA PHE C 439 2.57 -13.26 31.33
C PHE C 439 3.25 -13.22 32.69
N THR C 440 4.45 -13.76 32.77
CA THR C 440 5.26 -13.60 33.99
C THR C 440 5.58 -12.13 34.36
N VAL C 441 5.54 -11.24 33.38
CA VAL C 441 5.70 -9.79 33.57
C VAL C 441 4.29 -9.19 33.76
N PRO C 442 3.94 -8.76 35.00
CA PRO C 442 2.56 -8.36 35.25
C PRO C 442 2.01 -7.29 34.28
N PHE C 443 2.82 -6.28 33.91
CA PHE C 443 2.29 -5.21 33.04
C PHE C 443 1.86 -5.61 31.63
N LEU C 444 2.33 -6.78 31.15
CA LEU C 444 1.93 -7.26 29.84
C LEU C 444 0.51 -7.85 29.84
N ASN C 445 -0.05 -8.12 31.03
CA ASN C 445 -1.42 -8.68 31.13
C ASN C 445 -2.50 -7.59 31.01
N GLN C 446 -2.56 -6.99 29.82
CA GLN C 446 -3.49 -5.92 29.50
C GLN C 446 -3.82 -6.07 28.01
N ALA C 447 -5.04 -5.68 27.64
CA ALA C 447 -5.52 -5.88 26.26
C ALA C 447 -6.51 -4.79 25.90
N GLY C 448 -6.44 -4.33 24.65
CA GLY C 448 -7.37 -3.35 24.10
C GLY C 448 -8.11 -3.83 22.86
N ALA C 449 -9.29 -3.26 22.66
CA ALA C 449 -10.07 -3.48 21.44
C ALA C 449 -10.72 -2.15 21.01
N LEU C 450 -11.12 -2.07 19.75
CA LEU C 450 -11.81 -0.92 19.20
C LEU C 450 -12.87 -1.51 18.29
N ILE C 451 -14.13 -1.15 18.51
CA ILE C 451 -15.23 -1.72 17.72
C ILE C 451 -15.99 -0.58 17.07
N HIS C 452 -16.27 -0.69 15.77
CA HIS C 452 -17.13 0.28 15.07
C HIS C 452 -18.34 -0.47 14.54
N VAL C 453 -19.48 0.18 14.63
CA VAL C 453 -20.69 -0.31 13.98
C VAL C 453 -21.03 0.69 12.87
N TYR C 454 -21.04 0.20 11.64
CA TYR C 454 -21.36 1.06 10.49
C TYR C 454 -22.87 1.15 10.30
N THR C 455 -23.33 2.09 9.50
CA THR C 455 -24.76 2.41 9.47
C THR C 455 -25.59 1.36 8.74
N ASP C 456 -24.95 0.38 8.09
CA ASP C 456 -25.68 -0.76 7.55
C ASP C 456 -25.81 -1.87 8.59
N GLY C 457 -25.33 -1.61 9.81
CA GLY C 457 -25.30 -2.62 10.85
C GLY C 457 -24.07 -3.53 10.88
N SER C 458 -23.21 -3.46 9.85
CA SER C 458 -22.01 -4.30 9.82
C SER C 458 -21.01 -3.78 10.86
N VAL C 459 -20.26 -4.71 11.45
CA VAL C 459 -19.41 -4.41 12.60
C VAL C 459 -17.96 -4.70 12.22
N LEU C 460 -17.06 -3.77 12.55
CA LEU C 460 -15.63 -4.02 12.35
C LEU C 460 -15.00 -4.05 13.71
N VAL C 461 -14.30 -5.15 13.99
CA VAL C 461 -13.61 -5.32 15.26
C VAL C 461 -12.10 -5.24 15.04
N SER C 462 -11.41 -4.50 15.90
CA SER C 462 -9.98 -4.54 15.91
C SER C 462 -9.54 -4.83 17.34
N HIS C 463 -8.50 -5.64 17.49
CA HIS C 463 -7.98 -5.89 18.83
C HIS C 463 -6.47 -5.96 18.75
N GLY C 464 -5.81 -6.00 19.91
CA GLY C 464 -4.33 -5.98 19.93
C GLY C 464 -3.70 -7.28 19.43
N GLY C 465 -4.49 -8.36 19.37
CA GLY C 465 -3.96 -9.69 19.03
C GLY C 465 -3.70 -9.92 17.53
N THR C 466 -2.71 -10.75 17.24
CA THR C 466 -2.36 -11.08 15.85
C THR C 466 -2.71 -12.54 15.55
N GLU C 467 -3.13 -12.80 14.31
CA GLU C 467 -3.46 -14.15 13.84
C GLU C 467 -2.22 -14.87 13.27
N MET C 468 -1.88 -16.01 13.84
CA MET C 468 -0.73 -16.75 13.38
C MET C 468 -1.13 -18.20 13.07
N GLY C 469 -2.43 -18.44 12.95
CA GLY C 469 -2.95 -19.78 12.68
C GLY C 469 -3.73 -20.37 13.84
N GLN C 470 -3.64 -19.73 15.02
CA GLN C 470 -4.29 -20.27 16.24
C GLN C 470 -5.81 -20.02 16.29
N GLY C 471 -6.32 -19.25 15.33
CA GLY C 471 -7.75 -19.03 15.25
C GLY C 471 -8.26 -17.94 16.18
N LEU C 472 -7.37 -17.00 16.52
CA LEU C 472 -7.73 -15.92 17.42
C LEU C 472 -8.86 -15.10 16.81
N HIS C 473 -8.71 -14.69 15.54
CA HIS C 473 -9.78 -13.86 14.95
C HIS C 473 -11.13 -14.60 14.91
N THR C 474 -11.10 -15.87 14.54
CA THR C 474 -12.30 -16.70 14.57
C THR C 474 -12.98 -16.63 15.96
N LYS C 475 -12.23 -16.95 17.02
CA LYS C 475 -12.74 -16.87 18.41
C LYS C 475 -13.27 -15.50 18.81
N MET C 476 -12.62 -14.44 18.36
CA MET C 476 -13.06 -13.07 18.70
C MET C 476 -14.39 -12.74 18.00
N VAL C 477 -14.55 -13.23 16.78
CA VAL C 477 -15.82 -13.08 16.06
C VAL C 477 -16.94 -13.85 16.77
N GLN C 478 -16.64 -15.06 17.24
CA GLN C 478 -17.61 -15.87 17.99
C GLN C 478 -18.04 -15.14 19.25
N VAL C 479 -17.07 -14.59 19.97
CA VAL C 479 -17.31 -13.81 21.21
C VAL C 479 -18.16 -12.55 20.93
N ALA C 480 -17.75 -11.75 19.94
CA ALA C 480 -18.46 -10.53 19.57
C ALA C 480 -19.93 -10.83 19.21
N SER C 481 -20.12 -11.86 18.38
CA SER C 481 -21.44 -12.33 17.95
C SER C 481 -22.34 -12.72 19.12
N LYS C 482 -21.80 -13.47 20.07
CA LYS C 482 -22.55 -13.85 21.27
C LYS C 482 -22.88 -12.64 22.14
N ALA C 483 -21.87 -11.80 22.37
CA ALA C 483 -22.01 -10.60 23.22
C ALA C 483 -23.08 -9.66 22.64
N LEU C 484 -23.05 -9.44 21.33
CA LEU C 484 -23.97 -8.50 20.69
C LEU C 484 -25.32 -9.09 20.26
N LYS C 485 -25.39 -10.42 20.32
CA LYS C 485 -26.55 -11.22 19.89
C LYS C 485 -26.89 -10.98 18.42
N ILE C 486 -25.85 -11.01 17.58
CA ILE C 486 -26.04 -10.94 16.12
C ILE C 486 -25.25 -12.07 15.47
N PRO C 487 -25.62 -12.45 14.23
CA PRO C 487 -24.86 -13.51 13.53
C PRO C 487 -23.41 -13.13 13.26
N ILE C 488 -22.52 -14.12 13.23
CA ILE C 488 -21.10 -13.89 12.88
C ILE C 488 -20.91 -13.25 11.50
N SER C 489 -21.87 -13.47 10.62
CA SER C 489 -21.81 -12.90 9.25
C SER C 489 -21.83 -11.37 9.28
N LYS C 490 -22.22 -10.76 10.40
CA LYS C 490 -22.25 -9.29 10.51
C LYS C 490 -20.95 -8.69 11.01
N ILE C 491 -20.02 -9.54 11.43
CA ILE C 491 -18.80 -9.09 12.12
C ILE C 491 -17.59 -9.38 11.24
N TYR C 492 -16.63 -8.47 11.21
CA TYR C 492 -15.41 -8.70 10.45
C TYR C 492 -14.21 -8.18 11.24
N ILE C 493 -13.08 -8.89 11.13
CA ILE C 493 -11.78 -8.42 11.63
C ILE C 493 -10.85 -8.46 10.40
N SER C 494 -10.23 -7.32 10.10
CA SER C 494 -9.40 -7.17 8.91
C SER C 494 -7.92 -7.42 9.21
N GLU C 495 -7.39 -6.79 10.25
CA GLU C 495 -5.96 -6.91 10.53
C GLU C 495 -5.68 -6.31 11.90
N THR C 496 -4.45 -6.47 12.35
CA THR C 496 -3.98 -5.85 13.57
C THR C 496 -3.13 -4.64 13.19
N SER C 497 -3.38 -3.49 13.80
CA SER C 497 -2.59 -2.30 13.48
C SER C 497 -2.35 -1.36 14.65
N THR C 498 -1.22 -0.68 14.63
CA THR C 498 -0.83 0.13 15.77
C THR C 498 -1.63 1.43 15.83
N ASN C 499 -2.32 1.78 14.74
CA ASN C 499 -3.13 3.01 14.74
C ASN C 499 -4.59 2.76 15.12
N THR C 500 -4.94 1.50 15.40
CA THR C 500 -6.28 1.20 15.92
C THR C 500 -6.22 0.80 17.39
N VAL C 501 -5.29 -0.09 17.77
CA VAL C 501 -5.05 -0.40 19.19
C VAL C 501 -3.57 -0.20 19.52
N PRO C 502 -3.23 0.84 20.31
CA PRO C 502 -1.81 1.14 20.57
C PRO C 502 -1.29 0.32 21.75
N ASN C 503 0.04 0.23 21.88
CA ASN C 503 0.70 -0.35 23.05
C ASN C 503 0.28 -1.79 23.36
N SER C 504 0.05 -2.61 22.33
CA SER C 504 -0.43 -3.97 22.60
C SER C 504 0.73 -4.85 23.07
N SER C 505 0.47 -5.76 24.01
CA SER C 505 1.47 -6.75 24.39
C SER C 505 1.64 -7.70 23.18
N PRO C 506 2.77 -8.43 23.13
CA PRO C 506 2.95 -9.43 22.09
C PRO C 506 1.84 -10.47 22.19
N THR C 507 1.47 -11.05 21.04
CA THR C 507 0.49 -12.11 21.01
C THR C 507 1.23 -13.37 21.44
N ALA C 508 1.05 -13.71 22.71
CA ALA C 508 1.91 -14.63 23.40
C ALA C 508 1.29 -15.06 24.71
N ALA C 509 1.95 -16.02 25.36
CA ALA C 509 1.58 -16.53 26.66
C ALA C 509 0.28 -17.33 26.67
N SER C 510 -0.25 -17.69 25.49
CA SER C 510 -1.55 -18.43 25.39
C SER C 510 -2.81 -17.71 25.91
N VAL C 511 -2.68 -16.44 26.23
CA VAL C 511 -3.77 -15.71 26.89
C VAL C 511 -4.54 -14.77 25.96
N SER C 512 -4.22 -14.77 24.68
CA SER C 512 -4.84 -13.78 23.78
C SER C 512 -6.36 -13.93 23.74
N THR C 513 -6.83 -15.15 23.61
CA THR C 513 -8.27 -15.40 23.64
C THR C 513 -8.89 -14.81 24.91
N ASP C 514 -8.23 -15.06 26.05
CA ASP C 514 -8.72 -14.61 27.36
C ASP C 514 -8.79 -13.08 27.42
N ILE C 515 -7.68 -12.42 27.08
CA ILE C 515 -7.58 -10.98 27.34
C ILE C 515 -8.21 -10.13 26.24
N TYR C 516 -7.98 -10.49 24.97
CA TYR C 516 -8.68 -9.80 23.88
C TYR C 516 -10.15 -10.16 23.86
N GLY C 517 -10.50 -11.37 24.26
CA GLY C 517 -11.92 -11.72 24.38
C GLY C 517 -12.64 -10.82 25.37
N GLN C 518 -12.01 -10.60 26.52
CA GLN C 518 -12.55 -9.71 27.54
C GLN C 518 -12.64 -8.23 27.05
N ALA C 519 -11.62 -7.77 26.33
CA ALA C 519 -11.60 -6.42 25.81
C ALA C 519 -12.72 -6.21 24.77
N VAL C 520 -12.89 -7.20 23.89
CA VAL C 520 -13.97 -7.18 22.87
C VAL C 520 -15.32 -7.20 23.57
N TYR C 521 -15.44 -8.06 24.58
CA TYR C 521 -16.69 -8.20 25.34
C TYR C 521 -17.11 -6.86 25.95
N GLU C 522 -16.14 -6.18 26.57
CA GLU C 522 -16.39 -4.89 27.19
C GLU C 522 -16.80 -3.81 26.18
N ALA C 523 -16.13 -3.78 25.04
CA ALA C 523 -16.52 -2.87 23.96
C ALA C 523 -17.94 -3.18 23.51
N CYS C 524 -18.25 -4.47 23.42
CA CYS C 524 -19.60 -4.89 23.02
C CYS C 524 -20.65 -4.42 24.03
N GLN C 525 -20.33 -4.50 25.32
CA GLN C 525 -21.25 -4.02 26.38
C GLN C 525 -21.54 -2.54 26.27
N THR C 526 -20.53 -1.76 25.94
CA THR C 526 -20.70 -0.33 25.73
C THR C 526 -21.69 -0.05 24.59
N ILE C 527 -21.48 -0.71 23.44
CA ILE C 527 -22.38 -0.58 22.29
C ILE C 527 -23.82 -0.96 22.68
N LEU C 528 -23.98 -2.10 23.35
CA LEU C 528 -25.28 -2.53 23.84
C LEU C 528 -25.93 -1.52 24.78
N LYS C 529 -25.14 -0.92 25.68
CA LYS C 529 -25.67 0.12 26.55
C LYS C 529 -26.18 1.33 25.74
N ARG C 530 -25.45 1.70 24.69
CA ARG C 530 -25.83 2.83 23.86
C ARG C 530 -27.07 2.57 22.99
N LEU C 531 -27.25 1.31 22.57
CA LEU C 531 -28.40 0.98 21.74
C LEU C 531 -29.65 0.67 22.54
N GLU C 532 -29.51 0.48 23.85
CA GLU C 532 -30.63 0.00 24.70
C GLU C 532 -31.91 0.88 24.55
N PRO C 533 -31.77 2.23 24.65
CA PRO C 533 -32.96 3.10 24.49
C PRO C 533 -33.69 2.88 23.16
N PHE C 534 -32.96 2.54 22.11
CA PHE C 534 -33.54 2.34 20.77
C PHE C 534 -34.21 0.99 20.69
N LYS C 535 -33.60 -0.01 21.31
CA LYS C 535 -34.19 -1.34 21.45
C LYS C 535 -35.51 -1.27 22.21
N LYS C 536 -35.52 -0.48 23.29
CA LYS C 536 -36.73 -0.27 24.12
C LYS C 536 -37.86 0.37 23.34
N LYS C 537 -37.54 1.36 22.50
CA LYS C 537 -38.53 2.05 21.68
C LYS C 537 -39.09 1.15 20.59
N ASN C 538 -38.26 0.23 20.10
CA ASN C 538 -38.60 -0.58 18.94
C ASN C 538 -38.19 -2.03 19.18
N PRO C 539 -38.85 -2.73 20.14
CA PRO C 539 -38.42 -4.08 20.57
C PRO C 539 -38.55 -5.17 19.51
N ASP C 540 -39.40 -4.94 18.51
CA ASP C 540 -39.54 -5.91 17.42
C ASP C 540 -38.80 -5.45 16.17
N GLY C 541 -37.96 -4.44 16.33
CA GLY C 541 -37.09 -3.97 15.25
C GLY C 541 -35.90 -4.88 15.04
N SER C 542 -35.19 -4.66 13.93
CA SER C 542 -33.96 -5.41 13.67
C SER C 542 -32.76 -4.63 14.24
N TRP C 543 -31.63 -5.31 14.37
CA TRP C 543 -30.34 -4.70 14.66
C TRP C 543 -30.11 -3.48 13.75
N GLU C 544 -30.36 -3.65 12.46
CA GLU C 544 -30.16 -2.59 11.48
C GLU C 544 -31.00 -1.35 11.80
N ASP C 545 -32.24 -1.59 12.20
CA ASP C 545 -33.17 -0.53 12.60
C ASP C 545 -32.63 0.23 13.79
N TRP C 546 -32.18 -0.49 14.82
CA TRP C 546 -31.67 0.14 16.03
C TRP C 546 -30.41 0.96 15.75
N VAL C 547 -29.52 0.40 14.92
CA VAL C 547 -28.26 1.07 14.58
C VAL C 547 -28.54 2.38 13.82
N MET C 548 -29.41 2.31 12.81
CA MET C 548 -29.79 3.52 12.07
C MET C 548 -30.49 4.60 12.96
N ALA C 549 -31.32 4.15 13.91
CA ALA C 549 -31.94 5.07 14.87
C ALA C 549 -30.91 5.77 15.75
N ALA C 550 -29.92 5.01 16.19
CA ALA C 550 -28.86 5.56 17.03
C ALA C 550 -28.06 6.59 16.24
N TYR C 551 -27.72 6.24 15.00
CA TYR C 551 -26.96 7.15 14.14
C TYR C 551 -27.73 8.48 13.94
N GLN C 552 -29.01 8.37 13.64
CA GLN C 552 -29.83 9.56 13.38
C GLN C 552 -30.11 10.37 14.64
N ASP C 553 -29.89 9.75 15.80
CA ASP C 553 -30.02 10.42 17.10
C ASP C 553 -28.66 10.90 17.63
N ARG C 554 -27.64 10.76 16.79
CA ARG C 554 -26.28 11.22 17.08
C ARG C 554 -25.75 10.57 18.35
N VAL C 555 -25.90 9.24 18.40
CA VAL C 555 -25.27 8.39 19.39
C VAL C 555 -24.04 7.71 18.74
N SER C 556 -22.89 7.76 19.43
CA SER C 556 -21.63 7.26 18.85
C SER C 556 -21.72 5.74 18.71
N LEU C 557 -21.29 5.22 17.57
CA LEU C 557 -21.30 3.76 17.34
C LEU C 557 -19.87 3.19 17.28
N SER C 558 -18.97 3.85 18.02
CA SER C 558 -17.59 3.45 18.12
C SER C 558 -17.13 3.50 19.56
N THR C 559 -16.42 2.45 19.99
CA THR C 559 -15.90 2.45 21.35
C THR C 559 -14.64 1.61 21.48
N THR C 560 -13.81 1.98 22.45
CA THR C 560 -12.72 1.13 22.90
C THR C 560 -13.23 0.15 23.97
N GLY C 561 -12.46 -0.90 24.19
CA GLY C 561 -12.64 -1.83 25.28
C GLY C 561 -11.24 -2.09 25.82
N PHE C 562 -11.14 -2.35 27.12
CA PHE C 562 -9.85 -2.60 27.76
C PHE C 562 -10.06 -3.59 28.89
N TYR C 563 -9.08 -4.48 29.04
CA TYR C 563 -9.08 -5.47 30.12
C TYR C 563 -7.69 -5.57 30.71
N ARG C 564 -7.64 -5.68 32.04
CA ARG C 564 -6.40 -5.84 32.78
C ARG C 564 -6.66 -7.04 33.72
N THR C 565 -5.84 -8.09 33.63
CA THR C 565 -5.97 -9.27 34.52
C THR C 565 -5.80 -8.87 35.99
N PRO C 566 -6.79 -9.19 36.85
CA PRO C 566 -6.76 -8.77 38.25
C PRO C 566 -5.89 -9.67 39.13
N ASN C 567 -5.41 -9.12 40.24
CA ASN C 567 -4.77 -9.87 41.32
C ASN C 567 -3.51 -10.61 40.93
N LEU C 568 -2.69 -9.96 40.12
CA LEU C 568 -1.41 -10.51 39.67
C LEU C 568 -0.25 -9.76 40.28
N GLY C 569 0.83 -10.48 40.55
CA GLY C 569 2.06 -9.88 41.07
C GLY C 569 2.76 -10.78 42.06
N TYR C 570 3.58 -11.69 41.55
CA TYR C 570 4.43 -12.53 42.38
C TYR C 570 5.72 -11.81 42.76
N SER C 571 6.17 -12.01 44.00
CA SER C 571 7.43 -11.42 44.47
C SER C 571 8.44 -12.51 44.77
N PHE C 572 9.56 -12.53 44.04
CA PHE C 572 10.68 -13.43 44.37
C PHE C 572 11.27 -13.08 45.77
N GLU C 573 11.04 -11.84 46.22
CA GLU C 573 11.31 -11.39 47.60
C GLU C 573 10.00 -11.30 48.42
N THR C 574 9.49 -12.48 48.76
CA THR C 574 8.52 -12.81 49.82
C THR C 574 8.01 -14.22 49.48
N ASN C 575 8.29 -14.64 48.25
CA ASN C 575 7.74 -15.88 47.68
C ASN C 575 6.21 -15.91 47.85
N SER C 576 5.58 -14.81 47.48
CA SER C 576 4.12 -14.66 47.60
C SER C 576 3.57 -13.76 46.49
N GLY C 577 2.25 -13.72 46.37
CA GLY C 577 1.55 -13.01 45.27
C GLY C 577 1.28 -13.98 44.13
N ASN C 578 0.16 -13.81 43.43
CA ASN C 578 -0.19 -14.71 42.33
C ASN C 578 0.69 -14.47 41.11
N ALA C 579 1.33 -15.54 40.66
CA ALA C 579 2.12 -15.49 39.45
C ALA C 579 1.23 -15.68 38.24
N PHE C 580 0.17 -16.48 38.41
CA PHE C 580 -0.71 -16.82 37.30
C PHE C 580 -2.18 -16.61 37.65
N HIS C 581 -2.99 -16.43 36.61
CA HIS C 581 -4.41 -16.23 36.79
C HIS C 581 -5.08 -17.56 37.13
N TYR C 582 -4.66 -18.61 36.43
CA TYR C 582 -5.14 -19.97 36.65
C TYR C 582 -4.17 -20.91 35.93
N PHE C 583 -4.50 -22.21 35.95
CA PHE C 583 -3.65 -23.23 35.34
C PHE C 583 -4.43 -24.06 34.35
N THR C 584 -3.79 -24.45 33.25
CA THR C 584 -4.38 -25.40 32.29
C THR C 584 -3.71 -26.74 32.59
N TYR C 585 -4.51 -27.81 32.53
CA TYR C 585 -4.05 -29.16 32.90
C TYR C 585 -4.29 -30.18 31.78
N GLY C 586 -3.51 -31.25 31.78
CA GLY C 586 -3.71 -32.30 30.79
C GLY C 586 -2.91 -33.52 31.14
N VAL C 587 -3.26 -34.63 30.51
CA VAL C 587 -2.55 -35.89 30.68
C VAL C 587 -2.42 -36.56 29.32
N ALA C 588 -1.29 -37.23 29.09
CA ALA C 588 -1.09 -37.96 27.85
C ALA C 588 -0.46 -39.32 28.10
N CYS C 589 -0.98 -40.32 27.40
CA CYS C 589 -0.43 -41.66 27.46
C CYS C 589 0.10 -41.99 26.06
N SER C 590 1.33 -42.46 25.95
CA SER C 590 1.89 -42.85 24.65
C SER C 590 2.58 -44.21 24.67
N GLU C 591 2.47 -44.90 23.53
CA GLU C 591 3.12 -46.20 23.32
C GLU C 591 4.00 -46.15 22.10
N VAL C 592 5.20 -46.72 22.21
CA VAL C 592 6.17 -46.73 21.11
C VAL C 592 6.76 -48.13 20.89
N GLU C 593 7.31 -48.38 19.72
CA GLU C 593 8.13 -49.59 19.51
C GLU C 593 9.50 -49.14 19.01
N ILE C 594 10.56 -49.58 19.68
CA ILE C 594 11.91 -49.24 19.23
C ILE C 594 12.57 -50.42 18.50
N ASP C 595 13.40 -50.11 17.51
CA ASP C 595 14.26 -51.09 16.88
C ASP C 595 15.61 -50.99 17.57
N CYS C 596 15.92 -51.94 18.44
CA CYS C 596 17.13 -51.90 19.23
C CYS C 596 18.41 -51.97 18.41
N LEU C 597 18.31 -52.46 17.17
CA LEU C 597 19.48 -52.57 16.31
C LEU C 597 19.81 -51.30 15.52
N THR C 598 18.84 -50.42 15.34
CA THR C 598 19.02 -49.22 14.52
C THR C 598 18.75 -47.91 15.25
N GLY C 599 18.04 -47.99 16.37
CA GLY C 599 17.63 -46.80 17.10
C GLY C 599 16.39 -46.10 16.55
N ASP C 600 15.85 -46.60 15.44
CA ASP C 600 14.58 -46.09 14.88
C ASP C 600 13.41 -46.51 15.80
N HIS C 601 12.32 -45.75 15.78
CA HIS C 601 11.15 -46.13 16.59
C HIS C 601 9.86 -45.76 15.87
N LYS C 602 8.77 -46.39 16.30
CA LYS C 602 7.43 -46.12 15.75
C LYS C 602 6.55 -45.62 16.89
N ASN C 603 5.82 -44.53 16.66
CA ASN C 603 4.80 -44.07 17.61
C ASN C 603 3.52 -44.81 17.32
N LEU C 604 3.10 -45.65 18.26
CA LEU C 604 2.01 -46.60 18.00
C LEU C 604 0.65 -46.01 18.32
N ARG C 605 0.57 -45.32 19.46
CA ARG C 605 -0.71 -44.80 19.94
C ARG C 605 -0.50 -43.77 21.03
N THR C 606 -1.26 -42.68 20.94
CA THR C 606 -1.25 -41.64 21.95
C THR C 606 -2.70 -41.29 22.28
N ASP C 607 -2.98 -41.20 23.58
CA ASP C 607 -4.26 -40.68 24.09
C ASP C 607 -4.00 -39.47 24.94
N ILE C 608 -4.72 -38.40 24.66
CA ILE C 608 -4.57 -37.16 25.39
C ILE C 608 -5.92 -36.73 26.00
N VAL C 609 -5.94 -36.34 27.27
CA VAL C 609 -7.12 -35.70 27.86
C VAL C 609 -6.71 -34.33 28.38
N MET C 610 -7.33 -33.26 27.84
CA MET C 610 -6.99 -31.88 28.20
C MET C 610 -8.17 -31.13 28.87
N ASP C 611 -7.87 -30.41 29.97
CA ASP C 611 -8.82 -29.49 30.61
C ASP C 611 -8.67 -28.13 29.99
N VAL C 612 -9.62 -27.78 29.14
CA VAL C 612 -9.60 -26.49 28.47
C VAL C 612 -10.82 -25.65 28.86
N GLY C 613 -11.35 -25.93 30.05
CA GLY C 613 -12.58 -25.30 30.51
C GLY C 613 -13.72 -25.59 29.53
N SER C 614 -14.63 -24.64 29.36
CA SER C 614 -15.68 -24.74 28.36
C SER C 614 -15.15 -24.13 27.07
N SER C 615 -14.76 -24.97 26.13
CA SER C 615 -14.08 -24.48 24.93
C SER C 615 -14.93 -23.49 24.13
N LEU C 616 -14.37 -22.32 23.78
CA LEU C 616 -15.05 -21.40 22.84
C LEU C 616 -15.29 -22.07 21.48
N ASN C 617 -14.39 -22.96 21.09
CA ASN C 617 -14.45 -23.58 19.78
C ASN C 617 -13.67 -24.88 19.86
N PRO C 618 -14.39 -26.02 20.01
CA PRO C 618 -13.74 -27.33 20.22
C PRO C 618 -12.85 -27.73 19.07
N ALA C 619 -13.17 -27.29 17.85
CA ALA C 619 -12.36 -27.66 16.70
C ALA C 619 -11.01 -26.93 16.74
N ILE C 620 -11.05 -25.63 17.03
CA ILE C 620 -9.81 -24.89 17.14
C ILE C 620 -8.99 -25.44 18.29
N ASP C 621 -9.64 -25.66 19.44
CA ASP C 621 -8.94 -26.17 20.64
C ASP C 621 -8.32 -27.56 20.45
N ILE C 622 -9.05 -28.49 19.84
CA ILE C 622 -8.49 -29.81 19.55
C ILE C 622 -7.31 -29.71 18.59
N GLY C 623 -7.43 -28.84 17.60
CA GLY C 623 -6.33 -28.55 16.67
C GLY C 623 -5.09 -27.99 17.36
N GLN C 624 -5.29 -27.14 18.37
CA GLN C 624 -4.19 -26.63 19.17
C GLN C 624 -3.52 -27.73 19.99
N VAL C 625 -4.33 -28.61 20.55
CA VAL C 625 -3.76 -29.72 21.34
C VAL C 625 -2.90 -30.63 20.47
N GLU C 626 -3.46 -31.07 19.34
CA GLU C 626 -2.75 -31.93 18.38
C GLU C 626 -1.47 -31.27 17.84
N GLY C 627 -1.55 -29.99 17.47
CA GLY C 627 -0.39 -29.27 16.95
C GLY C 627 0.73 -29.09 17.96
N ALA C 628 0.36 -28.71 19.17
CA ALA C 628 1.31 -28.48 20.25
C ALA C 628 1.99 -29.82 20.57
N PHE C 629 1.18 -30.88 20.68
CA PHE C 629 1.72 -32.19 21.03
C PHE C 629 2.76 -32.63 20.01
N VAL C 630 2.45 -32.44 18.73
CA VAL C 630 3.39 -32.85 17.67
C VAL C 630 4.71 -32.01 17.71
N GLN C 631 4.60 -30.72 18.00
CA GLN C 631 5.82 -29.92 18.17
C GLN C 631 6.67 -30.42 19.35
N GLY C 632 5.99 -30.93 20.38
CA GLY C 632 6.64 -31.51 21.58
C GLY C 632 7.29 -32.84 21.25
N LEU C 633 6.57 -33.67 20.49
CA LEU C 633 7.13 -34.87 19.89
C LEU C 633 8.43 -34.54 19.14
N GLY C 634 8.40 -33.46 18.35
CA GLY C 634 9.59 -33.01 17.62
C GLY C 634 10.72 -32.65 18.59
N LEU C 635 10.42 -31.80 19.57
CA LEU C 635 11.38 -31.33 20.58
C LEU C 635 12.10 -32.49 21.29
N PHE C 636 11.33 -33.47 21.74
CA PHE C 636 11.88 -34.54 22.54
C PHE C 636 12.45 -35.73 21.76
N THR C 637 12.12 -35.85 20.48
CA THR C 637 12.50 -37.09 19.77
C THR C 637 13.06 -36.96 18.37
N LEU C 638 12.93 -35.81 17.71
CA LEU C 638 13.26 -35.72 16.29
C LEU C 638 14.20 -34.57 15.98
N GLU C 639 13.96 -33.44 16.62
CA GLU C 639 14.58 -32.19 16.21
C GLU C 639 15.88 -31.98 16.92
N GLU C 640 16.94 -31.79 16.16
CA GLU C 640 18.26 -31.69 16.74
C GLU C 640 19.08 -30.66 16.01
N LEU C 641 19.50 -29.62 16.72
CA LEU C 641 20.39 -28.60 16.14
C LEU C 641 21.82 -29.00 16.43
N HIS C 642 22.68 -28.86 15.42
CA HIS C 642 24.05 -29.29 15.53
C HIS C 642 24.98 -28.17 15.05
N TYR C 643 26.02 -27.92 15.84
CA TYR C 643 26.97 -26.83 15.61
C TYR C 643 28.36 -27.42 15.44
N SER C 644 29.17 -26.77 14.63
CA SER C 644 30.61 -27.05 14.56
C SER C 644 31.28 -26.65 15.90
N PRO C 645 32.51 -27.14 16.16
CA PRO C 645 33.22 -26.71 17.38
C PRO C 645 33.46 -25.22 17.44
N GLU C 646 33.49 -24.58 16.26
CA GLU C 646 33.65 -23.13 16.12
C GLU C 646 32.33 -22.36 16.29
N GLY C 647 31.25 -23.04 16.65
CA GLY C 647 29.96 -22.41 16.90
C GLY C 647 29.12 -22.10 15.67
N SER C 648 29.38 -22.76 14.55
CA SER C 648 28.61 -22.54 13.33
C SER C 648 27.52 -23.59 13.14
N LEU C 649 26.28 -23.16 12.97
CA LEU C 649 25.15 -24.09 12.85
C LEU C 649 25.28 -24.95 11.57
N HIS C 650 25.22 -26.27 11.71
CA HIS C 650 25.26 -27.18 10.58
C HIS C 650 23.86 -27.42 9.98
N THR C 651 22.85 -27.41 10.84
CA THR C 651 21.53 -27.87 10.44
C THR C 651 20.68 -26.65 10.11
N ARG C 652 20.57 -26.32 8.81
CA ARG C 652 19.98 -25.06 8.34
C ARG C 652 18.85 -25.21 7.32
N GLY C 653 18.22 -26.37 7.30
CA GLY C 653 17.12 -26.60 6.37
C GLY C 653 16.50 -27.95 6.64
N PRO C 654 15.38 -28.23 5.98
CA PRO C 654 14.63 -29.48 6.17
C PRO C 654 15.43 -30.76 5.85
N SER C 655 16.49 -30.64 5.07
CA SER C 655 17.31 -31.83 4.75
C SER C 655 18.12 -32.32 5.96
N THR C 656 18.46 -31.39 6.85
CA THR C 656 19.34 -31.68 8.00
C THR C 656 18.68 -31.42 9.33
N TYR C 657 17.47 -30.85 9.29
CA TYR C 657 16.70 -30.58 10.51
C TYR C 657 15.32 -31.16 10.29
N LYS C 658 14.97 -32.18 11.09
CA LYS C 658 13.75 -32.95 10.81
C LYS C 658 12.65 -32.59 11.78
N ILE C 659 11.66 -31.86 11.31
CA ILE C 659 10.44 -31.64 12.11
C ILE C 659 9.53 -32.83 11.81
N PRO C 660 8.54 -33.10 12.68
CA PRO C 660 7.56 -34.16 12.43
C PRO C 660 6.96 -34.06 11.03
N ALA C 661 6.83 -35.22 10.40
CA ALA C 661 6.28 -35.36 9.06
C ALA C 661 4.96 -36.11 9.17
N PHE C 662 4.20 -36.21 8.07
CA PHE C 662 2.94 -36.95 8.05
C PHE C 662 3.14 -38.34 8.66
N GLY C 663 4.21 -39.01 8.23
CA GLY C 663 4.58 -40.32 8.72
C GLY C 663 5.06 -40.43 10.17
N SER C 664 5.28 -39.29 10.84
CA SER C 664 5.81 -39.29 12.22
C SER C 664 4.76 -39.47 13.33
N ILE C 665 3.51 -39.16 13.03
CA ILE C 665 2.51 -39.05 14.10
C ILE C 665 2.05 -40.43 14.53
N PRO C 666 1.57 -40.56 15.79
CA PRO C 666 1.14 -41.85 16.28
C PRO C 666 0.07 -42.46 15.36
N THR C 667 0.15 -43.77 15.13
CA THR C 667 -0.79 -44.47 14.26
C THR C 667 -2.25 -44.28 14.74
N GLU C 668 -2.45 -44.42 16.04
CA GLU C 668 -3.72 -44.10 16.67
C GLU C 668 -3.49 -42.86 17.53
N PHE C 669 -4.24 -41.79 17.25
CA PHE C 669 -3.96 -40.49 17.86
C PHE C 669 -5.29 -39.95 18.36
N ARG C 670 -5.53 -40.06 19.68
CA ARG C 670 -6.84 -39.67 20.23
C ARG C 670 -6.78 -38.48 21.19
N VAL C 671 -7.60 -37.46 20.94
CA VAL C 671 -7.63 -36.30 21.85
C VAL C 671 -9.05 -36.11 22.35
N SER C 672 -9.17 -35.93 23.67
CA SER C 672 -10.44 -35.62 24.32
C SER C 672 -10.31 -34.32 25.10
N LEU C 673 -11.35 -33.50 25.06
CA LEU C 673 -11.43 -32.37 25.96
C LEU C 673 -12.29 -32.77 27.16
N LEU C 674 -11.81 -32.46 28.36
CA LEU C 674 -12.53 -32.80 29.59
C LEU C 674 -13.89 -32.12 29.60
N ARG C 675 -14.93 -32.87 29.99
CA ARG C 675 -16.29 -32.34 30.04
C ARG C 675 -16.61 -31.71 31.40
N ASP C 676 -17.57 -30.78 31.40
CA ASP C 676 -18.13 -30.22 32.63
C ASP C 676 -17.06 -29.71 33.60
N CYS C 677 -16.21 -28.79 33.09
CA CYS C 677 -15.19 -28.15 33.93
C CYS C 677 -15.05 -26.65 33.55
N PRO C 678 -16.14 -25.87 33.70
CA PRO C 678 -16.07 -24.45 33.37
C PRO C 678 -15.02 -23.71 34.21
N ASN C 679 -14.31 -22.78 33.57
CA ASN C 679 -13.35 -21.92 34.24
C ASN C 679 -13.97 -20.56 34.56
N LYS C 680 -14.15 -20.28 35.85
CA LYS C 680 -14.76 -19.02 36.29
C LYS C 680 -13.89 -17.79 35.99
N LYS C 681 -12.59 -18.01 35.75
CA LYS C 681 -11.60 -16.92 35.62
C LYS C 681 -11.42 -16.33 34.20
N ALA C 682 -12.02 -16.93 33.18
CA ALA C 682 -11.81 -16.43 31.82
C ALA C 682 -13.10 -16.34 31.03
N ILE C 683 -12.99 -15.66 29.87
CA ILE C 683 -14.13 -15.40 28.98
C ILE C 683 -14.99 -16.63 28.62
N TYR C 684 -16.28 -16.54 28.91
CA TYR C 684 -17.25 -17.63 28.69
C TYR C 684 -16.78 -19.01 29.22
N ALA C 685 -16.08 -18.99 30.36
CA ALA C 685 -15.63 -20.21 31.06
C ALA C 685 -14.57 -21.04 30.37
N SER C 686 -13.88 -20.45 29.39
CA SER C 686 -12.85 -21.14 28.62
C SER C 686 -11.48 -21.10 29.35
N LYS C 687 -10.52 -21.87 28.83
CA LYS C 687 -9.13 -21.80 29.28
C LYS C 687 -8.16 -21.75 28.10
N ALA C 688 -7.00 -21.14 28.32
CA ALA C 688 -5.93 -21.07 27.31
C ALA C 688 -5.52 -22.47 26.92
N VAL C 689 -5.20 -22.66 25.63
CA VAL C 689 -4.84 -23.99 25.09
C VAL C 689 -3.57 -24.01 24.22
N GLY C 690 -3.06 -22.84 23.85
CA GLY C 690 -1.99 -22.78 22.85
C GLY C 690 -0.73 -23.55 23.20
N GLU C 691 -0.17 -23.23 24.38
CA GLU C 691 1.12 -23.74 24.84
C GLU C 691 1.04 -24.95 25.78
N PRO C 692 0.05 -24.96 26.71
CA PRO C 692 -0.01 -26.07 27.69
C PRO C 692 0.18 -27.51 27.16
N PRO C 693 -0.39 -27.88 25.99
CA PRO C 693 -0.24 -29.29 25.57
C PRO C 693 1.15 -29.69 25.02
N LEU C 694 2.04 -28.75 24.72
CA LEU C 694 3.28 -29.11 24.04
C LEU C 694 4.09 -30.11 24.88
N PHE C 695 4.15 -29.86 26.18
CA PHE C 695 4.94 -30.75 27.02
C PHE C 695 4.42 -32.19 27.02
N LEU C 696 3.14 -32.39 26.75
CA LEU C 696 2.63 -33.76 26.69
C LEU C 696 3.31 -34.65 25.63
N GLY C 697 3.93 -34.02 24.61
CA GLY C 697 4.81 -34.72 23.66
C GLY C 697 5.90 -35.54 24.35
N ALA C 698 6.28 -35.14 25.58
CA ALA C 698 7.24 -35.90 26.37
C ALA C 698 6.79 -37.32 26.73
N SER C 699 5.47 -37.57 26.68
CA SER C 699 4.97 -38.95 26.90
C SER C 699 5.69 -39.92 25.95
N VAL C 700 5.97 -39.46 24.73
CA VAL C 700 6.71 -40.28 23.78
C VAL C 700 8.15 -40.53 24.24
N PHE C 701 8.80 -39.48 24.74
CA PHE C 701 10.17 -39.61 25.24
C PHE C 701 10.20 -40.63 26.37
N PHE C 702 9.28 -40.53 27.30
CA PHE C 702 9.33 -41.41 28.47
C PHE C 702 8.88 -42.85 28.14
N ALA C 703 8.03 -43.01 27.13
CA ALA C 703 7.75 -44.34 26.53
C ALA C 703 9.00 -44.94 25.85
N ILE C 704 9.76 -44.11 25.13
CA ILE C 704 11.04 -44.56 24.55
C ILE C 704 11.99 -45.00 25.65
N LYS C 705 12.07 -44.24 26.73
CA LYS C 705 12.98 -44.54 27.85
C LYS C 705 12.58 -45.87 28.52
N ASP C 706 11.28 -46.14 28.59
CA ASP C 706 10.72 -47.42 29.04
C ASP C 706 11.18 -48.59 28.15
N ALA C 707 11.05 -48.42 26.84
CA ALA C 707 11.50 -49.42 25.86
C ALA C 707 13.01 -49.70 25.96
N ILE C 708 13.79 -48.65 26.15
CA ILE C 708 15.24 -48.77 26.34
C ILE C 708 15.57 -49.58 27.60
N ARG C 709 14.90 -49.25 28.69
CA ARG C 709 14.99 -50.03 29.91
C ARG C 709 14.79 -51.53 29.66
N ALA C 710 13.75 -51.87 28.91
CA ALA C 710 13.50 -53.27 28.52
C ALA C 710 14.64 -53.84 27.65
N ALA C 711 15.16 -53.03 26.73
CA ALA C 711 16.30 -53.46 25.91
C ALA C 711 17.53 -53.72 26.79
N ARG C 712 17.77 -52.86 27.77
CA ARG C 712 18.94 -52.98 28.65
C ARG C 712 18.85 -54.23 29.57
N ALA C 713 17.65 -54.52 30.03
CA ALA C 713 17.34 -55.75 30.76
C ALA C 713 17.54 -56.99 29.88
N GLN C 714 17.28 -56.88 28.58
CA GLN C 714 17.53 -57.96 27.64
C GLN C 714 19.04 -58.24 27.45
N HIS C 715 19.81 -57.20 27.13
CA HIS C 715 21.17 -57.37 26.59
C HIS C 715 22.31 -56.75 27.38
N THR C 716 22.01 -55.77 28.23
CA THR C 716 23.08 -55.15 29.01
C THR C 716 23.01 -55.92 30.33
N ASN C 717 22.86 -55.28 31.47
CA ASN C 717 23.03 -56.00 32.73
C ASN C 717 21.76 -56.66 33.31
N ASN C 718 21.83 -57.00 34.60
CA ASN C 718 20.73 -57.62 35.37
C ASN C 718 20.20 -56.67 36.44
N ASN C 719 20.69 -55.44 36.41
CA ASN C 719 20.34 -54.45 37.42
C ASN C 719 19.06 -53.68 37.05
N THR C 720 17.97 -54.06 37.70
CA THR C 720 16.63 -53.54 37.41
C THR C 720 16.43 -52.10 37.81
N LYS C 721 17.26 -51.64 38.73
CA LYS C 721 17.11 -50.33 39.33
C LYS C 721 18.20 -49.39 38.84
N GLU C 722 18.83 -49.79 37.74
CA GLU C 722 19.89 -49.01 37.13
C GLU C 722 19.33 -47.74 36.53
N LEU C 723 19.98 -46.61 36.81
CA LEU C 723 19.66 -45.35 36.18
C LEU C 723 20.69 -45.04 35.12
N PHE C 724 20.22 -44.79 33.91
CA PHE C 724 21.07 -44.34 32.82
C PHE C 724 20.54 -42.99 32.34
N ARG C 725 21.46 -42.12 31.94
CA ARG C 725 21.12 -40.79 31.48
C ARG C 725 20.71 -40.81 30.03
N LEU C 726 19.54 -40.24 29.75
CA LEU C 726 19.11 -40.09 28.36
C LEU C 726 18.77 -38.63 28.17
N ASP C 727 19.58 -37.96 27.35
CA ASP C 727 19.37 -36.55 27.13
C ASP C 727 18.32 -36.39 26.05
N SER C 728 17.76 -35.18 25.94
CA SER C 728 16.80 -34.86 24.89
C SER C 728 17.51 -34.02 23.81
N PRO C 729 17.15 -34.21 22.53
CA PRO C 729 16.15 -35.17 22.00
C PRO C 729 16.65 -36.62 21.94
N ALA C 730 15.73 -37.58 22.08
CA ALA C 730 16.04 -39.00 21.95
C ALA C 730 16.04 -39.40 20.47
N THR C 731 17.10 -38.97 19.77
CA THR C 731 17.33 -39.27 18.36
C THR C 731 17.74 -40.75 18.20
N PRO C 732 17.72 -41.27 16.96
CA PRO C 732 18.22 -42.65 16.79
C PRO C 732 19.63 -42.89 17.36
N GLU C 733 20.54 -41.92 17.22
CA GLU C 733 21.86 -42.02 17.85
C GLU C 733 21.81 -42.32 19.37
N LYS C 734 21.08 -41.48 20.11
CA LYS C 734 20.92 -41.65 21.56
C LYS C 734 20.24 -42.98 21.93
N ILE C 735 19.17 -43.34 21.22
CA ILE C 735 18.43 -44.58 21.49
C ILE C 735 19.36 -45.78 21.26
N ARG C 736 19.97 -45.84 20.08
CA ARG C 736 20.89 -46.93 19.73
C ARG C 736 22.04 -47.09 20.72
N ASN C 737 22.70 -45.97 21.03
CA ASN C 737 23.83 -45.97 21.97
C ASN C 737 23.44 -46.46 23.36
N ALA C 738 22.17 -46.22 23.74
CA ALA C 738 21.62 -46.62 25.05
C ALA C 738 21.30 -48.11 25.15
N CYS C 739 21.06 -48.74 24.00
CA CYS C 739 20.80 -50.16 23.91
C CYS C 739 22.11 -50.95 23.85
N VAL C 740 22.81 -50.97 24.99
CA VAL C 740 24.15 -51.55 25.08
C VAL C 740 24.03 -53.06 24.88
N ASP C 741 24.79 -53.58 23.93
CA ASP C 741 24.68 -54.98 23.53
C ASP C 741 26.00 -55.45 22.92
N LYS C 742 26.00 -56.62 22.29
CA LYS C 742 27.23 -57.20 21.72
C LYS C 742 27.81 -56.37 20.57
N PHE C 743 26.99 -55.50 19.97
CA PHE C 743 27.45 -54.58 18.92
C PHE C 743 28.09 -53.29 19.43
N THR C 744 27.43 -52.60 20.37
CA THR C 744 27.98 -51.35 20.91
C THR C 744 29.30 -51.60 21.65
N THR C 745 29.37 -52.74 22.32
CA THR C 745 30.55 -53.12 23.12
C THR C 745 31.66 -53.74 22.28
N LEU C 746 31.28 -54.19 21.09
CA LEU C 746 32.16 -55.00 20.22
C LEU C 746 32.41 -56.42 20.73
N CYS C 747 31.63 -56.86 21.71
CA CYS C 747 31.69 -58.27 22.12
C CYS C 747 31.43 -59.22 20.95
N VAL C 748 30.67 -58.77 19.95
CA VAL C 748 30.37 -59.61 18.80
C VAL C 748 31.66 -59.98 18.03
N THR C 749 32.71 -59.18 18.20
CA THR C 749 33.99 -59.41 17.55
C THR C 749 34.91 -60.38 18.30
N GLY C 750 34.50 -60.82 19.49
CA GLY C 750 35.32 -61.66 20.36
C GLY C 750 36.01 -60.90 21.49
N ALA C 751 36.00 -59.57 21.43
CA ALA C 751 36.58 -58.77 22.49
C ALA C 751 35.74 -58.93 23.75
N PRO C 752 36.34 -58.75 24.94
CA PRO C 752 35.52 -58.72 26.15
C PRO C 752 34.81 -57.38 26.21
N GLY C 753 33.70 -57.31 26.94
CA GLY C 753 32.90 -56.10 26.89
C GLY C 753 31.88 -55.99 27.97
N ASN C 754 31.28 -54.80 28.06
CA ASN C 754 30.39 -54.47 29.16
C ASN C 754 28.93 -54.80 28.87
N CYS C 755 28.68 -56.03 28.44
CA CYS C 755 27.34 -56.55 28.29
C CYS C 755 27.23 -57.99 28.79
N LYS C 756 26.02 -58.55 28.71
CA LYS C 756 25.70 -59.85 29.31
C LYS C 756 26.08 -60.98 28.36
N THR D 1 17.91 1.82 -34.58
CA THR D 1 18.33 3.14 -35.16
C THR D 1 17.28 4.26 -34.97
N ALA D 2 16.82 4.41 -33.74
CA ALA D 2 16.21 5.66 -33.30
C ALA D 2 17.21 6.29 -32.33
N ASP D 3 17.35 7.61 -32.36
CA ASP D 3 18.39 8.29 -31.61
C ASP D 3 18.10 8.34 -30.12
N GLU D 4 19.15 8.49 -29.32
CA GLU D 4 19.01 8.66 -27.87
C GLU D 4 18.65 10.10 -27.56
N LEU D 5 17.70 10.27 -26.63
CA LEU D 5 17.41 11.58 -26.07
C LEU D 5 18.14 11.72 -24.75
N VAL D 6 18.93 12.79 -24.62
CA VAL D 6 19.72 13.04 -23.42
C VAL D 6 19.38 14.41 -22.88
N PHE D 7 18.90 14.44 -21.64
CA PHE D 7 18.72 15.71 -20.93
C PHE D 7 19.05 15.52 -19.45
N PHE D 8 18.99 16.60 -18.67
CA PHE D 8 19.32 16.56 -17.25
C PHE D 8 18.12 16.97 -16.43
N VAL D 9 17.94 16.29 -15.31
CA VAL D 9 16.85 16.65 -14.39
C VAL D 9 17.44 16.77 -13.01
N ASN D 10 17.37 17.98 -12.44
CA ASN D 10 17.98 18.31 -11.13
C ASN D 10 19.46 17.91 -11.03
N GLY D 11 20.20 18.18 -12.11
CA GLY D 11 21.64 17.91 -12.16
C GLY D 11 22.02 16.49 -12.55
N LYS D 12 21.02 15.63 -12.76
CA LYS D 12 21.23 14.22 -13.00
C LYS D 12 20.94 13.84 -14.46
N LYS D 13 21.83 13.08 -15.08
CA LYS D 13 21.69 12.73 -16.49
C LYS D 13 20.58 11.70 -16.75
N VAL D 14 19.71 12.05 -17.69
CA VAL D 14 18.65 11.16 -18.17
C VAL D 14 18.93 10.75 -19.62
N VAL D 15 19.09 9.46 -19.87
CA VAL D 15 19.27 8.96 -21.22
C VAL D 15 18.05 8.11 -21.56
N GLU D 16 17.24 8.64 -22.46
CA GLU D 16 16.06 7.93 -22.93
C GLU D 16 16.38 7.32 -24.29
N LYS D 17 16.42 6.00 -24.34
CA LYS D 17 16.77 5.26 -25.55
C LYS D 17 15.56 5.05 -26.46
N ASN D 18 14.37 5.14 -25.88
CA ASN D 18 13.15 4.84 -26.57
C ASN D 18 12.10 5.93 -26.41
N ALA D 19 12.48 7.17 -26.70
CA ALA D 19 11.60 8.34 -26.53
C ALA D 19 10.41 8.32 -27.46
N ASP D 20 9.21 8.51 -26.89
CA ASP D 20 7.99 8.67 -27.67
C ASP D 20 7.72 10.17 -27.81
N PRO D 21 7.61 10.65 -29.06
CA PRO D 21 7.27 12.04 -29.39
C PRO D 21 6.03 12.60 -28.69
N GLU D 22 5.11 11.72 -28.31
CA GLU D 22 3.86 12.16 -27.67
C GLU D 22 4.02 12.42 -26.18
N THR D 23 5.15 11.99 -25.60
CA THR D 23 5.39 12.09 -24.17
C THR D 23 5.68 13.52 -23.73
N THR D 24 4.92 13.99 -22.74
CA THR D 24 5.17 15.32 -22.14
C THR D 24 6.21 15.18 -21.05
N LEU D 25 6.87 16.28 -20.75
CA LEU D 25 7.81 16.36 -19.66
C LEU D 25 7.11 15.97 -18.36
N LEU D 26 5.89 16.48 -18.15
CA LEU D 26 5.16 16.18 -16.90
C LEU D 26 4.91 14.67 -16.70
N ALA D 27 4.51 13.99 -17.76
CA ALA D 27 4.33 12.53 -17.72
C ALA D 27 5.66 11.84 -17.42
N TYR D 28 6.74 12.29 -18.06
CA TYR D 28 8.06 11.72 -17.81
C TYR D 28 8.53 11.91 -16.37
N LEU D 29 8.42 13.11 -15.85
CA LEU D 29 8.87 13.41 -14.50
C LEU D 29 8.07 12.57 -13.50
N ARG D 30 6.75 12.59 -13.64
CA ARG D 30 5.86 11.93 -12.64
C ARG D 30 5.92 10.42 -12.70
N ARG D 31 5.83 9.90 -13.92
CA ARG D 31 5.54 8.48 -14.15
C ARG D 31 6.72 7.61 -14.62
N LYS D 32 7.82 8.25 -15.04
CA LYS D 32 9.06 7.51 -15.31
C LYS D 32 10.07 7.80 -14.21
N LEU D 33 10.28 9.07 -13.90
CA LEU D 33 11.33 9.44 -12.94
C LEU D 33 10.86 9.45 -11.48
N GLY D 34 9.54 9.45 -11.29
CA GLY D 34 8.94 9.41 -9.98
C GLY D 34 9.16 10.68 -9.17
N LEU D 35 9.22 11.82 -9.85
CA LEU D 35 9.34 13.13 -9.23
C LEU D 35 7.98 13.82 -9.23
N ARG D 36 7.23 13.63 -8.15
CA ARG D 36 5.81 13.97 -8.13
C ARG D 36 5.49 15.35 -7.57
N GLY D 37 6.53 16.13 -7.26
CA GLY D 37 6.34 17.52 -6.83
C GLY D 37 5.67 18.40 -7.88
N THR D 38 5.99 18.16 -9.14
CA THR D 38 5.37 18.87 -10.26
C THR D 38 3.98 18.28 -10.53
N LYS D 39 2.95 19.13 -10.59
CA LYS D 39 1.53 18.67 -10.59
C LYS D 39 0.82 18.91 -11.92
N LEU D 40 -0.15 18.04 -12.22
CA LEU D 40 -1.15 18.28 -13.28
C LEU D 40 -2.36 19.00 -12.71
N GLY D 41 -2.62 20.22 -13.18
CA GLY D 41 -3.84 20.94 -12.76
C GLY D 41 -4.82 21.21 -13.91
N CYS D 42 -4.35 21.12 -15.15
CA CYS D 42 -5.22 21.41 -16.31
C CYS D 42 -4.78 20.74 -17.59
N GLY D 43 -3.46 20.61 -17.81
CA GLY D 43 -2.92 20.03 -19.03
C GLY D 43 -3.09 20.90 -20.28
N GLU D 44 -3.37 22.19 -20.10
CA GLU D 44 -3.56 23.10 -21.23
C GLU D 44 -2.81 24.43 -21.13
N GLY D 45 -1.84 24.52 -20.22
CA GLY D 45 -1.00 25.70 -20.10
C GLY D 45 -1.53 26.86 -19.28
N GLY D 46 -2.73 26.72 -18.71
CA GLY D 46 -3.36 27.85 -18.04
C GLY D 46 -3.16 27.99 -16.53
N CYS D 47 -2.73 26.94 -15.84
CA CYS D 47 -2.77 26.99 -14.38
C CYS D 47 -1.39 27.10 -13.73
N GLY D 48 -0.36 26.66 -14.44
CA GLY D 48 1.03 26.72 -13.96
C GLY D 48 1.41 25.75 -12.84
N ALA D 49 0.51 24.84 -12.47
CA ALA D 49 0.80 23.84 -11.44
C ALA D 49 1.99 22.95 -11.81
N CYS D 50 2.25 22.86 -13.11
CA CYS D 50 3.29 22.01 -13.67
C CYS D 50 4.58 22.79 -14.01
N THR D 51 4.70 24.01 -13.53
CA THR D 51 5.85 24.88 -13.84
C THR D 51 7.21 24.27 -13.38
N VAL D 52 8.17 24.22 -14.31
CA VAL D 52 9.56 23.82 -14.03
C VAL D 52 10.49 24.92 -14.57
N MET D 53 11.77 24.85 -14.21
CA MET D 53 12.70 25.80 -14.83
C MET D 53 13.53 25.05 -15.85
N LEU D 54 13.71 25.64 -17.02
CA LEU D 54 14.57 25.04 -18.00
C LEU D 54 15.82 25.91 -18.13
N SER D 55 16.96 25.27 -18.36
CA SER D 55 18.22 25.98 -18.58
C SER D 55 18.90 25.43 -19.81
N LYS D 56 19.45 26.32 -20.63
CA LYS D 56 20.28 25.86 -21.73
C LYS D 56 21.37 26.87 -22.06
N TYR D 57 22.42 26.35 -22.71
CA TYR D 57 23.45 27.19 -23.30
C TYR D 57 22.92 27.78 -24.61
N ASP D 58 22.81 29.10 -24.64
CA ASP D 58 22.30 29.81 -25.82
C ASP D 58 23.44 30.19 -26.77
N ARG D 59 23.56 29.44 -27.86
CA ARG D 59 24.60 29.65 -28.88
C ARG D 59 24.66 31.08 -29.41
N LEU D 60 23.53 31.80 -29.35
CA LEU D 60 23.47 33.17 -29.87
C LEU D 60 24.01 34.20 -28.88
N GLN D 61 23.34 34.39 -27.76
CA GLN D 61 23.80 35.37 -26.77
C GLN D 61 24.91 34.81 -25.89
N ASP D 62 25.53 33.72 -26.37
CA ASP D 62 26.49 32.89 -25.62
C ASP D 62 25.92 32.21 -24.37
N LYS D 63 25.41 33.00 -23.44
CA LYS D 63 25.19 32.62 -22.05
C LYS D 63 24.32 31.38 -21.81
N ILE D 64 24.38 30.88 -20.58
CA ILE D 64 23.37 29.98 -20.06
C ILE D 64 22.14 30.82 -19.74
N ILE D 65 21.00 30.45 -20.33
CA ILE D 65 19.74 31.11 -20.05
C ILE D 65 18.85 30.22 -19.17
N HIS D 66 18.04 30.85 -18.34
CA HIS D 66 17.08 30.15 -17.47
C HIS D 66 15.69 30.69 -17.71
N PHE D 67 14.72 29.82 -17.96
CA PHE D 67 13.34 30.28 -18.13
C PHE D 67 12.32 29.26 -17.61
N SER D 68 11.12 29.75 -17.34
CA SER D 68 10.02 28.88 -16.83
C SER D 68 9.22 28.28 -17.98
N ALA D 69 8.63 27.10 -17.75
CA ALA D 69 7.84 26.43 -18.78
C ALA D 69 6.84 25.49 -18.14
N ASN D 70 5.77 25.22 -18.86
CA ASN D 70 4.75 24.27 -18.43
C ASN D 70 5.20 22.88 -18.86
N ALA D 71 5.52 22.04 -17.89
CA ALA D 71 5.86 20.66 -18.18
C ALA D 71 4.72 19.87 -18.88
N CYS D 72 3.47 20.33 -18.73
CA CYS D 72 2.32 19.61 -19.31
C CYS D 72 2.27 19.77 -20.84
N LEU D 73 2.95 20.79 -21.36
CA LEU D 73 2.98 21.04 -22.81
C LEU D 73 4.34 20.83 -23.49
N ALA D 74 5.40 20.62 -22.71
CA ALA D 74 6.74 20.42 -23.24
C ALA D 74 6.92 18.98 -23.70
N PRO D 75 7.07 18.74 -25.02
CA PRO D 75 7.45 17.43 -25.49
C PRO D 75 8.85 17.12 -24.97
N ILE D 76 9.07 15.93 -24.42
CA ILE D 76 10.44 15.59 -23.99
C ILE D 76 11.44 15.62 -25.16
N CYS D 77 10.92 15.40 -26.37
CA CYS D 77 11.76 15.40 -27.59
C CYS D 77 12.34 16.78 -27.95
N THR D 78 11.81 17.85 -27.33
CA THR D 78 12.37 19.21 -27.48
C THR D 78 13.52 19.48 -26.52
N LEU D 79 13.80 18.54 -25.63
CA LEU D 79 14.66 18.80 -24.48
C LEU D 79 16.07 18.22 -24.56
N HIS D 80 16.47 17.72 -25.72
CA HIS D 80 17.82 17.24 -25.90
C HIS D 80 18.82 18.32 -25.49
N HIS D 81 19.70 17.97 -24.54
CA HIS D 81 20.72 18.87 -23.98
C HIS D 81 20.19 20.08 -23.19
N VAL D 82 19.00 19.93 -22.59
CA VAL D 82 18.41 20.97 -21.77
C VAL D 82 18.47 20.47 -20.34
N ALA D 83 18.66 21.37 -19.39
CA ALA D 83 18.65 21.00 -17.99
C ALA D 83 17.31 21.38 -17.38
N VAL D 84 16.67 20.41 -16.73
CA VAL D 84 15.39 20.63 -16.06
C VAL D 84 15.64 20.80 -14.56
N THR D 85 14.99 21.78 -13.95
CA THR D 85 14.99 21.92 -12.50
C THR D 85 13.53 21.89 -12.01
N THR D 86 13.25 21.01 -11.06
CA THR D 86 11.92 20.97 -10.44
C THR D 86 12.00 21.45 -8.99
N VAL D 87 10.83 21.47 -8.34
CA VAL D 87 10.74 21.87 -6.95
C VAL D 87 11.70 21.06 -6.06
N GLU D 88 11.85 19.77 -6.32
CA GLU D 88 12.75 18.95 -5.52
C GLU D 88 14.24 19.27 -5.77
N GLY D 89 14.51 19.94 -6.88
CA GLY D 89 15.88 20.34 -7.20
C GLY D 89 16.40 21.57 -6.47
N ILE D 90 15.54 22.29 -5.74
CA ILE D 90 15.98 23.56 -5.13
C ILE D 90 16.11 23.51 -3.60
N GLY D 91 15.52 22.49 -2.99
CA GLY D 91 15.50 22.38 -1.54
C GLY D 91 14.45 21.39 -1.06
N SER D 92 14.62 20.92 0.17
CA SER D 92 13.67 19.98 0.77
C SER D 92 13.69 20.09 2.30
N THR D 93 12.64 19.59 2.94
CA THR D 93 12.56 19.62 4.40
C THR D 93 13.57 18.66 5.04
N LYS D 94 14.10 17.72 4.25
CA LYS D 94 15.07 16.73 4.72
C LYS D 94 16.50 17.26 4.78
N THR D 95 16.80 18.26 3.96
CA THR D 95 18.11 18.90 3.94
C THR D 95 17.96 20.35 4.38
N ARG D 96 17.80 21.27 3.42
CA ARG D 96 17.45 22.67 3.71
C ARG D 96 16.49 23.18 2.64
N LEU D 97 15.52 23.97 3.06
CA LEU D 97 14.62 24.65 2.14
C LEU D 97 15.34 25.81 1.46
N HIS D 98 15.01 26.06 0.20
CA HIS D 98 15.40 27.28 -0.47
C HIS D 98 14.66 28.47 0.16
N PRO D 99 15.30 29.66 0.20
CA PRO D 99 14.54 30.83 0.68
C PRO D 99 13.12 31.00 0.10
N VAL D 100 12.95 30.74 -1.19
CA VAL D 100 11.63 30.86 -1.83
C VAL D 100 10.62 29.92 -1.13
N GLN D 101 11.01 28.67 -0.91
CA GLN D 101 10.15 27.69 -0.22
C GLN D 101 9.86 28.08 1.23
N GLU D 102 10.90 28.54 1.93
CA GLU D 102 10.74 28.94 3.32
C GLU D 102 9.76 30.12 3.43
N ARG D 103 9.90 31.08 2.54
CA ARG D 103 9.10 32.29 2.64
C ARG D 103 7.62 32.10 2.33
N ILE D 104 7.32 31.32 1.30
CA ILE D 104 5.92 31.09 0.95
C ILE D 104 5.27 30.29 2.09
N ALA D 105 6.01 29.38 2.70
CA ALA D 105 5.45 28.55 3.77
C ALA D 105 5.15 29.36 5.03
N LYS D 106 6.13 30.12 5.48
CA LYS D 106 6.01 30.93 6.68
C LYS D 106 5.08 32.14 6.55
N SER D 107 4.89 32.61 5.31
CA SER D 107 4.01 33.77 5.03
C SER D 107 2.54 33.42 4.85
N HIS D 108 2.20 32.15 5.06
CA HIS D 108 0.83 31.67 4.87
C HIS D 108 0.36 31.74 3.39
N GLY D 109 1.31 31.55 2.48
CA GLY D 109 1.00 31.55 1.04
C GLY D 109 0.64 30.17 0.52
N SER D 110 0.54 29.19 1.42
CA SER D 110 0.18 27.82 1.00
C SER D 110 -0.95 27.25 1.87
N GLN D 111 -2.11 26.97 1.25
CA GLN D 111 -3.26 26.42 1.97
C GLN D 111 -3.38 24.92 1.63
N CYS D 112 -4.10 24.58 0.55
CA CYS D 112 -4.13 23.17 0.10
C CYS D 112 -2.76 22.68 -0.38
N GLY D 113 -1.96 23.61 -0.92
CA GLY D 113 -0.57 23.32 -1.32
C GLY D 113 -0.41 22.86 -2.77
N PHE D 114 -1.52 22.66 -3.50
CA PHE D 114 -1.39 22.05 -4.81
C PHE D 114 -0.69 22.94 -5.85
N CYS D 115 -0.90 24.25 -5.76
CA CYS D 115 -0.29 25.22 -6.70
C CYS D 115 1.08 25.66 -6.21
N THR D 116 1.43 25.30 -4.98
CA THR D 116 2.65 25.83 -4.39
C THR D 116 3.97 25.52 -5.14
N PRO D 117 4.21 24.23 -5.52
CA PRO D 117 5.41 23.96 -6.33
C PRO D 117 5.54 24.82 -7.59
N GLY D 118 4.44 24.98 -8.34
CA GLY D 118 4.47 25.78 -9.58
C GLY D 118 4.82 27.25 -9.33
N ILE D 119 4.24 27.79 -8.27
CA ILE D 119 4.50 29.19 -7.84
C ILE D 119 5.94 29.34 -7.33
N VAL D 120 6.40 28.38 -6.53
CA VAL D 120 7.81 28.34 -6.12
C VAL D 120 8.75 28.38 -7.35
N MET D 121 8.46 27.54 -8.36
CA MET D 121 9.30 27.49 -9.54
C MET D 121 9.26 28.80 -10.34
N SER D 122 8.10 29.44 -10.37
CA SER D 122 7.98 30.76 -11.01
C SER D 122 8.82 31.83 -10.31
N MET D 123 8.79 31.81 -8.97
CA MET D 123 9.57 32.80 -8.20
C MET D 123 11.05 32.49 -8.28
N TYR D 124 11.40 31.20 -8.16
CA TYR D 124 12.79 30.74 -8.27
C TYR D 124 13.41 31.17 -9.61
N THR D 125 12.68 30.96 -10.71
CA THR D 125 13.15 31.31 -12.06
C THR D 125 13.43 32.83 -12.16
N LEU D 126 12.50 33.63 -11.69
CA LEU D 126 12.67 35.08 -11.65
C LEU D 126 13.98 35.45 -10.92
N LEU D 127 14.23 34.84 -9.76
CA LEU D 127 15.46 35.15 -9.00
C LEU D 127 16.76 34.65 -9.64
N ARG D 128 16.66 33.61 -10.46
CA ARG D 128 17.80 33.08 -11.19
C ARG D 128 18.23 34.01 -12.36
N ASN D 129 17.28 34.81 -12.83
CA ASN D 129 17.54 35.82 -13.86
C ASN D 129 17.84 37.17 -13.22
N GLN D 130 17.10 37.48 -12.16
CA GLN D 130 17.20 38.77 -11.50
C GLN D 130 17.13 38.60 -9.98
N PRO D 131 18.30 38.48 -9.33
CA PRO D 131 18.39 38.21 -7.88
C PRO D 131 17.84 39.34 -6.99
N GLU D 132 17.66 40.53 -7.57
CA GLU D 132 17.02 41.63 -6.84
C GLU D 132 15.95 42.32 -7.66
N PRO D 133 14.75 41.71 -7.73
CA PRO D 133 13.71 42.22 -8.60
C PRO D 133 12.89 43.35 -7.97
N THR D 134 12.07 44.01 -8.77
CA THR D 134 11.14 45.01 -8.26
C THR D 134 9.79 44.36 -7.92
N VAL D 135 8.99 45.06 -7.11
CA VAL D 135 7.64 44.62 -6.78
C VAL D 135 6.86 44.28 -8.05
N GLU D 136 6.99 45.17 -9.04
CA GLU D 136 6.33 45.05 -10.35
C GLU D 136 6.72 43.75 -11.08
N GLU D 137 8.02 43.46 -11.12
CA GLU D 137 8.52 42.22 -11.71
C GLU D 137 8.00 40.98 -10.98
N ILE D 138 7.83 41.09 -9.66
CA ILE D 138 7.35 39.96 -8.86
C ILE D 138 5.92 39.51 -9.27
N GLU D 139 4.96 40.42 -9.30
CA GLU D 139 3.58 40.07 -9.71
C GLU D 139 3.47 39.50 -11.13
N ASP D 140 4.27 40.08 -12.04
CA ASP D 140 4.38 39.65 -13.44
C ASP D 140 4.82 38.21 -13.64
N ALA D 141 5.66 37.73 -12.72
CA ALA D 141 6.19 36.39 -12.79
C ALA D 141 5.08 35.36 -12.60
N PHE D 142 3.93 35.79 -12.10
CA PHE D 142 2.86 34.86 -11.71
C PHE D 142 1.56 34.93 -12.56
N GLN D 143 1.63 35.57 -13.72
CA GLN D 143 0.49 35.63 -14.64
C GLN D 143 0.01 34.24 -15.08
N GLY D 144 0.90 33.25 -15.05
CA GLY D 144 0.56 31.91 -15.51
C GLY D 144 0.34 30.91 -14.38
N ASN D 145 0.14 31.40 -13.16
CA ASN D 145 -0.05 30.52 -11.98
C ASN D 145 -1.36 30.85 -11.27
N LEU D 146 -2.21 29.84 -11.12
CA LEU D 146 -3.49 30.04 -10.45
C LEU D 146 -3.48 29.42 -9.07
N CYS D 147 -4.16 30.09 -8.13
CA CYS D 147 -4.38 29.56 -6.80
C CYS D 147 -5.84 29.76 -6.43
N ARG D 148 -6.50 28.69 -6.00
CA ARG D 148 -7.92 28.73 -5.63
C ARG D 148 -8.19 29.01 -4.15
N CYS D 149 -7.16 28.82 -3.31
CA CYS D 149 -7.31 28.90 -1.85
C CYS D 149 -7.00 30.23 -1.17
N THR D 150 -5.90 30.88 -1.56
CA THR D 150 -5.27 31.89 -0.71
C THR D 150 -5.77 33.31 -1.01
N GLY D 151 -6.37 33.53 -2.18
CA GLY D 151 -6.69 34.91 -2.54
C GLY D 151 -5.44 35.74 -2.89
N TYR D 152 -4.30 35.04 -3.08
CA TYR D 152 -3.03 35.61 -3.57
C TYR D 152 -2.25 36.60 -2.68
N ARG D 153 -2.98 37.39 -1.88
CA ARG D 153 -2.38 38.41 -1.01
C ARG D 153 -1.15 37.91 -0.20
N PRO D 154 -1.28 36.78 0.53
CA PRO D 154 -0.12 36.37 1.37
C PRO D 154 1.10 35.95 0.55
N ILE D 155 0.88 35.41 -0.65
CA ILE D 155 1.98 35.00 -1.53
C ILE D 155 2.76 36.24 -1.99
N LEU D 156 2.05 37.24 -2.47
CA LEU D 156 2.69 38.49 -2.91
C LEU D 156 3.42 39.15 -1.74
N GLN D 157 2.80 39.11 -0.57
CA GLN D 157 3.38 39.74 0.62
C GLN D 157 4.67 39.08 1.06
N GLY D 158 4.70 37.74 1.02
CA GLY D 158 5.88 36.98 1.38
C GLY D 158 6.99 37.18 0.38
N PHE D 159 6.67 37.25 -0.90
CA PHE D 159 7.71 37.42 -1.92
C PHE D 159 8.18 38.87 -2.10
N ARG D 160 7.38 39.83 -1.64
CA ARG D 160 7.78 41.24 -1.67
C ARG D 160 9.09 41.44 -0.91
N THR D 161 9.32 40.55 0.06
CA THR D 161 10.54 40.60 0.87
C THR D 161 11.83 40.44 0.05
N PHE D 162 11.72 39.90 -1.18
CA PHE D 162 12.85 39.73 -2.09
C PHE D 162 13.17 40.99 -2.91
N ALA D 163 12.28 41.98 -2.85
CA ALA D 163 12.32 43.15 -3.73
C ALA D 163 13.27 44.25 -3.27
N LYS D 164 13.42 45.25 -4.15
CA LYS D 164 14.26 46.46 -4.01
C LYS D 164 15.56 46.31 -4.80
N PRO E 1 25.77 19.51 -33.61
CA PRO E 1 24.33 19.59 -33.89
C PRO E 1 23.96 18.72 -35.09
N LYS E 2 23.49 17.50 -34.81
CA LYS E 2 23.06 16.59 -35.86
C LYS E 2 21.57 16.25 -35.75
N GLN E 3 20.98 15.88 -36.88
CA GLN E 3 19.58 15.53 -36.96
C GLN E 3 19.28 14.35 -36.04
N LEU E 4 18.21 14.47 -35.28
CA LEU E 4 17.74 13.36 -34.44
C LEU E 4 16.39 12.84 -34.92
N ARG E 5 16.20 11.53 -34.80
CA ARG E 5 14.93 10.89 -35.14
C ARG E 5 14.42 10.15 -33.90
N PHE E 6 13.16 10.42 -33.52
CA PHE E 6 12.49 9.68 -32.43
C PHE E 6 11.24 9.00 -32.99
N GLU E 7 10.99 7.76 -32.55
CA GLU E 7 9.89 6.97 -33.08
C GLU E 7 9.01 6.48 -31.96
N GLY E 8 7.76 6.91 -31.99
CA GLY E 8 6.79 6.49 -31.00
C GLY E 8 5.83 5.46 -31.54
N GLU E 9 4.80 5.23 -30.74
CA GLU E 9 3.73 4.32 -31.06
C GLU E 9 2.92 4.76 -32.28
N ARG E 10 2.77 6.08 -32.46
CA ARG E 10 1.93 6.65 -33.51
C ARG E 10 2.62 7.76 -34.33
N VAL E 11 3.71 8.30 -33.79
CA VAL E 11 4.29 9.55 -34.28
C VAL E 11 5.80 9.39 -34.46
N THR E 12 6.32 9.94 -35.55
CA THR E 12 7.76 10.07 -35.78
C THR E 12 8.13 11.54 -35.66
N TRP E 13 9.19 11.82 -34.90
CA TRP E 13 9.65 13.19 -34.65
C TRP E 13 11.05 13.28 -35.24
N ILE E 14 11.25 14.29 -36.08
CA ILE E 14 12.61 14.61 -36.52
C ILE E 14 12.98 16.01 -36.07
N GLN E 15 14.12 16.10 -35.39
CA GLN E 15 14.69 17.35 -34.92
C GLN E 15 15.66 17.80 -36.00
N ALA E 16 15.23 18.75 -36.82
CA ALA E 16 16.06 19.32 -37.89
C ALA E 16 17.17 20.24 -37.35
N SER E 17 18.42 19.96 -37.75
CA SER E 17 19.58 20.73 -37.30
C SER E 17 19.94 21.92 -38.21
N THR E 18 19.58 21.83 -39.49
CA THR E 18 19.84 22.94 -40.40
C THR E 18 18.64 23.23 -41.32
N LEU E 19 18.66 24.42 -41.92
CA LEU E 19 17.58 24.88 -42.80
C LEU E 19 17.35 23.95 -44.00
N LYS E 20 18.43 23.39 -44.52
CA LYS E 20 18.38 22.44 -45.64
C LYS E 20 17.60 21.18 -45.27
N GLU E 21 17.97 20.59 -44.13
CA GLU E 21 17.24 19.43 -43.61
C GLU E 21 15.75 19.71 -43.50
N LEU E 22 15.40 20.83 -42.85
CA LEU E 22 14.00 21.27 -42.73
C LEU E 22 13.24 21.35 -44.06
N LEU E 23 13.86 21.97 -45.06
CA LEU E 23 13.20 22.16 -46.36
C LEU E 23 13.11 20.87 -47.14
N ASP E 24 14.13 20.01 -47.03
CA ASP E 24 14.07 18.69 -47.65
C ASP E 24 12.93 17.87 -47.03
N LEU E 25 12.88 17.85 -45.70
CA LEU E 25 11.86 17.09 -44.97
C LEU E 25 10.44 17.56 -45.29
N LYS E 26 10.26 18.88 -45.38
CA LYS E 26 8.98 19.49 -45.71
C LYS E 26 8.58 19.21 -47.16
N ALA E 27 9.56 19.00 -48.04
CA ALA E 27 9.32 18.63 -49.42
C ALA E 27 8.95 17.14 -49.53
N GLN E 28 9.66 16.30 -48.78
CA GLN E 28 9.41 14.86 -48.75
C GLN E 28 8.13 14.54 -47.99
N HIS E 29 7.81 15.33 -46.97
CA HIS E 29 6.61 15.12 -46.15
C HIS E 29 5.80 16.42 -46.01
N PRO E 30 5.08 16.82 -47.08
CA PRO E 30 4.35 18.10 -47.08
C PRO E 30 3.30 18.20 -45.99
N GLU E 31 2.81 17.05 -45.54
CA GLU E 31 1.80 16.93 -44.48
C GLU E 31 2.39 17.12 -43.08
N ALA E 32 3.70 16.94 -42.94
CA ALA E 32 4.43 17.10 -41.68
C ALA E 32 4.02 18.37 -40.93
N LYS E 33 3.96 18.26 -39.61
CA LYS E 33 3.68 19.41 -38.76
C LYS E 33 4.97 19.91 -38.16
N LEU E 34 5.20 21.22 -38.26
CA LEU E 34 6.27 21.84 -37.51
C LEU E 34 5.78 21.99 -36.08
N VAL E 35 6.68 21.76 -35.13
CA VAL E 35 6.41 22.04 -33.73
C VAL E 35 7.60 22.83 -33.21
N VAL E 36 7.32 23.93 -32.52
CA VAL E 36 8.34 24.65 -31.76
C VAL E 36 7.95 24.64 -30.28
N GLY E 37 6.98 25.47 -29.90
CA GLY E 37 6.53 25.57 -28.51
C GLY E 37 5.61 24.43 -28.11
N ASN E 38 4.93 23.85 -29.11
CA ASN E 38 3.89 22.81 -28.87
C ASN E 38 2.61 23.37 -28.19
N THR E 39 2.47 24.70 -28.11
CA THR E 39 1.33 25.26 -27.36
C THR E 39 0.03 25.32 -28.14
N GLU E 40 0.08 24.97 -29.41
CA GLU E 40 -1.10 24.77 -30.23
C GLU E 40 -1.27 23.28 -30.56
N ILE E 41 -0.20 22.67 -31.08
CA ILE E 41 -0.21 21.27 -31.50
C ILE E 41 -0.54 20.31 -30.35
N GLY E 42 0.05 20.56 -29.19
CA GLY E 42 -0.22 19.76 -28.01
C GLY E 42 -1.69 19.79 -27.65
N ILE E 43 -2.31 20.96 -27.78
CA ILE E 43 -3.74 21.16 -27.55
C ILE E 43 -4.57 20.43 -28.61
N GLU E 44 -4.18 20.54 -29.89
CA GLU E 44 -4.87 19.85 -30.98
C GLU E 44 -4.89 18.33 -30.77
N MET E 45 -3.73 17.78 -30.41
CA MET E 45 -3.57 16.34 -30.20
C MET E 45 -4.32 15.84 -28.96
N LYS E 46 -4.27 16.60 -27.88
CA LYS E 46 -4.92 16.24 -26.62
C LYS E 46 -6.45 16.44 -26.66
N PHE E 47 -6.89 17.62 -27.08
CA PHE E 47 -8.29 18.05 -26.89
C PHE E 47 -9.16 18.04 -28.14
N LYS E 48 -8.53 18.02 -29.31
CA LYS E 48 -9.26 17.94 -30.56
C LYS E 48 -9.00 16.58 -31.21
N ASN E 49 -8.20 15.76 -30.51
CA ASN E 49 -7.90 14.39 -30.91
C ASN E 49 -7.35 14.22 -32.34
N GLN E 50 -6.52 15.17 -32.75
CA GLN E 50 -5.89 15.14 -34.06
C GLN E 50 -4.69 14.23 -33.98
N LEU E 51 -4.38 13.52 -35.06
CA LEU E 51 -3.17 12.74 -35.12
C LEU E 51 -2.31 13.30 -36.23
N PHE E 52 -1.08 13.66 -35.87
CA PHE E 52 -0.08 14.15 -36.81
C PHE E 52 1.07 13.15 -36.76
N PRO E 53 1.06 12.15 -37.67
CA PRO E 53 2.04 11.05 -37.55
C PRO E 53 3.49 11.46 -37.81
N MET E 54 3.69 12.66 -38.35
CA MET E 54 5.01 13.15 -38.74
C MET E 54 5.20 14.57 -38.21
N ILE E 55 6.12 14.73 -37.27
CA ILE E 55 6.42 16.05 -36.70
C ILE E 55 7.88 16.41 -37.00
N ILE E 56 8.14 17.64 -37.46
CA ILE E 56 9.50 18.14 -37.62
C ILE E 56 9.68 19.32 -36.66
N CYS E 57 10.68 19.28 -35.79
CA CYS E 57 10.99 20.41 -34.91
C CYS E 57 12.17 21.24 -35.43
N PRO E 58 11.91 22.50 -35.84
CA PRO E 58 12.94 23.36 -36.41
C PRO E 58 13.64 24.28 -35.41
N ALA E 59 13.41 24.08 -34.11
CA ALA E 59 13.86 25.02 -33.10
C ALA E 59 15.38 25.25 -33.01
N TRP E 60 16.16 24.28 -33.52
CA TRP E 60 17.62 24.35 -33.46
C TRP E 60 18.24 25.24 -34.55
N ILE E 61 17.50 25.44 -35.63
CA ILE E 61 18.03 26.10 -36.82
C ILE E 61 18.33 27.59 -36.56
N PRO E 62 19.61 28.02 -36.73
CA PRO E 62 19.86 29.47 -36.66
C PRO E 62 19.17 29.98 -37.93
N GLU E 63 18.75 31.22 -38.04
CA GLU E 63 17.73 31.55 -39.08
C GLU E 63 16.49 30.87 -38.50
N LEU E 64 15.38 31.57 -38.36
CA LEU E 64 14.31 31.03 -37.50
C LEU E 64 14.56 31.42 -36.06
N ASN E 65 15.82 31.58 -35.65
CA ASN E 65 16.13 32.12 -34.33
C ASN E 65 16.82 33.51 -34.35
N ALA E 66 17.09 33.98 -35.55
CA ALA E 66 17.86 35.21 -35.81
C ALA E 66 17.08 36.49 -35.56
N VAL E 67 17.72 37.41 -34.84
CA VAL E 67 17.16 38.75 -34.62
C VAL E 67 18.04 39.79 -35.32
N GLU E 68 17.45 40.50 -36.27
CA GLU E 68 18.19 41.43 -37.12
C GLU E 68 17.54 42.80 -37.17
N HIS E 69 18.31 43.82 -36.82
CA HIS E 69 17.82 45.19 -36.83
C HIS E 69 18.25 45.80 -38.16
N GLY E 70 17.28 46.05 -39.04
CA GLY E 70 17.55 46.65 -40.34
C GLY E 70 17.06 48.09 -40.38
N PRO E 71 17.20 48.77 -41.53
CA PRO E 71 16.73 50.15 -41.65
C PRO E 71 15.20 50.33 -41.67
N GLU E 72 14.47 49.29 -42.06
CA GLU E 72 13.00 49.35 -42.22
C GLU E 72 12.22 48.81 -41.02
N GLY E 73 12.87 47.93 -40.26
CA GLY E 73 12.25 47.31 -39.11
C GLY E 73 13.16 46.29 -38.46
N ILE E 74 12.62 45.56 -37.49
CA ILE E 74 13.34 44.51 -36.81
C ILE E 74 12.80 43.15 -37.25
N SER E 75 13.71 42.29 -37.72
CA SER E 75 13.36 40.99 -38.28
C SER E 75 13.55 39.93 -37.20
N PHE E 76 12.56 39.05 -37.03
CA PHE E 76 12.67 37.94 -36.08
C PHE E 76 12.53 36.61 -36.81
N GLY E 77 13.43 35.68 -36.50
CA GLY E 77 13.25 34.31 -36.97
C GLY E 77 11.91 33.78 -36.46
N ALA E 78 11.27 32.93 -37.26
CA ALA E 78 9.91 32.41 -36.96
C ALA E 78 9.83 31.56 -35.69
N ALA E 79 10.96 30.97 -35.29
CA ALA E 79 11.02 30.15 -34.09
C ALA E 79 11.27 30.93 -32.79
N CYS E 80 11.53 32.24 -32.91
CA CYS E 80 11.75 33.11 -31.76
C CYS E 80 10.57 33.07 -30.81
N ALA E 81 10.87 32.86 -29.54
CA ALA E 81 9.89 32.79 -28.48
C ALA E 81 9.30 34.17 -28.32
N LEU E 82 8.00 34.22 -27.98
CA LEU E 82 7.33 35.50 -27.70
C LEU E 82 8.00 36.39 -26.62
N SER E 83 8.58 35.77 -25.60
CA SER E 83 9.32 36.49 -24.55
C SER E 83 10.59 37.17 -25.07
N SER E 84 11.24 36.57 -26.06
CA SER E 84 12.42 37.15 -26.71
C SER E 84 12.01 38.30 -27.62
N VAL E 85 10.84 38.16 -28.27
CA VAL E 85 10.27 39.24 -29.09
C VAL E 85 9.93 40.41 -28.17
N GLU E 86 9.28 40.12 -27.04
CA GLU E 86 8.95 41.12 -26.04
C GLU E 86 10.21 41.87 -25.58
N LYS E 87 11.25 41.13 -25.19
CA LYS E 87 12.48 41.75 -24.66
C LYS E 87 13.16 42.67 -25.68
N THR E 88 13.28 42.19 -26.91
CA THR E 88 13.85 42.95 -28.02
C THR E 88 13.09 44.24 -28.28
N LEU E 89 11.76 44.15 -28.30
CA LEU E 89 10.93 45.29 -28.61
C LEU E 89 10.88 46.31 -27.47
N LEU E 90 10.91 45.84 -26.22
CA LEU E 90 11.03 46.72 -25.05
C LEU E 90 12.35 47.50 -25.03
N GLU E 91 13.42 46.86 -25.49
CA GLU E 91 14.73 47.49 -25.65
C GLU E 91 14.71 48.55 -26.76
N ALA E 92 14.13 48.22 -27.91
CA ALA E 92 13.97 49.19 -28.99
C ALA E 92 13.10 50.39 -28.59
N VAL E 93 12.03 50.12 -27.84
CA VAL E 93 11.15 51.17 -27.34
C VAL E 93 11.88 52.10 -26.36
N ALA E 94 12.80 51.55 -25.57
CA ALA E 94 13.55 52.35 -24.58
C ALA E 94 14.58 53.26 -25.24
N LYS E 95 15.07 52.86 -26.41
CA LYS E 95 16.20 53.50 -27.07
C LYS E 95 15.76 54.48 -28.15
N LEU E 96 14.60 54.24 -28.76
CA LEU E 96 14.22 54.94 -29.98
C LEU E 96 13.20 56.06 -29.74
N PRO E 97 13.13 57.04 -30.69
CA PRO E 97 12.13 58.11 -30.57
C PRO E 97 10.73 57.52 -30.61
N THR E 98 9.83 58.07 -29.80
CA THR E 98 8.43 57.63 -29.74
C THR E 98 7.82 57.47 -31.14
N GLN E 99 8.23 58.32 -32.08
CA GLN E 99 7.61 58.31 -33.40
C GLN E 99 8.01 57.13 -34.29
N LYS E 100 9.05 56.40 -33.89
CA LYS E 100 9.52 55.25 -34.65
C LYS E 100 8.95 53.91 -34.09
N THR E 101 8.37 53.97 -32.90
CA THR E 101 8.01 52.76 -32.16
C THR E 101 6.50 52.51 -31.98
N GLU E 102 5.67 53.12 -32.83
CA GLU E 102 4.21 53.01 -32.70
C GLU E 102 3.71 51.57 -32.89
N VAL E 103 4.25 50.87 -33.88
CA VAL E 103 3.87 49.47 -34.14
C VAL E 103 4.41 48.57 -33.03
N PHE E 104 5.65 48.82 -32.60
CA PHE E 104 6.30 48.04 -31.53
C PHE E 104 5.50 48.14 -30.24
N ARG E 105 5.04 49.35 -29.94
CA ARG E 105 4.20 49.63 -28.78
C ARG E 105 2.86 48.88 -28.85
N GLY E 106 2.28 48.77 -30.06
CA GLY E 106 1.06 47.95 -30.25
C GLY E 106 1.27 46.45 -30.03
N VAL E 107 2.33 45.91 -30.62
CA VAL E 107 2.72 44.52 -30.38
C VAL E 107 2.90 44.27 -28.88
N LEU E 108 3.59 45.19 -28.20
CA LEU E 108 3.85 45.03 -26.75
C LEU E 108 2.57 45.07 -25.91
N GLU E 109 1.60 45.88 -26.34
CA GLU E 109 0.32 45.96 -25.64
C GLU E 109 -0.46 44.66 -25.76
N GLN E 110 -0.48 44.08 -26.96
CA GLN E 110 -1.09 42.77 -27.16
C GLN E 110 -0.36 41.67 -26.39
N LEU E 111 0.95 41.83 -26.23
CA LEU E 111 1.73 40.85 -25.46
C LEU E 111 1.63 40.95 -23.93
N ARG E 112 1.02 42.04 -23.43
CA ARG E 112 0.95 42.32 -21.97
C ARG E 112 0.20 41.31 -21.09
N TRP E 113 -1.12 41.22 -21.27
CA TRP E 113 -1.95 40.26 -20.53
C TRP E 113 -2.22 39.10 -21.48
N PHE E 114 -1.14 38.49 -21.94
CA PHE E 114 -1.14 37.46 -22.96
C PHE E 114 -0.55 36.26 -22.26
N ALA E 115 -1.38 35.28 -21.93
CA ALA E 115 -0.87 34.11 -21.21
C ALA E 115 -0.08 34.46 -19.94
N GLY E 116 1.04 33.78 -19.72
CA GLY E 116 1.95 34.04 -18.61
C GLY E 116 3.37 33.75 -19.07
N LYS E 117 4.35 33.92 -18.19
CA LYS E 117 5.76 33.76 -18.60
C LYS E 117 6.08 32.38 -19.18
N GLN E 118 5.45 31.33 -18.63
CA GLN E 118 5.71 29.95 -19.04
C GLN E 118 5.37 29.77 -20.51
N VAL E 119 4.18 30.21 -20.93
CA VAL E 119 3.77 30.05 -22.32
C VAL E 119 4.61 30.95 -23.20
N LYS E 120 4.85 32.17 -22.74
CA LYS E 120 5.58 33.14 -23.58
C LYS E 120 7.04 32.77 -23.79
N SER E 121 7.60 31.97 -22.89
CA SER E 121 8.97 31.51 -23.03
C SER E 121 9.16 30.42 -24.09
N VAL E 122 8.07 29.72 -24.45
CA VAL E 122 8.17 28.63 -25.43
C VAL E 122 7.36 28.84 -26.72
N ALA E 123 6.29 29.63 -26.65
CA ALA E 123 5.44 29.89 -27.80
C ALA E 123 6.20 30.71 -28.84
N SER E 124 6.17 30.28 -30.09
CA SER E 124 6.93 30.95 -31.15
C SER E 124 6.10 32.00 -31.88
N LEU E 125 6.78 32.93 -32.53
CA LEU E 125 6.15 33.95 -33.35
C LEU E 125 5.43 33.34 -34.55
N GLY E 126 6.14 32.50 -35.29
CA GLY E 126 5.62 31.81 -36.46
C GLY E 126 4.42 30.96 -36.09
N GLY E 127 4.52 30.25 -34.96
CA GLY E 127 3.42 29.44 -34.44
C GLY E 127 2.11 30.22 -34.32
N ASN E 128 2.14 31.39 -33.68
CA ASN E 128 0.96 32.23 -33.57
C ASN E 128 0.41 32.62 -34.96
N ILE E 129 1.32 33.02 -35.85
CA ILE E 129 0.94 33.45 -37.19
C ILE E 129 0.31 32.31 -38.01
N ILE E 130 1.04 31.20 -38.16
CA ILE E 130 0.60 30.11 -39.04
C ILE E 130 -0.59 29.36 -38.45
N THR E 131 -0.74 29.40 -37.12
CA THR E 131 -1.90 28.79 -36.46
C THR E 131 -3.18 29.42 -37.05
N ALA E 132 -3.14 30.74 -37.23
CA ALA E 132 -4.24 31.49 -37.84
C ALA E 132 -5.58 31.34 -37.10
N SER E 133 -5.53 31.34 -35.77
CA SER E 133 -6.74 31.37 -34.95
C SER E 133 -7.49 32.67 -35.24
N PRO E 134 -8.82 32.59 -35.38
CA PRO E 134 -9.64 33.79 -35.59
C PRO E 134 -9.46 34.79 -34.47
N ILE E 135 -9.05 34.34 -33.29
CA ILE E 135 -8.87 35.25 -32.15
C ILE E 135 -7.41 35.55 -31.77
N SER E 136 -6.48 35.25 -32.69
CA SER E 136 -5.07 35.66 -32.56
C SER E 136 -4.97 37.15 -32.21
N ASP E 137 -4.22 37.46 -31.16
CA ASP E 137 -3.99 38.84 -30.76
C ASP E 137 -2.91 39.52 -31.62
N LEU E 138 -2.11 38.72 -32.33
CA LEU E 138 -0.96 39.28 -33.08
C LEU E 138 -1.24 39.49 -34.56
N ASN E 139 -2.04 38.61 -35.15
CA ASN E 139 -2.31 38.69 -36.59
C ASN E 139 -3.01 39.98 -37.04
N PRO E 140 -3.97 40.52 -36.24
CA PRO E 140 -4.52 41.85 -36.54
C PRO E 140 -3.49 42.98 -36.51
N VAL E 141 -2.55 42.94 -35.56
CA VAL E 141 -1.48 43.94 -35.50
C VAL E 141 -0.55 43.83 -36.71
N PHE E 142 -0.13 42.61 -37.02
CA PHE E 142 0.68 42.31 -38.19
C PHE E 142 0.00 42.69 -39.51
N MET E 143 -1.31 42.47 -39.58
CA MET E 143 -2.07 42.84 -40.77
C MET E 143 -2.21 44.37 -40.90
N ALA E 144 -2.56 45.04 -39.81
CA ALA E 144 -2.71 46.50 -39.84
C ALA E 144 -1.42 47.24 -40.17
N SER E 145 -0.29 46.67 -39.75
CA SER E 145 1.01 47.33 -39.89
C SER E 145 1.73 47.01 -41.19
N GLY E 146 1.27 45.97 -41.88
CA GLY E 146 1.92 45.46 -43.10
C GLY E 146 3.26 44.79 -42.79
N THR E 147 3.32 44.12 -41.65
CA THR E 147 4.47 43.33 -41.26
C THR E 147 4.83 42.36 -42.39
N LYS E 148 6.12 42.28 -42.70
CA LYS E 148 6.60 41.53 -43.85
C LYS E 148 7.03 40.11 -43.47
N LEU E 149 6.54 39.16 -44.25
CA LEU E 149 6.81 37.74 -44.03
C LEU E 149 7.75 37.20 -45.10
N THR E 150 8.85 36.59 -44.64
CA THR E 150 9.75 35.88 -45.55
C THR E 150 9.41 34.40 -45.52
N ILE E 151 8.99 33.89 -46.67
CA ILE E 151 8.52 32.52 -46.85
C ILE E 151 9.42 31.75 -47.81
N VAL E 152 9.76 30.53 -47.42
CA VAL E 152 10.83 29.77 -48.04
C VAL E 152 10.44 28.30 -48.26
N SER E 153 10.85 27.75 -49.40
CA SER E 153 10.78 26.32 -49.62
C SER E 153 12.07 25.87 -50.27
N ARG E 154 12.20 24.58 -50.50
CA ARG E 154 13.35 24.06 -51.22
C ARG E 154 13.43 24.78 -52.56
N GLY E 155 14.50 25.55 -52.77
CA GLY E 155 14.63 26.33 -53.99
C GLY E 155 14.07 27.76 -53.99
N THR E 156 12.84 27.95 -53.52
CA THR E 156 12.16 29.25 -53.68
C THR E 156 12.01 30.09 -52.40
N ARG E 157 11.92 31.41 -52.58
CA ARG E 157 12.00 32.39 -51.50
C ARG E 157 11.28 33.67 -51.87
N ARG E 158 10.36 34.11 -51.01
CA ARG E 158 9.55 35.30 -51.30
C ARG E 158 9.26 36.09 -50.03
N THR E 159 9.03 37.40 -50.21
CA THR E 159 8.68 38.27 -49.08
C THR E 159 7.43 39.05 -49.41
N VAL E 160 6.44 38.95 -48.52
CA VAL E 160 5.16 39.58 -48.73
C VAL E 160 4.71 40.30 -47.45
N PRO E 161 4.15 41.52 -47.60
CA PRO E 161 3.53 42.12 -46.43
C PRO E 161 2.26 41.34 -46.10
N MET E 162 1.95 41.23 -44.81
CA MET E 162 0.71 40.60 -44.43
C MET E 162 -0.45 41.55 -44.75
N ASP E 163 -1.45 41.03 -45.45
CA ASP E 163 -2.69 41.76 -45.67
C ASP E 163 -3.86 40.79 -45.62
N HIS E 164 -5.04 41.28 -45.97
CA HIS E 164 -6.27 40.48 -45.84
C HIS E 164 -6.20 39.14 -46.58
N THR E 165 -5.47 39.11 -47.71
CA THR E 165 -5.40 37.91 -48.55
C THR E 165 -4.61 36.75 -47.93
N PHE E 166 -3.75 37.04 -46.96
CA PHE E 166 -2.93 36.01 -46.34
C PHE E 166 -3.77 34.95 -45.60
N PHE E 167 -4.97 35.34 -45.18
CA PHE E 167 -5.88 34.44 -44.47
C PHE E 167 -7.15 34.18 -45.29
N PRO E 168 -7.12 33.14 -46.17
CA PRO E 168 -8.25 32.85 -47.06
C PRO E 168 -9.48 32.29 -46.35
N SER E 169 -9.29 31.29 -45.50
CA SER E 169 -10.37 30.61 -44.78
C SER E 169 -9.94 30.14 -43.39
N TYR E 170 -10.89 29.59 -42.64
CA TYR E 170 -10.67 29.14 -41.27
C TYR E 170 -9.40 28.31 -41.07
N ARG E 171 -8.46 28.86 -40.27
CA ARG E 171 -7.21 28.20 -39.89
C ARG E 171 -6.23 27.98 -41.05
N LYS E 172 -6.44 28.72 -42.14
CA LYS E 172 -5.66 28.59 -43.35
C LYS E 172 -4.93 29.90 -43.65
N THR E 173 -3.70 29.77 -44.15
CA THR E 173 -2.90 30.92 -44.60
C THR E 173 -2.42 30.66 -46.03
N LEU E 174 -1.86 31.69 -46.65
CA LEU E 174 -1.40 31.63 -48.02
C LEU E 174 0.01 31.03 -48.11
N LEU E 175 0.19 29.81 -47.59
CA LEU E 175 1.46 29.10 -47.69
C LEU E 175 1.32 27.80 -48.49
N GLY E 176 2.24 27.58 -49.42
CA GLY E 176 2.27 26.37 -50.22
C GLY E 176 2.60 25.14 -49.37
N PRO E 177 2.16 23.94 -49.83
CA PRO E 177 2.44 22.67 -49.16
C PRO E 177 3.89 22.48 -48.68
N GLU E 178 4.86 22.97 -49.44
CA GLU E 178 6.27 22.77 -49.12
C GLU E 178 6.95 23.96 -48.45
N GLU E 179 6.16 25.01 -48.19
CA GLU E 179 6.71 26.25 -47.66
C GLU E 179 6.72 26.32 -46.13
N ILE E 180 7.70 27.05 -45.61
CA ILE E 180 7.72 27.42 -44.19
C ILE E 180 7.94 28.93 -44.08
N LEU E 181 7.38 29.52 -43.03
CA LEU E 181 7.67 30.90 -42.67
C LEU E 181 9.05 30.95 -42.02
N LEU E 182 9.91 31.82 -42.55
CA LEU E 182 11.30 31.86 -42.11
C LEU E 182 11.53 32.98 -41.11
N SER E 183 11.01 34.17 -41.43
CA SER E 183 11.17 35.35 -40.58
C SER E 183 10.07 36.39 -40.79
N ILE E 184 9.99 37.31 -39.85
CA ILE E 184 8.93 38.31 -39.72
C ILE E 184 9.60 39.64 -39.42
N GLU E 185 9.43 40.64 -40.29
CA GLU E 185 9.98 41.97 -40.06
C GLU E 185 8.89 42.93 -39.62
N ILE E 186 8.98 43.36 -38.37
CA ILE E 186 8.03 44.28 -37.79
C ILE E 186 8.57 45.69 -38.05
N PRO E 187 7.79 46.53 -38.76
CA PRO E 187 8.33 47.83 -39.25
C PRO E 187 8.44 48.93 -38.18
N TYR E 188 9.41 49.82 -38.38
CA TYR E 188 9.45 51.09 -37.66
C TYR E 188 8.29 51.96 -38.15
N SER E 189 7.78 52.78 -37.24
CA SER E 189 6.73 53.75 -37.50
C SER E 189 7.31 54.96 -38.24
N ARG E 190 6.55 55.55 -39.15
CA ARG E 190 7.00 56.72 -39.93
C ARG E 190 6.51 58.00 -39.29
N GLU E 191 6.99 59.14 -39.79
CA GLU E 191 6.42 60.44 -39.40
C GLU E 191 4.95 60.50 -39.79
N ASP E 192 4.13 61.12 -38.94
CA ASP E 192 2.67 61.22 -39.13
C ASP E 192 1.97 59.87 -39.27
N GLU E 193 2.58 58.82 -38.73
CA GLU E 193 1.98 57.48 -38.72
C GLU E 193 1.75 57.05 -37.27
N PHE E 194 0.51 56.66 -36.99
CA PHE E 194 0.11 56.33 -35.62
C PHE E 194 -0.57 54.98 -35.56
N PHE E 195 -0.43 54.31 -34.42
CA PHE E 195 -0.86 52.92 -34.31
C PHE E 195 -1.42 52.64 -32.92
N SER E 196 -2.46 51.78 -32.87
CA SER E 196 -3.01 51.27 -31.61
C SER E 196 -3.47 49.83 -31.76
N ALA E 197 -3.47 49.11 -30.64
CA ALA E 197 -4.02 47.76 -30.61
C ALA E 197 -4.84 47.59 -29.34
N PHE E 198 -5.97 46.89 -29.46
CA PHE E 198 -6.88 46.65 -28.34
C PHE E 198 -7.33 45.20 -28.30
N LYS E 199 -7.84 44.76 -27.14
CA LYS E 199 -8.42 43.43 -27.06
C LYS E 199 -9.49 43.29 -25.97
N GLN E 200 -10.51 42.49 -26.29
CA GLN E 200 -11.57 42.09 -25.37
C GLN E 200 -10.96 41.41 -24.17
N ALA E 201 -11.47 41.74 -22.98
CA ALA E 201 -10.92 41.24 -21.73
C ALA E 201 -11.68 40.02 -21.21
N SER E 202 -12.35 39.31 -22.12
CA SER E 202 -13.02 38.05 -21.77
C SER E 202 -12.97 37.03 -22.92
N ARG E 203 -12.79 35.77 -22.58
CA ARG E 203 -12.91 34.70 -23.56
C ARG E 203 -13.80 33.58 -23.01
N ARG E 204 -14.63 33.02 -23.89
CA ARG E 204 -15.73 32.15 -23.50
C ARG E 204 -15.77 30.86 -24.33
N GLU E 205 -15.49 30.97 -25.63
CA GLU E 205 -15.38 29.81 -26.52
C GLU E 205 -13.89 29.62 -26.84
N ASP E 206 -13.52 28.44 -27.35
CA ASP E 206 -12.10 28.08 -27.53
C ASP E 206 -11.32 29.01 -28.48
N ASP E 207 -11.89 29.31 -29.64
CA ASP E 207 -11.14 30.01 -30.68
C ASP E 207 -11.97 30.96 -31.56
N ILE E 208 -13.08 31.44 -31.03
CA ILE E 208 -13.94 32.39 -31.73
C ILE E 208 -14.42 33.49 -30.79
N ALA E 209 -14.83 34.62 -31.37
CA ALA E 209 -15.66 35.63 -30.70
C ALA E 209 -15.00 36.38 -29.54
N LYS E 210 -13.69 36.55 -29.61
CA LYS E 210 -12.99 37.47 -28.73
C LYS E 210 -12.44 38.56 -29.62
N VAL E 211 -12.94 39.79 -29.43
CA VAL E 211 -12.56 40.91 -30.29
C VAL E 211 -11.14 41.43 -29.99
N THR E 212 -10.33 41.51 -31.03
CA THR E 212 -8.96 42.01 -30.92
C THR E 212 -8.69 42.80 -32.19
N CYS E 213 -7.95 43.89 -32.08
CA CYS E 213 -7.76 44.73 -33.26
C CYS E 213 -6.36 45.38 -33.37
N GLY E 214 -5.98 45.69 -34.60
CA GLY E 214 -4.84 46.53 -34.88
C GLY E 214 -5.36 47.66 -35.74
N MET E 215 -4.89 48.87 -35.46
CA MET E 215 -5.36 50.08 -36.12
C MET E 215 -4.20 51.01 -36.45
N ARG E 216 -4.16 51.46 -37.70
CA ARG E 216 -3.06 52.26 -38.19
C ARG E 216 -3.59 53.39 -39.07
N VAL E 217 -3.07 54.59 -38.85
CA VAL E 217 -3.36 55.72 -39.75
C VAL E 217 -2.06 56.39 -40.20
N LEU E 218 -2.03 56.82 -41.46
CA LEU E 218 -0.90 57.58 -42.00
C LEU E 218 -1.47 58.86 -42.58
N PHE E 219 -1.00 60.00 -42.08
CA PHE E 219 -1.43 61.32 -42.56
C PHE E 219 -0.44 61.89 -43.58
N GLN E 220 -0.95 62.74 -44.46
CA GLN E 220 -0.11 63.56 -45.34
C GLN E 220 0.81 64.42 -44.47
N PRO E 221 2.05 64.67 -44.93
CA PRO E 221 3.07 65.33 -44.07
C PRO E 221 2.55 66.55 -43.33
N GLY E 222 2.59 66.48 -42.00
CA GLY E 222 2.19 67.58 -41.11
C GLY E 222 0.75 68.04 -41.19
N SER E 223 -0.14 67.16 -41.67
CA SER E 223 -1.57 67.49 -41.73
C SER E 223 -2.40 66.48 -40.95
N MET E 224 -3.72 66.69 -40.95
CA MET E 224 -4.67 65.76 -40.35
C MET E 224 -5.47 65.05 -41.45
N GLN E 225 -4.91 65.00 -42.64
CA GLN E 225 -5.57 64.43 -43.80
C GLN E 225 -5.11 63.00 -44.07
N VAL E 226 -6.07 62.08 -44.01
CA VAL E 226 -5.80 60.64 -44.11
C VAL E 226 -5.17 60.25 -45.45
N LYS E 227 -4.01 59.59 -45.38
CA LYS E 227 -3.38 59.04 -46.57
C LYS E 227 -3.55 57.52 -46.66
N GLU E 228 -3.36 56.85 -45.53
CA GLU E 228 -3.61 55.42 -45.41
C GLU E 228 -4.35 55.19 -44.09
N LEU E 229 -5.24 54.21 -44.08
CA LEU E 229 -5.98 53.80 -42.88
C LEU E 229 -6.20 52.30 -42.93
N ALA E 230 -5.84 51.62 -41.84
CA ALA E 230 -5.98 50.17 -41.78
C ALA E 230 -6.60 49.80 -40.44
N LEU E 231 -7.70 49.07 -40.49
CA LEU E 231 -8.38 48.57 -39.29
C LEU E 231 -8.60 47.09 -39.46
N CYS E 232 -7.88 46.29 -38.66
CA CYS E 232 -7.96 44.84 -38.74
C CYS E 232 -8.48 44.27 -37.43
N TYR E 233 -9.39 43.31 -37.54
CA TYR E 233 -10.05 42.73 -36.37
C TYR E 233 -9.93 41.20 -36.34
N GLY E 234 -9.70 40.66 -35.15
CA GLY E 234 -10.00 39.27 -34.85
C GLY E 234 -11.30 39.18 -34.10
N GLY E 235 -11.88 37.98 -34.00
CA GLY E 235 -13.07 37.73 -33.18
C GLY E 235 -14.38 38.19 -33.80
N MET E 236 -14.34 38.46 -35.10
CA MET E 236 -15.50 38.96 -35.82
C MET E 236 -15.89 38.05 -36.98
N ALA E 237 -15.08 37.02 -37.22
CA ALA E 237 -15.29 36.08 -38.30
C ALA E 237 -14.49 34.81 -38.00
N ASP E 238 -14.43 33.91 -38.96
CA ASP E 238 -13.69 32.67 -38.80
C ASP E 238 -12.22 32.90 -39.14
N ARG E 239 -11.84 34.15 -39.34
CA ARG E 239 -10.47 34.53 -39.64
C ARG E 239 -10.21 36.02 -39.33
N THR E 240 -8.94 36.42 -39.26
CA THR E 240 -8.58 37.84 -39.17
C THR E 240 -9.03 38.56 -40.44
N ILE E 241 -9.70 39.70 -40.28
CA ILE E 241 -10.26 40.47 -41.40
C ILE E 241 -9.90 41.95 -41.31
N SER E 242 -9.95 42.62 -42.47
CA SER E 242 -9.73 44.06 -42.57
C SER E 242 -11.01 44.74 -43.02
N ALA E 243 -11.33 45.89 -42.42
CA ALA E 243 -12.51 46.66 -42.82
C ALA E 243 -12.19 47.55 -44.02
N LEU E 244 -11.87 46.91 -45.14
CA LEU E 244 -11.33 47.58 -46.32
C LEU E 244 -12.31 48.52 -47.00
N LYS E 245 -13.57 48.12 -47.04
CA LYS E 245 -14.65 48.95 -47.59
C LYS E 245 -14.76 50.28 -46.84
N THR E 246 -14.78 50.20 -45.51
CA THR E 246 -14.91 51.37 -44.64
C THR E 246 -13.70 52.30 -44.70
N THR E 247 -12.50 51.73 -44.66
CA THR E 247 -11.28 52.52 -44.62
C THR E 247 -10.94 53.17 -45.97
N GLN E 248 -11.27 52.47 -47.06
CA GLN E 248 -11.13 53.00 -48.42
C GLN E 248 -11.84 54.34 -48.58
N LYS E 249 -12.99 54.45 -47.90
CA LYS E 249 -13.87 55.62 -47.97
C LYS E 249 -13.28 56.84 -47.27
N GLN E 250 -12.36 56.62 -46.34
CA GLN E 250 -11.79 57.70 -45.54
C GLN E 250 -10.54 58.36 -46.14
N LEU E 251 -10.02 57.80 -47.22
CA LEU E 251 -8.80 58.34 -47.84
C LEU E 251 -8.99 59.77 -48.34
N SER E 252 -7.98 60.61 -48.07
CA SER E 252 -7.99 62.07 -48.29
C SER E 252 -9.09 62.84 -47.53
N LYS E 253 -9.60 62.24 -46.46
CA LYS E 253 -10.49 62.93 -45.51
C LYS E 253 -9.70 63.38 -44.28
N PHE E 254 -10.26 64.32 -43.52
CA PHE E 254 -9.62 64.83 -42.31
C PHE E 254 -10.12 64.12 -41.05
N TRP E 255 -9.33 64.22 -39.99
CA TRP E 255 -9.59 63.51 -38.74
C TRP E 255 -10.51 64.34 -37.84
N ASN E 256 -11.82 64.18 -38.03
CA ASN E 256 -12.81 64.91 -37.24
C ASN E 256 -14.05 64.08 -36.93
N GLU E 257 -15.00 64.70 -36.24
CA GLU E 257 -16.26 64.06 -35.84
C GLU E 257 -17.02 63.44 -37.03
N LYS E 258 -16.89 64.03 -38.21
CA LYS E 258 -17.49 63.48 -39.43
C LYS E 258 -16.86 62.13 -39.79
N LEU E 259 -15.52 62.06 -39.71
CA LEU E 259 -14.79 60.82 -39.96
C LEU E 259 -15.20 59.75 -38.94
N LEU E 260 -15.17 60.12 -37.67
CA LEU E 260 -15.63 59.24 -36.58
C LEU E 260 -17.00 58.63 -36.89
N GLN E 261 -18.00 59.46 -37.13
CA GLN E 261 -19.34 58.92 -37.38
C GLN E 261 -19.43 58.11 -38.69
N ASP E 262 -18.66 58.50 -39.70
CA ASP E 262 -18.61 57.75 -40.96
C ASP E 262 -17.98 56.37 -40.80
N VAL E 263 -16.89 56.29 -40.02
CA VAL E 263 -16.22 55.00 -39.80
C VAL E 263 -17.14 54.09 -38.99
N CYS E 264 -17.75 54.64 -37.94
CA CYS E 264 -18.66 53.88 -37.09
C CYS E 264 -19.83 53.32 -37.89
N ALA E 265 -20.39 54.15 -38.76
CA ALA E 265 -21.44 53.72 -39.68
C ALA E 265 -20.94 52.61 -40.60
N GLY E 266 -19.74 52.81 -41.17
CA GLY E 266 -19.10 51.80 -42.02
C GLY E 266 -18.83 50.46 -41.35
N LEU E 267 -18.24 50.51 -40.15
CA LEU E 267 -17.93 49.29 -39.38
C LEU E 267 -19.19 48.52 -38.98
N ALA E 268 -20.23 49.25 -38.58
CA ALA E 268 -21.51 48.66 -38.17
C ALA E 268 -22.10 47.80 -39.26
N GLU E 269 -21.86 48.20 -40.51
CA GLU E 269 -22.38 47.50 -41.67
C GLU E 269 -21.42 46.45 -42.22
N GLU E 270 -20.15 46.83 -42.40
CA GLU E 270 -19.15 45.93 -43.00
C GLU E 270 -18.89 44.68 -42.14
N LEU E 271 -18.86 44.87 -40.83
CA LEU E 271 -18.55 43.77 -39.90
C LEU E 271 -19.80 43.21 -39.21
N SER E 272 -20.96 43.48 -39.79
CA SER E 272 -22.24 43.10 -39.18
C SER E 272 -22.36 41.61 -38.95
N LEU E 273 -22.81 41.23 -37.76
CA LEU E 273 -22.92 39.84 -37.36
C LEU E 273 -24.39 39.36 -37.40
N SER E 274 -24.61 38.19 -38.00
CA SER E 274 -25.93 37.55 -37.99
C SER E 274 -26.29 37.15 -36.55
N PRO E 275 -27.60 37.14 -36.20
CA PRO E 275 -27.97 36.82 -34.82
C PRO E 275 -27.52 35.42 -34.40
N ASP E 276 -27.25 34.57 -35.38
CA ASP E 276 -26.76 33.23 -35.13
C ASP E 276 -25.25 33.08 -35.40
N ALA E 277 -24.53 34.20 -35.39
CA ALA E 277 -23.09 34.18 -35.59
C ALA E 277 -22.46 33.36 -34.47
N PRO E 278 -21.48 32.49 -34.80
CA PRO E 278 -20.84 31.65 -33.80
C PRO E 278 -20.18 32.46 -32.69
N GLY E 279 -20.42 32.06 -31.44
CA GLY E 279 -19.83 32.71 -30.29
C GLY E 279 -20.75 33.66 -29.54
N GLY E 280 -21.83 34.08 -30.21
CA GLY E 280 -22.82 34.95 -29.59
C GLY E 280 -22.24 36.29 -29.20
N MET E 281 -22.74 36.86 -28.10
CA MET E 281 -22.34 38.20 -27.63
C MET E 281 -22.40 39.21 -28.77
N ILE E 282 -23.43 39.09 -29.61
CA ILE E 282 -23.54 39.86 -30.85
C ILE E 282 -23.50 41.38 -30.62
N GLU E 283 -24.24 41.84 -29.62
CA GLU E 283 -24.31 43.27 -29.27
C GLU E 283 -22.96 43.79 -28.71
N PHE E 284 -22.36 43.01 -27.80
CA PHE E 284 -21.09 43.37 -27.16
C PHE E 284 -19.96 43.53 -28.18
N ARG E 285 -19.81 42.54 -29.07
CA ARG E 285 -18.77 42.53 -30.10
C ARG E 285 -18.88 43.71 -31.07
N ARG E 286 -20.10 43.96 -31.55
CA ARG E 286 -20.36 45.14 -32.38
C ARG E 286 -19.93 46.42 -31.68
N THR E 287 -20.32 46.54 -30.42
CA THR E 287 -20.04 47.73 -29.62
C THR E 287 -18.54 47.93 -29.42
N LEU E 288 -17.82 46.82 -29.21
CA LEU E 288 -16.37 46.88 -29.03
C LEU E 288 -15.67 47.33 -30.30
N THR E 289 -16.17 46.92 -31.47
CA THR E 289 -15.50 47.30 -32.71
C THR E 289 -15.56 48.81 -32.91
N LEU E 290 -16.69 49.42 -32.52
CA LEU E 290 -16.84 50.86 -32.60
C LEU E 290 -16.11 51.56 -31.46
N SER E 291 -16.12 50.92 -30.29
CA SER E 291 -15.53 51.48 -29.08
C SER E 291 -14.00 51.52 -29.17
N PHE E 292 -13.43 50.47 -29.76
CA PHE E 292 -12.00 50.43 -30.03
C PHE E 292 -11.62 51.51 -31.05
N PHE E 293 -12.41 51.68 -32.11
CA PHE E 293 -12.09 52.77 -33.03
C PHE E 293 -12.14 54.16 -32.40
N PHE E 294 -13.15 54.42 -31.58
CA PHE E 294 -13.27 55.67 -30.82
C PHE E 294 -12.06 55.94 -29.93
N LYS E 295 -11.54 54.89 -29.29
CA LYS E 295 -10.36 55.03 -28.44
C LYS E 295 -9.16 55.42 -29.29
N PHE E 296 -9.03 54.75 -30.43
CA PHE E 296 -8.01 55.02 -31.44
C PHE E 296 -8.11 56.45 -31.97
N TYR E 297 -9.34 56.85 -32.34
CA TYR E 297 -9.64 58.21 -32.78
C TYR E 297 -9.16 59.27 -31.78
N LEU E 298 -9.54 59.09 -30.51
CA LEU E 298 -9.10 59.99 -29.45
C LEU E 298 -7.58 59.97 -29.20
N THR E 299 -6.98 58.78 -29.27
CA THR E 299 -5.55 58.62 -29.08
C THR E 299 -4.76 59.33 -30.19
N VAL E 300 -5.23 59.19 -31.43
CA VAL E 300 -4.61 59.85 -32.58
C VAL E 300 -4.68 61.38 -32.43
N LEU E 301 -5.79 61.90 -31.92
CA LEU E 301 -5.94 63.34 -31.69
C LEU E 301 -4.95 63.87 -30.65
N LYS E 302 -4.76 63.13 -29.55
CA LYS E 302 -3.77 63.50 -28.53
C LYS E 302 -2.35 63.44 -29.11
N LYS E 303 -2.11 62.45 -29.98
CA LYS E 303 -0.84 62.31 -30.68
C LYS E 303 -0.61 63.41 -31.73
N LEU E 304 -1.68 63.95 -32.29
CA LEU E 304 -1.61 65.10 -33.20
C LEU E 304 -1.45 66.43 -32.45
N GLY E 305 -1.57 66.38 -31.11
CA GLY E 305 -1.45 67.57 -30.28
C GLY E 305 0.00 67.99 -30.10
N ASP F 1 1.05 26.50 24.82
CA ASP F 1 -0.32 26.88 24.36
C ASP F 1 -0.23 27.82 23.14
N THR F 2 -0.55 27.29 21.96
CA THR F 2 -0.46 28.07 20.72
C THR F 2 -1.81 28.60 20.30
N VAL F 3 -2.87 28.27 21.05
CA VAL F 3 -4.21 28.69 20.67
C VAL F 3 -4.28 30.22 20.68
N GLY F 4 -4.67 30.80 19.54
CA GLY F 4 -4.70 32.25 19.37
C GLY F 4 -3.46 32.77 18.67
N ARG F 5 -2.50 31.89 18.42
CA ARG F 5 -1.26 32.26 17.73
C ARG F 5 -1.32 31.92 16.23
N PRO F 6 -0.66 32.74 15.39
CA PRO F 6 -0.62 32.53 13.93
C PRO F 6 0.35 31.44 13.48
N LEU F 7 0.17 30.22 13.96
CA LEU F 7 1.01 29.09 13.59
C LEU F 7 0.80 28.76 12.11
N PRO F 8 1.88 28.68 11.30
CA PRO F 8 1.69 28.28 9.91
C PRO F 8 1.08 26.88 9.82
N HIS F 9 0.27 26.67 8.77
CA HIS F 9 -0.27 25.34 8.39
C HIS F 9 0.87 24.33 8.50
N LEU F 10 0.62 23.24 9.22
CA LEU F 10 1.67 22.27 9.55
C LEU F 10 2.33 21.62 8.36
N ALA F 11 1.58 21.47 7.26
CA ALA F 11 2.12 20.85 6.06
C ALA F 11 2.73 21.87 5.07
N ALA F 12 2.70 23.16 5.40
CA ALA F 12 3.12 24.21 4.44
C ALA F 12 4.53 24.01 3.87
N ALA F 13 5.48 23.66 4.73
CA ALA F 13 6.87 23.48 4.29
C ALA F 13 7.02 22.30 3.32
N MET F 14 6.34 21.21 3.62
CA MET F 14 6.35 20.06 2.73
C MET F 14 5.62 20.34 1.42
N GLN F 15 4.60 21.20 1.50
CA GLN F 15 3.87 21.63 0.30
C GLN F 15 4.72 22.53 -0.62
N ALA F 16 5.52 23.41 -0.02
CA ALA F 16 6.47 24.24 -0.77
C ALA F 16 7.62 23.45 -1.38
N SER F 17 7.92 22.28 -0.83
CA SER F 17 9.07 21.51 -1.32
C SER F 17 8.63 20.35 -2.20
N GLY F 18 7.32 20.24 -2.38
CA GLY F 18 6.74 19.20 -3.24
C GLY F 18 6.80 17.82 -2.62
N GLU F 19 7.01 17.77 -1.29
CA GLU F 19 7.06 16.49 -0.56
C GLU F 19 5.69 16.03 -0.04
N ALA F 20 4.75 16.96 0.09
CA ALA F 20 3.38 16.61 0.49
C ALA F 20 2.76 15.71 -0.57
N VAL F 21 2.20 14.59 -0.11
CA VAL F 21 1.65 13.59 -1.03
C VAL F 21 0.15 13.81 -1.22
N TYR F 22 -0.25 13.98 -2.47
CA TYR F 22 -1.67 14.02 -2.87
C TYR F 22 -1.98 12.67 -3.49
N CYS F 23 -3.26 12.39 -3.68
CA CYS F 23 -3.67 11.06 -4.15
C CYS F 23 -2.84 10.50 -5.32
N ASP F 24 -2.71 11.25 -6.43
CA ASP F 24 -1.97 10.69 -7.59
C ASP F 24 -0.46 10.61 -7.40
N ASP F 25 0.03 11.23 -6.32
CA ASP F 25 1.45 11.18 -5.96
C ASP F 25 1.83 9.86 -5.28
N ILE F 26 0.83 9.12 -4.83
CA ILE F 26 1.08 7.78 -4.27
C ILE F 26 1.71 6.91 -5.37
N PRO F 27 2.83 6.24 -5.07
CA PRO F 27 3.47 5.33 -6.06
C PRO F 27 2.51 4.25 -6.57
N ARG F 28 2.66 3.85 -7.82
CA ARG F 28 1.81 2.82 -8.39
C ARG F 28 2.35 1.44 -8.07
N TYR F 29 1.43 0.51 -7.82
CA TYR F 29 1.81 -0.89 -7.79
C TYR F 29 2.30 -1.33 -9.17
N GLU F 30 3.11 -2.39 -9.17
CA GLU F 30 3.66 -2.92 -10.42
C GLU F 30 2.55 -3.32 -11.42
N ASN F 31 1.43 -3.81 -10.90
CA ASN F 31 0.30 -4.31 -11.69
C ASN F 31 -0.87 -3.31 -11.77
N GLU F 32 -0.64 -2.06 -11.34
CA GLU F 32 -1.71 -1.05 -11.29
C GLU F 32 -2.20 -0.66 -12.69
N LEU F 33 -3.52 -0.61 -12.85
CA LEU F 33 -4.15 -0.24 -14.11
C LEU F 33 -4.78 1.15 -13.98
N PHE F 34 -5.24 1.71 -15.09
CA PHE F 34 -5.76 3.09 -15.15
C PHE F 34 -7.13 3.12 -15.80
N LEU F 35 -8.01 3.91 -15.21
CA LEU F 35 -9.37 4.02 -15.67
C LEU F 35 -9.67 5.38 -16.30
N ARG F 36 -10.49 5.36 -17.36
CA ARG F 36 -11.00 6.58 -17.95
C ARG F 36 -12.49 6.40 -18.23
N LEU F 37 -13.30 7.34 -17.76
CA LEU F 37 -14.74 7.27 -17.92
C LEU F 37 -15.22 7.52 -19.35
N VAL F 38 -16.26 6.79 -19.76
CA VAL F 38 -16.92 7.02 -21.06
C VAL F 38 -18.26 7.71 -20.76
N THR F 39 -18.47 8.83 -21.42
CA THR F 39 -19.41 9.82 -20.97
C THR F 39 -20.37 10.19 -22.11
N SER F 40 -21.62 10.46 -21.77
CA SER F 40 -22.65 10.88 -22.77
C SER F 40 -22.30 12.19 -23.48
N THR F 41 -22.51 12.23 -24.81
CA THR F 41 -22.35 13.50 -25.54
C THR F 41 -23.71 14.14 -25.82
N ARG F 42 -24.78 13.54 -25.29
CA ARG F 42 -26.15 14.03 -25.48
C ARG F 42 -26.84 14.35 -24.16
N ALA F 43 -27.65 15.41 -24.17
CA ALA F 43 -28.36 15.85 -22.98
C ALA F 43 -29.42 14.85 -22.57
N HIS F 44 -30.14 14.27 -23.52
CA HIS F 44 -31.20 13.31 -23.16
C HIS F 44 -31.41 12.40 -24.35
N ALA F 45 -31.11 11.12 -24.19
CA ALA F 45 -31.16 10.19 -25.31
C ALA F 45 -31.27 8.76 -24.86
N LYS F 46 -31.84 7.90 -25.70
CA LYS F 46 -31.73 6.46 -25.52
C LYS F 46 -30.37 5.98 -26.07
N ILE F 47 -29.70 5.08 -25.35
CA ILE F 47 -28.48 4.46 -25.87
C ILE F 47 -28.89 3.27 -26.75
N LYS F 48 -28.58 3.34 -28.05
CA LYS F 48 -28.95 2.27 -28.98
C LYS F 48 -27.92 1.14 -29.00
N SER F 49 -26.63 1.50 -28.96
CA SER F 49 -25.56 0.52 -28.92
C SER F 49 -24.25 1.13 -28.43
N ILE F 50 -23.32 0.28 -28.01
CA ILE F 50 -21.98 0.69 -27.63
C ILE F 50 -21.02 -0.22 -28.36
N ASP F 51 -20.15 0.36 -29.17
CA ASP F 51 -19.16 -0.38 -29.95
C ASP F 51 -17.75 -0.13 -29.42
N VAL F 52 -17.09 -1.20 -29.00
CA VAL F 52 -15.75 -1.12 -28.41
C VAL F 52 -14.64 -1.71 -29.31
N SER F 53 -15.01 -2.03 -30.55
CA SER F 53 -14.11 -2.63 -31.55
C SER F 53 -12.79 -1.93 -31.68
N GLU F 54 -12.81 -0.62 -31.85
CA GLU F 54 -11.58 0.16 -32.07
C GLU F 54 -10.77 0.35 -30.79
N ALA F 55 -11.47 0.52 -29.66
CA ALA F 55 -10.84 0.58 -28.33
C ALA F 55 -9.97 -0.65 -28.06
N GLN F 56 -10.46 -1.82 -28.46
CA GLN F 56 -9.72 -3.08 -28.34
C GLN F 56 -8.40 -3.14 -29.13
N LYS F 57 -8.30 -2.37 -30.19
CA LYS F 57 -7.06 -2.30 -31.00
C LYS F 57 -5.98 -1.41 -30.34
N VAL F 58 -6.37 -0.62 -29.32
CA VAL F 58 -5.43 0.27 -28.64
C VAL F 58 -4.50 -0.59 -27.77
N PRO F 59 -3.17 -0.39 -27.89
CA PRO F 59 -2.22 -1.16 -27.10
C PRO F 59 -2.45 -0.95 -25.61
N GLY F 60 -2.39 -2.03 -24.83
CA GLY F 60 -2.60 -1.94 -23.39
C GLY F 60 -4.05 -1.89 -22.93
N PHE F 61 -4.99 -1.94 -23.89
CA PHE F 61 -6.40 -2.05 -23.55
C PHE F 61 -6.68 -3.28 -22.70
N VAL F 62 -7.37 -3.10 -21.57
CA VAL F 62 -7.72 -4.23 -20.69
C VAL F 62 -9.19 -4.62 -20.86
N CYS F 63 -10.10 -3.69 -20.59
CA CYS F 63 -11.53 -3.99 -20.69
C CYS F 63 -12.40 -2.74 -20.74
N PHE F 64 -13.64 -2.90 -21.23
CA PHE F 64 -14.68 -1.89 -21.09
C PHE F 64 -15.71 -2.34 -20.03
N LEU F 65 -16.00 -1.47 -19.07
CA LEU F 65 -17.00 -1.77 -18.04
C LEU F 65 -18.23 -0.95 -18.23
N SER F 66 -19.37 -1.59 -18.01
CA SER F 66 -20.68 -1.01 -18.19
C SER F 66 -21.58 -1.52 -17.06
N ALA F 67 -22.85 -1.10 -17.06
CA ALA F 67 -23.80 -1.45 -16.02
C ALA F 67 -23.90 -2.96 -15.80
N ASP F 68 -23.78 -3.72 -16.88
CA ASP F 68 -23.87 -5.19 -16.79
C ASP F 68 -22.75 -5.86 -15.95
N ASP F 69 -21.64 -5.16 -15.73
CA ASP F 69 -20.52 -5.71 -14.95
C ASP F 69 -20.68 -5.55 -13.44
N ILE F 70 -21.65 -4.76 -13.01
CA ILE F 70 -21.85 -4.46 -11.59
C ILE F 70 -22.40 -5.68 -10.83
N PRO F 71 -21.72 -6.10 -9.74
CA PRO F 71 -22.17 -7.30 -9.01
C PRO F 71 -23.27 -7.07 -7.97
N GLY F 72 -23.36 -5.85 -7.45
CA GLY F 72 -24.31 -5.51 -6.40
C GLY F 72 -25.49 -4.72 -6.89
N SER F 73 -25.34 -3.39 -6.99
CA SER F 73 -26.45 -2.52 -7.34
C SER F 73 -25.96 -1.41 -8.26
N ASN F 74 -26.78 -1.08 -9.26
CA ASN F 74 -26.50 0.06 -10.14
C ASN F 74 -27.23 1.32 -9.67
N GLU F 75 -27.86 1.25 -8.50
CA GLU F 75 -28.63 2.35 -7.93
C GLU F 75 -27.76 3.04 -6.89
N THR F 76 -27.52 4.34 -7.08
CA THR F 76 -26.62 5.09 -6.23
C THR F 76 -27.09 6.54 -6.03
N GLY F 77 -26.27 7.32 -5.32
CA GLY F 77 -26.55 8.72 -5.12
C GLY F 77 -27.24 8.88 -3.80
N LEU F 78 -27.20 10.10 -3.26
CA LEU F 78 -27.74 10.34 -1.94
C LEU F 78 -29.21 9.92 -1.78
N PHE F 79 -30.00 10.11 -2.82
CA PHE F 79 -31.43 9.80 -2.76
C PHE F 79 -31.76 8.63 -3.68
N ASN F 80 -30.74 7.80 -3.92
CA ASN F 80 -30.89 6.59 -4.72
C ASN F 80 -31.58 6.81 -6.04
N ASP F 81 -31.27 7.96 -6.65
CA ASP F 81 -31.88 8.37 -7.92
C ASP F 81 -30.86 8.52 -9.05
N GLU F 82 -29.70 7.91 -8.87
CA GLU F 82 -28.68 7.90 -9.90
C GLU F 82 -28.27 6.47 -10.24
N THR F 83 -27.65 6.33 -11.40
CA THR F 83 -27.02 5.09 -11.80
C THR F 83 -25.53 5.24 -11.61
N VAL F 84 -24.86 4.13 -11.35
CA VAL F 84 -23.41 4.09 -11.40
C VAL F 84 -22.96 4.23 -12.87
N PHE F 85 -23.54 3.40 -13.74
CA PHE F 85 -23.36 3.50 -15.18
C PHE F 85 -24.74 3.58 -15.81
N ALA F 86 -24.94 4.48 -16.77
CA ALA F 86 -26.23 4.60 -17.47
C ALA F 86 -26.57 3.29 -18.19
N LYS F 87 -27.84 2.89 -18.19
CA LYS F 87 -28.18 1.64 -18.86
C LYS F 87 -28.91 1.83 -20.18
N ASP F 88 -30.13 2.34 -20.12
CA ASP F 88 -30.94 2.49 -21.32
C ASP F 88 -30.91 3.92 -21.86
N THR F 89 -30.84 4.90 -20.95
CA THR F 89 -30.97 6.32 -21.28
C THR F 89 -29.90 7.16 -20.57
N VAL F 90 -29.43 8.18 -21.28
CA VAL F 90 -28.56 9.19 -20.72
C VAL F 90 -29.39 10.45 -20.45
N THR F 91 -29.10 11.14 -19.36
CA THR F 91 -29.93 12.27 -18.94
C THR F 91 -29.16 13.58 -18.76
N CYS F 92 -27.89 13.59 -19.20
CA CYS F 92 -27.13 14.82 -19.31
C CYS F 92 -25.87 14.61 -20.13
N VAL F 93 -25.29 15.69 -20.62
CA VAL F 93 -24.07 15.57 -21.41
C VAL F 93 -22.89 14.88 -20.69
N GLY F 94 -22.60 15.15 -19.45
CA GLY F 94 -21.51 14.29 -18.85
C GLY F 94 -21.87 12.94 -18.22
N HIS F 95 -23.03 12.38 -18.59
CA HIS F 95 -23.61 11.20 -17.92
C HIS F 95 -22.70 9.99 -18.12
N ILE F 96 -22.31 9.35 -17.02
CA ILE F 96 -21.35 8.24 -17.11
C ILE F 96 -22.01 6.96 -17.64
N ILE F 97 -21.48 6.44 -18.75
CA ILE F 97 -22.04 5.28 -19.42
C ILE F 97 -21.23 4.01 -19.12
N GLY F 98 -19.94 4.19 -18.94
CA GLY F 98 -19.03 3.06 -18.81
C GLY F 98 -17.63 3.58 -18.54
N ALA F 99 -16.66 2.69 -18.59
CA ALA F 99 -15.26 3.03 -18.34
C ALA F 99 -14.35 2.08 -19.06
N VAL F 100 -13.23 2.62 -19.57
CA VAL F 100 -12.18 1.82 -20.17
C VAL F 100 -11.07 1.69 -19.12
N VAL F 101 -10.50 0.49 -19.04
CA VAL F 101 -9.34 0.22 -18.21
C VAL F 101 -8.18 -0.15 -19.13
N ALA F 102 -6.99 0.39 -18.87
CA ALA F 102 -5.78 0.12 -19.67
C ALA F 102 -4.52 0.20 -18.80
N ASP F 103 -3.38 -0.16 -19.38
CA ASP F 103 -2.13 -0.30 -18.64
C ASP F 103 -1.42 1.03 -18.39
N THR F 104 -1.80 2.08 -19.10
CA THR F 104 -1.26 3.43 -18.86
C THR F 104 -2.40 4.43 -18.97
N PRO F 105 -2.28 5.62 -18.32
CA PRO F 105 -3.35 6.61 -18.44
C PRO F 105 -3.50 7.15 -19.88
N GLU F 106 -2.39 7.25 -20.61
CA GLU F 106 -2.43 7.65 -22.03
C GLU F 106 -3.17 6.65 -22.89
N HIS F 107 -2.99 5.36 -22.62
CA HIS F 107 -3.72 4.31 -23.37
C HIS F 107 -5.22 4.30 -23.04
N ALA F 108 -5.53 4.57 -21.76
CA ALA F 108 -6.92 4.69 -21.31
C ALA F 108 -7.61 5.85 -22.02
N GLU F 109 -6.92 6.97 -22.13
CA GLU F 109 -7.46 8.17 -22.81
C GLU F 109 -7.71 7.90 -24.29
N ARG F 110 -6.72 7.28 -24.94
CA ARG F 110 -6.84 6.88 -26.34
C ARG F 110 -8.02 5.93 -26.58
N ALA F 111 -8.15 4.92 -25.73
CA ALA F 111 -9.21 3.94 -25.87
C ALA F 111 -10.60 4.55 -25.68
N ALA F 112 -10.74 5.43 -24.68
CA ALA F 112 -12.03 6.02 -24.34
C ALA F 112 -12.57 6.85 -25.50
N HIS F 113 -11.69 7.59 -26.16
CA HIS F 113 -12.07 8.52 -27.21
C HIS F 113 -12.65 7.77 -28.44
N VAL F 114 -12.23 6.52 -28.61
CA VAL F 114 -12.59 5.68 -29.74
C VAL F 114 -13.78 4.72 -29.46
N VAL F 115 -14.36 4.78 -28.24
CA VAL F 115 -15.59 4.05 -27.92
C VAL F 115 -16.76 4.73 -28.66
N LYS F 116 -17.53 3.96 -29.43
CA LYS F 116 -18.60 4.55 -30.24
C LYS F 116 -19.96 4.23 -29.68
N VAL F 117 -20.67 5.29 -29.28
CA VAL F 117 -22.02 5.17 -28.74
C VAL F 117 -23.05 5.69 -29.75
N THR F 118 -24.08 4.89 -29.98
CA THR F 118 -25.20 5.31 -30.80
C THR F 118 -26.35 5.74 -29.92
N TYR F 119 -26.90 6.92 -30.22
CA TYR F 119 -27.99 7.50 -29.45
C TYR F 119 -29.25 7.64 -30.29
N GLU F 120 -30.39 7.68 -29.62
CA GLU F 120 -31.63 8.19 -30.17
C GLU F 120 -32.10 9.35 -29.27
N ASP F 121 -32.05 10.56 -29.80
CA ASP F 121 -32.34 11.78 -29.02
C ASP F 121 -33.76 11.86 -28.49
N LEU F 122 -33.89 12.36 -27.26
CA LEU F 122 -35.18 12.60 -26.61
C LEU F 122 -35.29 14.10 -26.29
N PRO F 123 -36.52 14.63 -26.08
CA PRO F 123 -36.63 16.07 -25.78
C PRO F 123 -35.98 16.39 -24.44
N ALA F 124 -35.18 17.44 -24.39
CA ALA F 124 -34.42 17.80 -23.19
C ALA F 124 -34.93 19.08 -22.52
N ILE F 125 -34.63 19.23 -21.23
CA ILE F 125 -34.99 20.41 -20.43
C ILE F 125 -33.69 20.95 -19.84
N ILE F 126 -33.29 22.13 -20.25
CA ILE F 126 -31.97 22.65 -19.90
C ILE F 126 -32.02 23.84 -18.95
N THR F 127 -32.85 24.82 -19.30
CA THR F 127 -32.93 26.04 -18.51
C THR F 127 -33.96 25.94 -17.40
N ILE F 128 -33.80 26.80 -16.39
CA ILE F 128 -34.76 26.95 -15.29
C ILE F 128 -36.13 27.32 -15.89
N GLU F 129 -36.11 28.18 -16.90
CA GLU F 129 -37.33 28.58 -17.59
C GLU F 129 -38.02 27.36 -18.25
N ASP F 130 -37.25 26.54 -18.97
CA ASP F 130 -37.71 25.24 -19.55
C ASP F 130 -38.39 24.40 -18.46
N ALA F 131 -37.75 24.31 -17.30
CA ALA F 131 -38.24 23.45 -16.21
C ALA F 131 -39.55 23.95 -15.62
N ILE F 132 -39.62 25.26 -15.41
CA ILE F 132 -40.83 25.87 -14.88
C ILE F 132 -42.00 25.63 -15.86
N LYS F 133 -41.73 25.83 -17.15
CA LYS F 133 -42.75 25.66 -18.18
C LYS F 133 -43.24 24.20 -18.30
N ASN F 134 -42.37 23.25 -17.98
CA ASN F 134 -42.72 21.82 -18.01
C ASN F 134 -43.03 21.23 -16.64
N ASN F 135 -43.16 22.07 -15.63
CA ASN F 135 -43.32 21.63 -14.24
C ASN F 135 -42.36 20.48 -13.87
N SER F 136 -41.11 20.63 -14.31
CA SER F 136 -40.07 19.63 -14.05
C SER F 136 -39.35 20.00 -12.76
N PHE F 137 -39.86 19.52 -11.62
CA PHE F 137 -39.26 19.79 -10.32
C PHE F 137 -39.04 18.53 -9.51
N TYR F 138 -38.06 18.57 -8.61
CA TYR F 138 -37.87 17.53 -7.61
C TYR F 138 -38.67 17.88 -6.37
N GLY F 139 -39.51 16.96 -5.91
CA GLY F 139 -40.24 17.14 -4.65
C GLY F 139 -41.27 18.25 -4.73
N SER F 140 -41.66 18.80 -3.58
CA SER F 140 -42.59 19.91 -3.56
C SER F 140 -41.98 21.23 -3.07
N GLU F 141 -42.75 22.29 -3.22
CA GLU F 141 -42.33 23.62 -2.78
C GLU F 141 -41.91 23.66 -1.30
N LEU F 142 -40.75 24.27 -1.04
CA LEU F 142 -40.33 24.63 0.32
C LEU F 142 -40.78 26.06 0.59
N LYS F 143 -41.15 26.36 1.83
CA LYS F 143 -41.66 27.69 2.19
C LYS F 143 -41.31 28.05 3.61
N ILE F 144 -40.96 29.32 3.82
CA ILE F 144 -40.95 29.92 5.15
C ILE F 144 -41.81 31.19 5.05
N GLU F 145 -42.78 31.31 5.94
CA GLU F 145 -43.67 32.48 5.98
C GLU F 145 -43.79 33.00 7.42
N LYS F 146 -43.72 34.32 7.59
CA LYS F 146 -43.89 34.96 8.89
C LYS F 146 -44.63 36.29 8.74
N GLY F 147 -45.46 36.64 9.73
CA GLY F 147 -46.25 37.86 9.69
C GLY F 147 -47.49 37.74 8.81
N ASP F 148 -47.93 38.85 8.23
CA ASP F 148 -49.05 38.83 7.28
C ASP F 148 -48.78 39.69 6.06
N LEU F 149 -48.55 39.00 4.94
CA LEU F 149 -48.21 39.64 3.67
C LEU F 149 -49.32 40.55 3.15
N LYS F 150 -50.56 40.06 3.22
CA LYS F 150 -51.74 40.81 2.80
C LYS F 150 -52.16 41.72 3.94
N LYS F 151 -51.41 42.78 4.14
CA LYS F 151 -51.57 43.67 5.28
C LYS F 151 -50.30 44.47 5.27
N GLY F 152 -49.17 43.75 5.23
CA GLY F 152 -47.90 44.38 4.97
C GLY F 152 -47.94 45.12 3.64
N PHE F 153 -48.42 44.47 2.59
CA PHE F 153 -48.48 45.11 1.26
C PHE F 153 -49.56 46.19 1.18
N SER F 154 -50.66 45.97 1.88
CA SER F 154 -51.71 46.98 1.98
C SER F 154 -51.20 48.29 2.60
N GLU F 155 -50.19 48.20 3.47
CA GLU F 155 -49.66 49.38 4.16
C GLU F 155 -48.45 50.03 3.46
N ALA F 156 -47.83 49.31 2.55
CA ALA F 156 -46.64 49.77 1.83
C ALA F 156 -46.87 51.00 0.95
N ASP F 157 -46.00 51.99 1.11
CA ASP F 157 -46.01 53.20 0.28
C ASP F 157 -45.66 52.89 -1.16
N ASN F 158 -44.62 52.07 -1.31
CA ASN F 158 -44.05 51.74 -2.60
C ASN F 158 -43.83 50.24 -2.71
N VAL F 159 -43.70 49.77 -3.93
CA VAL F 159 -43.34 48.38 -4.19
C VAL F 159 -42.22 48.38 -5.24
N VAL F 160 -41.32 47.41 -5.16
CA VAL F 160 -40.44 47.11 -6.28
C VAL F 160 -40.60 45.62 -6.58
N SER F 161 -40.69 45.28 -7.85
CA SER F 161 -40.78 43.89 -8.22
C SER F 161 -39.80 43.62 -9.38
N GLY F 162 -39.37 42.38 -9.53
CA GLY F 162 -38.44 42.05 -10.59
C GLY F 162 -38.01 40.60 -10.58
N GLU F 163 -37.02 40.33 -11.42
CA GLU F 163 -36.50 38.99 -11.62
C GLU F 163 -34.98 39.12 -11.65
N LEU F 164 -34.32 38.14 -11.06
CA LEU F 164 -32.86 38.15 -10.96
C LEU F 164 -32.36 36.74 -11.23
N TYR F 165 -31.24 36.65 -11.94
CA TYR F 165 -30.58 35.38 -12.17
C TYR F 165 -29.15 35.44 -11.65
N ILE F 166 -28.72 34.35 -11.04
CA ILE F 166 -27.31 34.21 -10.67
C ILE F 166 -26.76 32.89 -11.27
N GLY F 167 -25.79 33.02 -12.15
CA GLY F 167 -25.13 31.85 -12.74
C GLY F 167 -24.39 30.97 -11.72
N GLY F 168 -24.14 29.72 -12.11
CA GLY F 168 -23.40 28.75 -11.31
C GLY F 168 -21.90 29.03 -11.21
N GLN F 169 -21.14 28.01 -10.84
CA GLN F 169 -19.72 28.20 -10.59
C GLN F 169 -19.09 26.83 -10.58
N ASP F 170 -17.92 26.71 -11.19
CA ASP F 170 -17.18 25.46 -11.12
C ASP F 170 -16.19 25.55 -9.96
N HIS F 171 -16.00 24.46 -9.24
CA HIS F 171 -15.16 24.50 -8.04
C HIS F 171 -13.73 24.87 -8.37
N PHE F 172 -13.19 24.31 -9.45
CA PHE F 172 -11.81 24.57 -9.83
C PHE F 172 -10.83 24.40 -8.67
N TYR F 173 -11.05 23.38 -7.83
CA TYR F 173 -10.00 22.91 -6.93
C TYR F 173 -8.83 22.59 -7.85
N LEU F 174 -7.62 22.91 -7.41
CA LEU F 174 -6.46 22.73 -8.27
C LEU F 174 -6.23 21.24 -8.51
N GLU F 175 -6.48 20.41 -7.49
CA GLU F 175 -6.44 18.93 -7.66
C GLU F 175 -7.83 18.43 -8.02
N THR F 176 -7.96 17.83 -9.20
CA THR F 176 -9.26 17.29 -9.64
C THR F 176 -9.55 15.97 -8.91
N HIS F 177 -10.69 15.35 -9.21
CA HIS F 177 -11.09 14.14 -8.48
C HIS F 177 -10.11 13.00 -8.77
N CYS F 178 -9.81 12.18 -7.75
CA CYS F 178 -8.81 11.13 -7.83
C CYS F 178 -9.15 10.02 -6.83
N THR F 179 -9.07 8.77 -7.28
CA THR F 179 -9.24 7.58 -6.41
C THR F 179 -8.27 6.52 -6.90
N ILE F 180 -7.68 5.81 -5.94
CA ILE F 180 -6.98 4.56 -6.15
C ILE F 180 -7.75 3.48 -5.36
N ALA F 181 -8.06 2.35 -6.01
CA ALA F 181 -8.72 1.26 -5.30
C ALA F 181 -7.83 0.03 -5.35
N ILE F 182 -7.60 -0.55 -4.18
CA ILE F 182 -6.75 -1.74 -4.02
C ILE F 182 -7.59 -2.91 -3.55
N PRO F 183 -7.82 -3.90 -4.44
CA PRO F 183 -8.59 -5.08 -4.04
C PRO F 183 -7.66 -5.98 -3.26
N LYS F 184 -8.09 -6.46 -2.08
CA LYS F 184 -7.22 -7.34 -1.30
C LYS F 184 -7.21 -8.79 -1.78
N GLY F 185 -8.30 -9.23 -2.41
CA GLY F 185 -8.41 -10.59 -2.93
C GLY F 185 -9.05 -11.54 -1.93
N GLU F 186 -9.41 -11.01 -0.75
CA GLU F 186 -10.05 -11.78 0.32
C GLU F 186 -11.33 -11.14 0.79
N GLU F 187 -12.39 -11.95 0.87
CA GLU F 187 -13.63 -11.54 1.51
C GLU F 187 -14.26 -10.25 0.97
N GLY F 188 -13.98 -9.89 -0.28
CA GLY F 188 -14.48 -8.62 -0.85
C GLY F 188 -13.79 -7.39 -0.30
N GLU F 189 -12.71 -7.57 0.45
CA GLU F 189 -12.03 -6.42 1.08
C GLU F 189 -11.41 -5.50 0.05
N MET F 190 -11.55 -4.19 0.28
CA MET F 190 -10.93 -3.18 -0.59
C MET F 190 -10.41 -1.98 0.20
N GLU F 191 -9.23 -1.46 -0.18
CA GLU F 191 -8.72 -0.23 0.44
C GLU F 191 -8.71 0.83 -0.66
N LEU F 192 -9.27 2.00 -0.35
CA LEU F 192 -9.33 3.10 -1.31
C LEU F 192 -8.62 4.32 -0.76
N PHE F 193 -7.83 4.96 -1.61
CA PHE F 193 -7.20 6.25 -1.33
C PHE F 193 -7.96 7.26 -2.15
N VAL F 194 -8.54 8.27 -1.52
CA VAL F 194 -9.53 9.08 -2.22
C VAL F 194 -9.39 10.58 -1.90
N SER F 195 -9.47 11.43 -2.92
CA SER F 195 -9.61 12.90 -2.70
C SER F 195 -11.11 13.24 -2.45
N THR F 196 -11.56 13.10 -1.21
CA THR F 196 -12.97 13.33 -0.85
C THR F 196 -13.14 13.99 0.51
N GLN F 197 -14.20 14.80 0.63
CA GLN F 197 -14.66 15.36 1.92
C GLN F 197 -15.59 14.41 2.66
N ASN F 198 -15.87 13.25 2.05
CA ASN F 198 -16.96 12.42 2.57
C ASN F 198 -16.55 10.96 2.45
N ALA F 199 -15.62 10.56 3.31
CA ALA F 199 -15.18 9.16 3.31
C ALA F 199 -16.32 8.18 3.64
N MET F 200 -17.24 8.57 4.54
CA MET F 200 -18.39 7.73 4.91
C MET F 200 -19.25 7.34 3.71
N LYS F 201 -19.64 8.32 2.89
CA LYS F 201 -20.49 7.99 1.74
C LYS F 201 -19.71 7.27 0.66
N THR F 202 -18.43 7.61 0.53
CA THR F 202 -17.54 6.88 -0.37
C THR F 202 -17.59 5.41 -0.01
N GLN F 203 -17.36 5.14 1.27
CA GLN F 203 -17.37 3.79 1.80
C GLN F 203 -18.70 3.06 1.56
N SER F 204 -19.80 3.71 1.92
CA SER F 204 -21.14 3.14 1.78
C SER F 204 -21.52 2.86 0.33
N PHE F 205 -21.19 3.79 -0.56
CA PHE F 205 -21.58 3.69 -1.98
C PHE F 205 -20.76 2.63 -2.71
N VAL F 206 -19.49 2.53 -2.36
CA VAL F 206 -18.65 1.47 -2.91
C VAL F 206 -19.22 0.10 -2.45
N ALA F 207 -19.47 -0.05 -1.16
CA ALA F 207 -20.01 -1.33 -0.62
C ALA F 207 -21.35 -1.70 -1.27
N LYS F 208 -22.21 -0.70 -1.45
CA LYS F 208 -23.51 -0.89 -2.06
C LYS F 208 -23.38 -1.37 -3.51
N MET F 209 -22.51 -0.73 -4.30
CA MET F 209 -22.28 -1.18 -5.69
C MET F 209 -21.74 -2.62 -5.74
N LEU F 210 -20.82 -2.94 -4.83
CA LEU F 210 -20.15 -4.24 -4.83
C LEU F 210 -21.03 -5.34 -4.24
N GLY F 211 -22.05 -4.94 -3.50
CA GLY F 211 -22.94 -5.87 -2.78
C GLY F 211 -22.25 -6.53 -1.59
N VAL F 212 -21.39 -5.80 -0.88
CA VAL F 212 -20.64 -6.36 0.26
C VAL F 212 -20.93 -5.52 1.52
N PRO F 213 -20.73 -6.09 2.74
CA PRO F 213 -20.98 -5.25 3.91
C PRO F 213 -19.97 -4.09 3.95
N VAL F 214 -20.39 -2.97 4.51
CA VAL F 214 -19.55 -1.76 4.65
C VAL F 214 -18.26 -2.04 5.44
N ASN F 215 -18.29 -3.00 6.36
CA ASN F 215 -17.05 -3.34 7.12
C ASN F 215 -15.89 -3.93 6.27
N ARG F 216 -16.17 -4.22 5.00
CA ARG F 216 -15.13 -4.70 4.08
C ARG F 216 -14.33 -3.61 3.38
N ILE F 217 -14.81 -2.36 3.46
CA ILE F 217 -14.28 -1.26 2.64
C ILE F 217 -13.55 -0.25 3.56
N LEU F 218 -12.28 0.00 3.29
CA LEU F 218 -11.54 0.99 4.06
C LEU F 218 -11.27 2.17 3.13
N VAL F 219 -11.64 3.37 3.57
CA VAL F 219 -11.37 4.58 2.80
C VAL F 219 -10.41 5.47 3.62
N ARG F 220 -9.34 5.93 2.98
CA ARG F 220 -8.29 6.72 3.61
C ARG F 220 -8.08 8.02 2.85
N VAL F 221 -8.07 9.14 3.58
CA VAL F 221 -7.88 10.45 2.98
C VAL F 221 -6.75 11.15 3.74
N LYS F 222 -5.64 11.38 3.05
CA LYS F 222 -4.53 12.14 3.63
C LYS F 222 -4.81 13.63 3.55
N ARG F 223 -5.01 14.11 2.32
CA ARG F 223 -5.32 15.52 2.09
C ARG F 223 -5.90 15.68 0.67
N MET F 224 -6.59 16.80 0.45
CA MET F 224 -7.09 17.19 -0.87
C MET F 224 -6.41 18.47 -1.25
N GLY F 225 -6.11 18.57 -2.55
CA GLY F 225 -5.72 19.84 -3.14
C GLY F 225 -6.95 20.67 -3.43
N GLY F 226 -7.72 20.96 -2.38
CA GLY F 226 -8.96 21.73 -2.49
C GLY F 226 -10.20 20.85 -2.58
N GLY F 227 -11.30 21.34 -2.05
CA GLY F 227 -12.58 20.63 -2.08
C GLY F 227 -13.72 21.58 -2.35
N PHE F 228 -13.88 22.58 -1.47
CA PHE F 228 -14.86 23.67 -1.62
C PHE F 228 -16.29 23.19 -1.79
N GLY F 229 -16.61 21.99 -1.29
CA GLY F 229 -17.96 21.42 -1.42
C GLY F 229 -18.07 20.45 -2.58
N GLY F 230 -17.22 20.61 -3.60
CA GLY F 230 -17.24 19.77 -4.79
C GLY F 230 -16.84 18.33 -4.57
N LYS F 231 -16.25 18.04 -3.41
CA LYS F 231 -15.87 16.69 -3.07
C LYS F 231 -16.66 16.13 -1.89
N GLU F 232 -17.81 16.75 -1.61
CA GLU F 232 -18.71 16.34 -0.51
C GLU F 232 -19.58 15.12 -0.88
N THR F 233 -19.96 15.01 -2.14
CA THR F 233 -20.74 13.87 -2.61
C THR F 233 -20.33 13.38 -4.00
N ARG F 234 -19.90 14.29 -4.87
CA ARG F 234 -19.66 13.94 -6.29
C ARG F 234 -18.37 13.14 -6.54
N SER F 235 -17.48 13.09 -5.55
CA SER F 235 -16.28 12.26 -5.65
C SER F 235 -16.65 10.80 -5.90
N THR F 236 -17.84 10.39 -5.46
CA THR F 236 -18.23 8.99 -5.58
C THR F 236 -18.41 8.57 -7.03
N LEU F 237 -18.59 9.52 -7.94
CA LEU F 237 -18.73 9.17 -9.35
C LEU F 237 -17.49 8.40 -9.81
N VAL F 238 -16.32 8.90 -9.42
CA VAL F 238 -15.06 8.29 -9.82
C VAL F 238 -14.76 7.07 -8.93
N SER F 239 -14.92 7.24 -7.62
CA SER F 239 -14.59 6.22 -6.62
C SER F 239 -15.30 4.91 -6.90
N VAL F 240 -16.59 4.99 -7.22
CA VAL F 240 -17.38 3.80 -7.44
C VAL F 240 -16.93 3.11 -8.73
N ALA F 241 -16.65 3.87 -9.78
CA ALA F 241 -16.18 3.31 -11.05
C ALA F 241 -14.82 2.64 -10.89
N VAL F 242 -13.89 3.29 -10.18
CA VAL F 242 -12.58 2.72 -9.95
C VAL F 242 -12.66 1.43 -9.09
N ALA F 243 -13.52 1.43 -8.08
CA ALA F 243 -13.76 0.24 -7.26
C ALA F 243 -14.28 -0.92 -8.08
N LEU F 244 -15.18 -0.62 -9.01
CA LEU F 244 -15.72 -1.68 -9.87
C LEU F 244 -14.61 -2.26 -10.74
N ALA F 245 -13.77 -1.39 -11.31
CA ALA F 245 -12.62 -1.82 -12.11
C ALA F 245 -11.68 -2.70 -11.29
N ALA F 246 -11.41 -2.32 -10.04
CA ALA F 246 -10.56 -3.14 -9.15
C ALA F 246 -11.17 -4.51 -8.89
N TYR F 247 -12.48 -4.52 -8.62
CA TYR F 247 -13.22 -5.76 -8.34
C TYR F 247 -13.13 -6.70 -9.54
N LYS F 248 -13.37 -6.14 -10.72
CA LYS F 248 -13.49 -6.94 -11.95
C LYS F 248 -12.14 -7.52 -12.38
N THR F 249 -11.10 -6.68 -12.33
CA THR F 249 -9.76 -7.08 -12.76
C THR F 249 -8.94 -7.81 -11.70
N GLY F 250 -9.27 -7.57 -10.42
CA GLY F 250 -8.41 -8.03 -9.30
C GLY F 250 -7.08 -7.29 -9.18
N HIS F 251 -6.88 -6.22 -9.98
CA HIS F 251 -5.68 -5.35 -9.93
C HIS F 251 -6.02 -4.04 -9.22
N PRO F 252 -5.00 -3.38 -8.61
CA PRO F 252 -5.19 -1.99 -8.17
C PRO F 252 -5.51 -1.15 -9.40
N VAL F 253 -6.44 -0.21 -9.25
CA VAL F 253 -6.80 0.70 -10.34
C VAL F 253 -6.86 2.13 -9.86
N ARG F 254 -6.43 3.07 -10.70
CA ARG F 254 -6.56 4.48 -10.32
C ARG F 254 -7.13 5.31 -11.45
N CYS F 255 -7.70 6.47 -11.09
CA CYS F 255 -8.16 7.43 -12.05
C CYS F 255 -8.02 8.81 -11.44
N MET F 256 -7.34 9.71 -12.14
CA MET F 256 -7.45 11.13 -11.82
C MET F 256 -8.09 11.80 -13.02
N LEU F 257 -9.09 12.66 -12.79
CA LEU F 257 -9.78 13.25 -13.93
C LEU F 257 -8.97 14.36 -14.53
N ASP F 258 -9.07 14.49 -15.86
CA ASP F 258 -8.52 15.65 -16.54
C ASP F 258 -9.46 16.79 -16.21
N ARG F 259 -8.95 18.02 -16.24
CA ARG F 259 -9.73 19.21 -15.92
C ARG F 259 -11.03 19.27 -16.72
N ASN F 260 -10.97 18.94 -18.00
CA ASN F 260 -12.14 19.09 -18.85
C ASN F 260 -13.26 18.09 -18.49
N GLU F 261 -12.85 16.88 -18.09
CA GLU F 261 -13.81 15.84 -17.62
C GLU F 261 -14.41 16.27 -16.29
N ASP F 262 -13.54 16.74 -15.38
CA ASP F 262 -14.00 17.22 -14.08
C ASP F 262 -15.07 18.32 -14.21
N MET F 263 -14.82 19.32 -15.03
CA MET F 263 -15.79 20.41 -15.19
C MET F 263 -17.14 19.97 -15.78
N LEU F 264 -17.08 18.97 -16.67
CA LEU F 264 -18.28 18.46 -17.35
C LEU F 264 -19.16 17.58 -16.45
N ILE F 265 -18.50 16.67 -15.74
CA ILE F 265 -19.14 15.56 -15.03
C ILE F 265 -19.62 15.86 -13.60
N THR F 266 -18.87 16.67 -12.85
CA THR F 266 -18.96 16.62 -11.39
C THR F 266 -19.89 17.65 -10.74
N GLY F 267 -20.51 18.52 -11.54
CA GLY F 267 -21.47 19.49 -10.98
C GLY F 267 -20.76 20.70 -10.41
N GLY F 268 -21.52 21.76 -10.20
CA GLY F 268 -20.98 22.95 -9.57
C GLY F 268 -22.04 23.59 -8.70
N ARG F 269 -21.86 24.88 -8.46
CA ARG F 269 -22.81 25.64 -7.67
C ARG F 269 -24.14 25.73 -8.45
N HIS F 270 -25.24 25.71 -7.73
CA HIS F 270 -26.56 25.88 -8.34
C HIS F 270 -26.82 27.28 -8.86
N PRO F 271 -27.10 27.40 -10.18
CA PRO F 271 -27.71 28.66 -10.64
C PRO F 271 -29.07 28.87 -9.94
N PHE F 272 -29.40 30.12 -9.63
CA PHE F 272 -30.69 30.50 -9.03
C PHE F 272 -31.38 31.53 -9.91
N LEU F 273 -32.69 31.34 -10.09
CA LEU F 273 -33.56 32.40 -10.61
C LEU F 273 -34.47 32.82 -9.48
N ALA F 274 -34.70 34.12 -9.31
CA ALA F 274 -35.60 34.60 -8.28
C ALA F 274 -36.59 35.63 -8.86
N ARG F 275 -37.84 35.52 -8.41
CA ARG F 275 -38.86 36.54 -8.68
C ARG F 275 -39.24 37.12 -7.33
N TYR F 276 -39.21 38.45 -7.21
CA TYR F 276 -39.35 39.12 -5.92
C TYR F 276 -40.30 40.31 -5.97
N LYS F 277 -40.89 40.60 -4.82
CA LYS F 277 -41.79 41.72 -4.61
C LYS F 277 -41.52 42.26 -3.21
N VAL F 278 -41.09 43.51 -3.13
CA VAL F 278 -40.76 44.11 -1.85
C VAL F 278 -41.59 45.39 -1.64
N GLY F 279 -42.17 45.51 -0.45
CA GLY F 279 -43.01 46.63 -0.08
C GLY F 279 -42.31 47.44 0.97
N PHE F 280 -42.33 48.76 0.80
CA PHE F 280 -41.56 49.63 1.68
C PHE F 280 -42.21 50.99 1.90
N MET F 281 -41.78 51.67 2.95
CA MET F 281 -42.20 53.04 3.22
C MET F 281 -41.24 54.00 2.53
N LYS F 282 -41.67 55.24 2.35
CA LYS F 282 -40.86 56.25 1.65
C LYS F 282 -39.55 56.58 2.39
N THR F 283 -39.45 56.12 3.64
CA THR F 283 -38.22 56.21 4.42
C THR F 283 -37.21 55.11 4.06
N GLY F 284 -37.64 54.11 3.30
CA GLY F 284 -36.76 53.00 2.97
C GLY F 284 -36.94 51.81 3.89
N THR F 285 -37.82 51.96 4.89
CA THR F 285 -38.17 50.89 5.83
C THR F 285 -38.99 49.80 5.15
N ILE F 286 -38.50 48.56 5.21
CA ILE F 286 -39.17 47.42 4.61
C ILE F 286 -40.36 46.89 5.44
N VAL F 287 -41.50 46.70 4.77
CA VAL F 287 -42.72 46.23 5.44
C VAL F 287 -43.20 44.87 4.94
N ALA F 288 -42.84 44.50 3.71
CA ALA F 288 -43.25 43.18 3.18
C ALA F 288 -42.32 42.66 2.10
N LEU F 289 -42.16 41.34 2.08
CA LEU F 289 -41.29 40.71 1.10
C LEU F 289 -41.81 39.36 0.70
N GLU F 290 -41.90 39.14 -0.60
CA GLU F 290 -42.24 37.86 -1.18
C GLU F 290 -41.18 37.52 -2.23
N VAL F 291 -40.54 36.35 -2.07
CA VAL F 291 -39.51 35.90 -3.02
C VAL F 291 -39.74 34.44 -3.37
N ASP F 292 -39.80 34.14 -4.66
CA ASP F 292 -39.85 32.77 -5.14
C ASP F 292 -38.51 32.45 -5.79
N HIS F 293 -37.85 31.43 -5.26
CA HIS F 293 -36.53 31.00 -5.71
C HIS F 293 -36.69 29.71 -6.53
N TYR F 294 -35.84 29.57 -7.55
CA TYR F 294 -35.77 28.37 -8.37
C TYR F 294 -34.30 28.04 -8.57
N SER F 295 -33.91 26.80 -8.29
CA SER F 295 -32.50 26.43 -8.45
C SER F 295 -32.41 25.46 -9.61
N ASN F 296 -31.32 25.53 -10.37
CA ASN F 296 -31.11 24.52 -11.41
C ASN F 296 -30.33 23.36 -10.79
N ALA F 297 -31.07 22.32 -10.41
CA ALA F 297 -30.52 21.17 -9.69
C ALA F 297 -29.83 20.14 -10.60
N GLY F 298 -30.17 20.13 -11.89
CA GLY F 298 -29.60 19.15 -12.81
C GLY F 298 -30.27 17.78 -12.69
N ASN F 299 -29.54 16.72 -13.06
CA ASN F 299 -30.17 15.41 -13.33
C ASN F 299 -30.30 14.43 -12.15
N SER F 300 -29.99 14.88 -10.93
CA SER F 300 -30.31 14.13 -9.69
C SER F 300 -30.51 15.09 -8.54
N ARG F 301 -31.07 14.60 -7.44
CA ARG F 301 -31.33 15.42 -6.29
C ARG F 301 -30.03 15.85 -5.63
N ASP F 302 -29.16 14.87 -5.32
CA ASP F 302 -27.93 15.15 -4.52
C ASP F 302 -28.27 16.01 -3.29
N LEU F 303 -27.54 17.10 -3.06
CA LEU F 303 -27.76 18.03 -1.93
C LEU F 303 -28.68 19.22 -2.20
N SER F 304 -29.38 19.19 -3.35
CA SER F 304 -30.17 20.35 -3.80
C SER F 304 -31.24 20.78 -2.79
N HIS F 305 -31.86 19.83 -2.09
CA HIS F 305 -32.92 20.20 -1.15
C HIS F 305 -32.34 20.98 0.01
N SER F 306 -31.24 20.48 0.58
CA SER F 306 -30.58 21.15 1.71
C SER F 306 -30.07 22.53 1.33
N ILE F 307 -29.57 22.66 0.10
CA ILE F 307 -29.07 23.93 -0.43
C ILE F 307 -30.20 24.97 -0.54
N MET F 308 -31.37 24.54 -1.01
CA MET F 308 -32.54 25.42 -0.99
C MET F 308 -33.00 25.78 0.44
N GLU F 309 -32.93 24.83 1.38
CA GLU F 309 -33.28 25.17 2.77
C GLU F 309 -32.36 26.29 3.25
N ARG F 310 -31.06 26.11 3.03
CA ARG F 310 -30.08 27.12 3.46
C ARG F 310 -30.34 28.48 2.78
N ALA F 311 -30.67 28.47 1.50
CA ALA F 311 -31.05 29.68 0.79
C ALA F 311 -32.23 30.38 1.48
N LEU F 312 -33.27 29.62 1.80
CA LEU F 312 -34.45 30.17 2.49
C LEU F 312 -34.11 30.75 3.87
N PHE F 313 -33.23 30.08 4.60
CA PHE F 313 -32.80 30.62 5.91
C PHE F 313 -32.03 31.93 5.78
N HIS F 314 -31.49 32.20 4.59
CA HIS F 314 -30.66 33.41 4.43
C HIS F 314 -31.24 34.54 3.58
N MET F 315 -32.51 34.44 3.18
CA MET F 315 -33.13 35.43 2.30
C MET F 315 -33.34 36.81 2.98
N ASP F 316 -33.14 36.86 4.29
CA ASP F 316 -33.22 38.07 5.11
C ASP F 316 -31.93 38.91 5.17
N ASN F 317 -30.80 38.29 4.84
CA ASN F 317 -29.47 38.80 5.23
C ASN F 317 -29.45 39.34 6.68
N CYS F 318 -29.13 40.62 6.87
CA CYS F 318 -29.10 41.17 8.23
C CYS F 318 -30.28 42.10 8.52
N TYR F 319 -31.36 41.90 7.78
CA TYR F 319 -32.47 42.86 7.78
C TYR F 319 -33.75 42.30 8.39
N LYS F 320 -34.35 43.10 9.26
CA LYS F 320 -35.61 42.75 9.90
C LYS F 320 -36.78 43.06 8.96
N ILE F 321 -37.55 42.02 8.60
CA ILE F 321 -38.69 42.17 7.69
C ILE F 321 -39.87 41.52 8.38
N PRO F 322 -40.81 42.35 8.86
CA PRO F 322 -41.95 41.90 9.67
C PRO F 322 -42.86 40.88 8.98
N ASN F 323 -43.02 41.02 7.67
CA ASN F 323 -43.95 40.19 6.89
C ASN F 323 -43.24 39.65 5.66
N ILE F 324 -43.10 38.33 5.62
CA ILE F 324 -42.17 37.72 4.67
C ILE F 324 -42.62 36.34 4.21
N ARG F 325 -42.48 36.08 2.92
CA ARG F 325 -42.79 34.76 2.37
C ARG F 325 -41.70 34.42 1.36
N GLY F 326 -40.98 33.33 1.63
CA GLY F 326 -39.97 32.84 0.70
C GLY F 326 -40.33 31.42 0.32
N THR F 327 -40.28 31.13 -0.97
CA THR F 327 -40.51 29.78 -1.43
C THR F 327 -39.33 29.34 -2.29
N GLY F 328 -39.14 28.03 -2.39
CA GLY F 328 -38.10 27.48 -3.23
C GLY F 328 -38.53 26.24 -3.99
N ARG F 329 -38.13 26.15 -5.24
CA ARG F 329 -38.34 24.96 -6.07
C ARG F 329 -36.99 24.50 -6.60
N LEU F 330 -36.86 23.19 -6.75
CA LEU F 330 -35.66 22.58 -7.34
C LEU F 330 -36.02 22.12 -8.74
N CYS F 331 -35.40 22.74 -9.75
CA CYS F 331 -35.65 22.41 -11.15
C CYS F 331 -34.88 21.16 -11.57
N LYS F 332 -35.63 20.18 -12.07
CA LYS F 332 -35.09 18.90 -12.55
C LYS F 332 -34.77 19.13 -14.04
N THR F 333 -33.49 19.05 -14.39
CA THR F 333 -33.04 19.36 -15.76
C THR F 333 -32.04 18.34 -16.30
N ASN F 334 -31.78 18.41 -17.61
CA ASN F 334 -30.81 17.55 -18.23
C ASN F 334 -29.41 18.15 -18.25
N LEU F 335 -28.90 18.45 -17.06
CA LEU F 335 -27.56 18.98 -16.90
C LEU F 335 -26.95 18.18 -15.78
N SER F 336 -25.62 18.14 -15.73
CA SER F 336 -24.91 17.47 -14.65
C SER F 336 -25.45 17.96 -13.31
N SER F 337 -25.67 17.03 -12.39
CA SER F 337 -26.24 17.33 -11.10
C SER F 337 -25.38 18.33 -10.34
N ASN F 338 -25.99 19.44 -9.96
CA ASN F 338 -25.26 20.44 -9.17
C ASN F 338 -25.23 20.08 -7.70
N THR F 339 -24.32 20.69 -6.97
CA THR F 339 -23.98 20.15 -5.64
C THR F 339 -23.54 21.27 -4.70
N ALA F 340 -22.90 20.89 -3.59
CA ALA F 340 -22.42 21.84 -2.61
C ALA F 340 -21.27 22.64 -3.20
N PHE F 341 -21.23 23.92 -2.87
CA PHE F 341 -20.10 24.77 -3.18
C PHE F 341 -20.09 25.79 -2.07
N ARG F 342 -18.93 25.94 -1.44
CA ARG F 342 -18.66 26.94 -0.41
C ARG F 342 -19.76 28.00 -0.27
N GLY F 343 -20.60 27.88 0.76
CA GLY F 343 -21.70 28.86 0.94
C GLY F 343 -23.04 28.15 0.85
N PHE F 344 -23.14 27.16 -0.04
CA PHE F 344 -24.24 26.16 0.01
C PHE F 344 -25.62 26.82 -0.07
N GLY F 345 -25.84 27.69 -1.06
CA GLY F 345 -27.15 28.33 -1.26
C GLY F 345 -27.26 29.68 -0.58
N GLY F 346 -26.44 29.89 0.44
CA GLY F 346 -26.40 31.15 1.18
C GLY F 346 -26.06 32.35 0.29
N PRO F 347 -24.95 32.26 -0.48
CA PRO F 347 -24.53 33.40 -1.31
C PRO F 347 -25.60 33.79 -2.34
N GLN F 348 -26.25 32.80 -2.94
CA GLN F 348 -27.35 33.05 -3.89
C GLN F 348 -28.49 33.82 -3.23
N ALA F 349 -28.92 33.36 -2.04
CA ALA F 349 -30.02 33.98 -1.29
C ALA F 349 -29.67 35.38 -0.77
N LEU F 350 -28.43 35.54 -0.30
CA LEU F 350 -27.95 36.83 0.17
C LEU F 350 -27.82 37.84 -0.98
N PHE F 351 -27.36 37.38 -2.14
CA PHE F 351 -27.24 38.23 -3.33
C PHE F 351 -28.60 38.77 -3.76
N ILE F 352 -29.61 37.90 -3.74
CA ILE F 352 -30.97 38.30 -4.07
C ILE F 352 -31.45 39.36 -3.08
N ALA F 353 -31.18 39.18 -1.78
CA ALA F 353 -31.61 40.18 -0.80
C ALA F 353 -30.90 41.52 -1.02
N GLU F 354 -29.59 41.49 -1.22
CA GLU F 354 -28.87 42.74 -1.45
C GLU F 354 -29.33 43.45 -2.74
N ASN F 355 -29.74 42.68 -3.74
CA ASN F 355 -30.24 43.27 -4.97
C ASN F 355 -31.53 44.10 -4.74
N TRP F 356 -32.52 43.55 -4.06
CA TRP F 356 -33.73 44.30 -3.86
C TRP F 356 -33.52 45.43 -2.86
N MET F 357 -32.62 45.21 -1.88
CA MET F 357 -32.30 46.27 -0.93
C MET F 357 -31.72 47.46 -1.70
N SER F 358 -30.85 47.19 -2.67
CA SER F 358 -30.24 48.23 -3.48
C SER F 358 -31.31 49.00 -4.29
N GLU F 359 -32.34 48.29 -4.71
CA GLU F 359 -33.39 48.90 -5.55
C GLU F 359 -34.35 49.73 -4.71
N VAL F 360 -34.54 49.33 -3.45
CA VAL F 360 -35.31 50.13 -2.49
C VAL F 360 -34.65 51.49 -2.25
N ALA F 361 -33.34 51.49 -2.02
CA ALA F 361 -32.62 52.76 -1.80
C ALA F 361 -32.71 53.71 -3.02
N VAL F 362 -32.48 53.17 -4.22
CA VAL F 362 -32.60 53.96 -5.44
C VAL F 362 -34.02 54.53 -5.60
N THR F 363 -35.03 53.69 -5.38
CA THR F 363 -36.45 54.11 -5.48
C THR F 363 -36.81 55.22 -4.49
N CYS F 364 -36.30 55.14 -3.25
CA CYS F 364 -36.55 56.17 -2.26
C CYS F 364 -35.63 57.39 -2.41
N GLY F 365 -34.61 57.25 -3.27
CA GLY F 365 -33.62 58.30 -3.49
C GLY F 365 -32.73 58.54 -2.28
N LEU F 366 -32.52 57.49 -1.49
CA LEU F 366 -31.75 57.57 -0.25
C LEU F 366 -30.41 56.85 -0.40
N PRO F 367 -29.39 57.26 0.37
CA PRO F 367 -28.08 56.59 0.36
C PRO F 367 -28.21 55.14 0.81
N ALA F 368 -27.63 54.23 0.03
CA ALA F 368 -27.71 52.80 0.32
C ALA F 368 -27.31 52.43 1.78
N GLU F 369 -26.21 52.99 2.29
CA GLU F 369 -25.78 52.69 3.69
C GLU F 369 -26.84 53.05 4.73
N GLU F 370 -27.60 54.12 4.46
CA GLU F 370 -28.64 54.59 5.38
C GLU F 370 -29.82 53.62 5.40
N VAL F 371 -30.22 53.15 4.23
CA VAL F 371 -31.33 52.20 4.09
C VAL F 371 -31.00 50.84 4.72
N ARG F 372 -29.79 50.34 4.45
CA ARG F 372 -29.34 49.08 5.04
C ARG F 372 -29.28 49.19 6.57
N TRP F 373 -28.74 50.29 7.08
CA TRP F 373 -28.68 50.53 8.53
C TRP F 373 -30.08 50.62 9.22
N LYS F 374 -30.99 51.37 8.61
CA LYS F 374 -32.36 51.52 9.10
C LYS F 374 -33.08 50.19 9.26
N ASN F 375 -32.78 49.23 8.39
CA ASN F 375 -33.52 47.97 8.35
C ASN F 375 -32.83 46.80 9.03
N MET F 376 -31.69 47.09 9.64
CA MET F 376 -30.86 46.07 10.28
C MET F 376 -31.52 45.51 11.56
N TYR F 377 -31.38 44.21 11.77
CA TYR F 377 -31.78 43.59 13.03
C TYR F 377 -31.12 44.30 14.21
N LYS F 378 -31.71 44.15 15.39
CA LYS F 378 -31.10 44.56 16.65
C LYS F 378 -30.77 43.29 17.44
N GLU F 379 -29.82 43.39 18.36
CA GLU F 379 -29.57 42.31 19.33
C GLU F 379 -30.89 41.85 19.95
N GLY F 380 -31.11 40.54 19.98
CA GLY F 380 -32.33 39.98 20.53
C GLY F 380 -33.48 39.78 19.56
N ASP F 381 -33.41 40.38 18.38
CA ASP F 381 -34.42 40.16 17.35
C ASP F 381 -34.53 38.68 16.96
N LEU F 382 -35.72 38.27 16.52
CA LEU F 382 -35.93 36.97 15.92
C LEU F 382 -35.81 37.10 14.40
N THR F 383 -35.16 36.11 13.78
CA THR F 383 -35.17 35.99 12.32
C THR F 383 -36.56 35.60 11.79
N HIS F 384 -36.68 35.55 10.47
CA HIS F 384 -37.91 35.07 9.82
C HIS F 384 -38.23 33.60 10.11
N PHE F 385 -37.24 32.83 10.57
CA PHE F 385 -37.48 31.44 11.00
C PHE F 385 -37.44 31.35 12.52
N ASN F 386 -37.64 32.50 13.17
CA ASN F 386 -37.92 32.57 14.59
C ASN F 386 -36.78 32.14 15.49
N GLN F 387 -35.55 32.33 15.04
CA GLN F 387 -34.41 32.13 15.90
C GLN F 387 -33.87 33.45 16.43
N ARG F 388 -33.58 33.48 17.72
CA ARG F 388 -33.05 34.65 18.40
C ARG F 388 -31.63 34.99 17.94
N LEU F 389 -31.39 36.27 17.68
CA LEU F 389 -30.04 36.74 17.35
C LEU F 389 -29.31 37.20 18.60
N GLU F 390 -28.61 36.27 19.24
CA GLU F 390 -27.82 36.55 20.44
C GLU F 390 -26.40 36.89 20.02
N GLY F 391 -25.89 38.01 20.50
CA GLY F 391 -24.52 38.42 20.17
C GLY F 391 -24.41 38.81 18.72
N PHE F 392 -25.36 39.63 18.28
CA PHE F 392 -25.45 40.14 16.90
C PHE F 392 -24.42 41.24 16.77
N SER F 393 -23.34 40.99 16.03
CA SER F 393 -22.24 41.95 16.00
C SER F 393 -22.06 42.71 14.70
N VAL F 394 -23.03 42.60 13.79
CA VAL F 394 -22.94 43.37 12.54
C VAL F 394 -22.85 44.87 12.81
N PRO F 395 -23.66 45.42 13.76
CA PRO F 395 -23.52 46.86 14.01
C PRO F 395 -22.08 47.29 14.34
N ARG F 396 -21.38 46.47 15.14
CA ARG F 396 -19.97 46.70 15.46
C ARG F 396 -19.04 46.58 14.25
N CYS F 397 -19.23 45.51 13.45
CA CYS F 397 -18.49 45.30 12.20
C CYS F 397 -18.69 46.49 11.23
N TRP F 398 -19.93 46.94 11.14
CA TRP F 398 -20.38 48.01 10.26
C TRP F 398 -19.68 49.32 10.63
N ASP F 399 -19.79 49.71 11.89
CA ASP F 399 -19.16 50.96 12.35
C ASP F 399 -17.64 50.93 12.24
N GLU F 400 -17.03 49.78 12.52
CA GLU F 400 -15.59 49.64 12.41
C GLU F 400 -15.13 49.65 10.95
N CYS F 401 -15.91 49.00 10.07
CA CYS F 401 -15.59 49.01 8.64
C CYS F 401 -15.80 50.42 8.04
N LEU F 402 -16.86 51.12 8.44
CA LEU F 402 -17.07 52.52 8.01
C LEU F 402 -15.91 53.44 8.42
N LYS F 403 -15.46 53.28 9.66
CA LYS F 403 -14.36 54.08 10.20
C LYS F 403 -13.03 53.77 9.51
N SER F 404 -12.66 52.50 9.43
CA SER F 404 -11.33 52.12 8.96
C SER F 404 -11.18 52.17 7.44
N SER F 405 -12.30 52.10 6.71
CA SER F 405 -12.28 52.18 5.25
C SER F 405 -12.40 53.64 4.82
N GLN F 406 -12.72 54.50 5.79
CA GLN F 406 -12.94 55.93 5.57
C GLN F 406 -14.00 56.13 4.50
N TYR F 407 -15.10 55.39 4.66
CA TYR F 407 -16.15 55.28 3.64
C TYR F 407 -16.70 56.63 3.21
N TYR F 408 -17.09 57.47 4.16
CA TYR F 408 -17.72 58.76 3.81
C TYR F 408 -16.78 59.73 3.07
N ALA F 409 -15.51 59.76 3.46
CA ALA F 409 -14.51 60.56 2.75
C ALA F 409 -14.30 60.05 1.32
N ARG F 410 -14.13 58.73 1.18
CA ARG F 410 -13.94 58.14 -0.13
C ARG F 410 -15.19 58.23 -1.02
N LYS F 411 -16.37 58.25 -0.42
CA LYS F 411 -17.62 58.40 -1.17
C LYS F 411 -17.64 59.76 -1.89
N SER F 412 -17.12 60.80 -1.24
CA SER F 412 -16.94 62.12 -1.86
C SER F 412 -15.94 62.08 -3.00
N GLU F 413 -14.81 61.41 -2.77
CA GLU F 413 -13.76 61.25 -3.78
C GLU F 413 -14.34 60.59 -5.04
N VAL F 414 -15.22 59.60 -4.83
CA VAL F 414 -15.85 58.88 -5.92
C VAL F 414 -16.73 59.82 -6.76
N ASP F 415 -17.53 60.64 -6.07
CA ASP F 415 -18.42 61.60 -6.72
C ASP F 415 -17.63 62.64 -7.51
N LYS F 416 -16.56 63.15 -6.90
CA LYS F 416 -15.64 64.04 -7.57
C LYS F 416 -15.06 63.38 -8.84
N PHE F 417 -14.56 62.15 -8.72
CA PHE F 417 -14.00 61.40 -9.85
C PHE F 417 -15.01 61.32 -11.00
N ASN F 418 -16.27 61.07 -10.63
CA ASN F 418 -17.32 60.81 -11.59
C ASN F 418 -17.78 62.08 -12.31
N LYS F 419 -17.45 63.23 -11.74
CA LYS F 419 -17.81 64.49 -12.35
C LYS F 419 -16.73 64.97 -13.32
N GLU F 420 -15.50 64.56 -13.05
CA GLU F 420 -14.34 64.97 -13.85
C GLU F 420 -14.04 63.99 -14.98
N ASN F 421 -14.68 62.82 -14.94
CA ASN F 421 -14.44 61.79 -15.95
C ASN F 421 -15.69 61.43 -16.74
N CYS F 422 -15.49 61.10 -18.02
CA CYS F 422 -16.60 60.82 -18.92
C CYS F 422 -16.74 59.35 -19.26
N TRP F 423 -15.60 58.68 -19.52
CA TRP F 423 -15.59 57.30 -20.01
C TRP F 423 -15.02 56.28 -19.02
N LYS F 424 -14.68 56.77 -17.83
CA LYS F 424 -14.35 55.93 -16.70
C LYS F 424 -15.21 56.37 -15.53
N LYS F 425 -15.73 55.42 -14.76
CA LYS F 425 -16.55 55.75 -13.59
C LYS F 425 -16.11 54.88 -12.41
N ARG F 426 -16.30 55.41 -11.22
CA ARG F 426 -16.04 54.66 -10.00
C ARG F 426 -17.30 54.36 -9.21
N GLY F 427 -17.24 53.28 -8.43
CA GLY F 427 -18.35 52.86 -7.58
C GLY F 427 -17.81 52.44 -6.22
N LEU F 428 -18.59 52.62 -5.17
CA LEU F 428 -18.18 52.23 -3.82
C LEU F 428 -19.41 51.70 -3.13
N CYS F 429 -19.26 50.56 -2.46
CA CYS F 429 -20.39 49.97 -1.75
C CYS F 429 -19.95 49.22 -0.48
N ILE F 430 -20.79 49.26 0.53
CA ILE F 430 -20.56 48.53 1.78
C ILE F 430 -21.74 47.60 2.08
N ILE F 431 -21.44 46.34 2.36
CA ILE F 431 -22.46 45.31 2.49
C ILE F 431 -22.20 44.44 3.73
N PRO F 432 -23.26 44.10 4.49
CA PRO F 432 -23.14 43.23 5.65
C PRO F 432 -23.50 41.82 5.28
N THR F 433 -23.06 40.84 6.07
CA THR F 433 -23.55 39.48 5.92
C THR F 433 -23.70 38.78 7.25
N LYS F 434 -24.62 37.82 7.29
CA LYS F 434 -24.70 36.89 8.40
C LYS F 434 -24.84 35.48 7.83
N PHE F 435 -24.23 34.51 8.50
CA PHE F 435 -24.25 33.14 8.00
C PHE F 435 -24.48 32.19 9.16
N GLY F 436 -25.52 31.37 9.03
CA GLY F 436 -25.89 30.43 10.08
C GLY F 436 -24.99 29.23 10.10
N ILE F 437 -24.53 28.87 11.30
CA ILE F 437 -23.52 27.82 11.49
C ILE F 437 -24.16 26.51 12.01
N SER F 438 -24.09 25.46 11.19
CA SER F 438 -24.55 24.09 11.52
C SER F 438 -25.03 23.43 10.26
N PHE F 439 -24.94 22.11 10.17
CA PHE F 439 -25.63 21.41 9.09
C PHE F 439 -27.14 21.63 9.22
N THR F 440 -27.82 21.89 8.11
CA THR F 440 -29.26 22.07 8.13
C THR F 440 -29.97 20.77 8.50
N VAL F 441 -29.28 19.65 8.28
CA VAL F 441 -29.76 18.34 8.72
C VAL F 441 -29.23 18.08 10.13
N PRO F 442 -30.13 18.05 11.14
CA PRO F 442 -29.66 17.95 12.52
C PRO F 442 -28.69 16.77 12.76
N PHE F 443 -28.94 15.60 12.15
CA PHE F 443 -28.14 14.41 12.47
C PHE F 443 -26.68 14.43 12.00
N LEU F 444 -26.37 15.32 11.05
CA LEU F 444 -25.00 15.48 10.61
C LEU F 444 -24.12 16.22 11.63
N ASN F 445 -24.73 16.88 12.65
CA ASN F 445 -24.02 17.70 13.64
C ASN F 445 -23.47 16.84 14.78
N GLN F 446 -22.57 15.93 14.42
CA GLN F 446 -21.94 15.00 15.34
C GLN F 446 -20.52 14.79 14.86
N ALA F 447 -19.61 14.49 15.78
CA ALA F 447 -18.20 14.34 15.43
C ALA F 447 -17.53 13.37 16.37
N GLY F 448 -16.67 12.49 15.83
CA GLY F 448 -15.79 11.65 16.61
C GLY F 448 -14.29 11.89 16.44
N ALA F 449 -13.55 11.45 17.46
CA ALA F 449 -12.10 11.44 17.49
C ALA F 449 -11.61 10.18 18.23
N LEU F 450 -10.37 9.80 17.93
CA LEU F 450 -9.69 8.67 18.58
C LEU F 450 -8.27 9.14 18.84
N ILE F 451 -7.82 9.04 20.08
CA ILE F 451 -6.47 9.49 20.44
C ILE F 451 -5.72 8.34 21.04
N HIS F 452 -4.46 8.17 20.62
CA HIS F 452 -3.56 7.19 21.22
C HIS F 452 -2.37 7.95 21.74
N VAL F 453 -1.92 7.58 22.93
CA VAL F 453 -0.60 7.97 23.44
C VAL F 453 0.29 6.71 23.47
N TYR F 454 1.40 6.78 22.75
CA TYR F 454 2.37 5.68 22.69
C TYR F 454 3.34 5.81 23.87
N THR F 455 4.14 4.78 24.10
CA THR F 455 4.93 4.72 25.36
C THR F 455 6.16 5.64 25.39
N ASP F 456 6.49 6.26 24.26
CA ASP F 456 7.46 7.36 24.22
C ASP F 456 6.84 8.73 24.55
N GLY F 457 5.53 8.75 24.83
CA GLY F 457 4.77 9.99 25.05
C GLY F 457 4.28 10.73 23.81
N SER F 458 4.61 10.25 22.62
CA SER F 458 4.06 10.84 21.41
C SER F 458 2.57 10.46 21.23
N VAL F 459 1.84 11.39 20.65
CA VAL F 459 0.40 11.33 20.63
C VAL F 459 -0.04 11.27 19.17
N LEU F 460 -0.97 10.35 18.86
CA LEU F 460 -1.53 10.30 17.51
C LEU F 460 -3.01 10.57 17.64
N VAL F 461 -3.44 11.59 16.92
CA VAL F 461 -4.82 12.03 16.92
C VAL F 461 -5.44 11.67 15.59
N SER F 462 -6.61 11.03 15.67
CA SER F 462 -7.45 10.83 14.50
C SER F 462 -8.84 11.46 14.73
N HIS F 463 -9.43 12.06 13.70
CA HIS F 463 -10.77 12.64 13.85
C HIS F 463 -11.48 12.49 12.50
N GLY F 464 -12.77 12.73 12.47
CA GLY F 464 -13.57 12.44 11.28
C GLY F 464 -13.38 13.46 10.15
N GLY F 465 -12.70 14.56 10.44
CA GLY F 465 -12.53 15.65 9.47
C GLY F 465 -11.37 15.44 8.51
N THR F 466 -11.50 16.01 7.31
CA THR F 466 -10.45 15.89 6.29
C THR F 466 -9.76 17.23 6.06
N GLU F 467 -8.48 17.18 5.75
CA GLU F 467 -7.71 18.36 5.39
C GLU F 467 -7.80 18.65 3.89
N MET F 468 -8.28 19.85 3.54
CA MET F 468 -8.36 20.30 2.13
C MET F 468 -7.68 21.66 1.87
N GLY F 469 -6.87 22.07 2.84
CA GLY F 469 -6.19 23.36 2.79
C GLY F 469 -6.63 24.34 3.84
N GLN F 470 -7.74 24.04 4.52
CA GLN F 470 -8.35 24.97 5.46
C GLN F 470 -7.63 24.95 6.83
N GLY F 471 -6.70 24.01 7.04
CA GLY F 471 -5.84 24.01 8.21
C GLY F 471 -6.50 23.37 9.42
N LEU F 472 -7.47 22.52 9.15
CA LEU F 472 -8.15 21.75 10.20
C LEU F 472 -7.18 20.93 11.06
N HIS F 473 -6.26 20.18 10.45
CA HIS F 473 -5.33 19.37 11.28
C HIS F 473 -4.45 20.28 12.14
N THR F 474 -4.00 21.41 11.58
CA THR F 474 -3.24 22.40 12.36
C THR F 474 -4.06 22.85 13.57
N LYS F 475 -5.30 23.27 13.34
CA LYS F 475 -6.17 23.66 14.47
C LYS F 475 -6.38 22.57 15.51
N MET F 476 -6.55 21.34 15.05
CA MET F 476 -6.78 20.20 15.94
C MET F 476 -5.54 19.93 16.80
N VAL F 477 -4.36 20.05 16.20
CA VAL F 477 -3.09 19.93 16.95
C VAL F 477 -2.95 21.04 18.00
N GLN F 478 -3.29 22.26 17.61
CA GLN F 478 -3.29 23.39 18.56
C GLN F 478 -4.25 23.12 19.72
N VAL F 479 -5.44 22.61 19.40
CA VAL F 479 -6.43 22.23 20.42
C VAL F 479 -5.93 21.13 21.36
N ALA F 480 -5.46 20.02 20.78
CA ALA F 480 -4.91 18.90 21.55
C ALA F 480 -3.74 19.32 22.44
N SER F 481 -2.80 20.11 21.91
CA SER F 481 -1.67 20.62 22.66
C SER F 481 -2.11 21.46 23.87
N LYS F 482 -3.08 22.34 23.64
CA LYS F 482 -3.63 23.18 24.72
C LYS F 482 -4.32 22.29 25.76
N ALA F 483 -5.16 21.37 25.31
CA ALA F 483 -5.94 20.53 26.23
C ALA F 483 -5.04 19.59 27.04
N LEU F 484 -4.05 18.98 26.39
CA LEU F 484 -3.13 18.06 27.06
C LEU F 484 -2.03 18.76 27.85
N LYS F 485 -1.83 20.04 27.56
CA LYS F 485 -0.72 20.85 28.10
C LYS F 485 0.64 20.26 27.78
N ILE F 486 0.83 19.95 26.49
CA ILE F 486 2.11 19.45 25.98
C ILE F 486 2.40 20.20 24.67
N PRO F 487 3.68 20.28 24.28
CA PRO F 487 4.01 21.00 23.04
C PRO F 487 3.40 20.32 21.82
N ILE F 488 3.04 21.14 20.82
CA ILE F 488 2.57 20.65 19.53
C ILE F 488 3.51 19.64 18.85
N SER F 489 4.82 19.71 19.12
CA SER F 489 5.77 18.73 18.54
C SER F 489 5.53 17.30 19.00
N LYS F 490 4.80 17.12 20.10
CA LYS F 490 4.49 15.75 20.57
C LYS F 490 3.27 15.10 19.89
N ILE F 491 2.52 15.89 19.14
CA ILE F 491 1.24 15.44 18.57
C ILE F 491 1.35 15.34 17.04
N TYR F 492 0.70 14.34 16.45
CA TYR F 492 0.68 14.17 15.00
C TYR F 492 -0.71 13.74 14.54
N ILE F 493 -1.13 14.22 13.37
CA ILE F 493 -2.33 13.73 12.67
C ILE F 493 -1.86 13.26 11.31
N SER F 494 -2.11 11.99 11.02
CA SER F 494 -1.56 11.38 9.83
C SER F 494 -2.55 11.38 8.66
N GLU F 495 -3.78 10.97 8.93
CA GLU F 495 -4.80 10.91 7.88
C GLU F 495 -6.17 10.74 8.51
N THR F 496 -7.20 10.79 7.66
CA THR F 496 -8.55 10.52 8.04
C THR F 496 -8.87 9.13 7.48
N SER F 497 -9.50 8.28 8.28
CA SER F 497 -9.78 6.93 7.82
C SER F 497 -11.04 6.35 8.44
N THR F 498 -11.72 5.51 7.68
CA THR F 498 -13.01 4.99 8.13
C THR F 498 -12.86 3.89 9.20
N ASN F 499 -11.65 3.38 9.33
CA ASN F 499 -11.38 2.38 10.39
C ASN F 499 -10.85 2.96 11.71
N THR F 500 -10.70 4.27 11.77
CA THR F 500 -10.35 4.90 13.03
C THR F 500 -11.55 5.65 13.57
N VAL F 501 -12.26 6.39 12.70
CA VAL F 501 -13.48 7.08 13.11
C VAL F 501 -14.59 6.79 12.09
N PRO F 502 -15.57 5.97 12.48
CA PRO F 502 -16.64 5.53 11.56
C PRO F 502 -17.76 6.56 11.45
N ASN F 503 -18.56 6.48 10.38
CA ASN F 503 -19.84 7.24 10.33
C ASN F 503 -19.69 8.75 10.42
N SER F 504 -18.56 9.25 9.91
CA SER F 504 -18.27 10.67 9.94
C SER F 504 -19.15 11.45 8.96
N SER F 505 -19.60 12.62 9.39
CA SER F 505 -20.30 13.56 8.53
C SER F 505 -19.27 14.07 7.51
N PRO F 506 -19.73 14.52 6.33
CA PRO F 506 -18.77 15.12 5.40
C PRO F 506 -18.05 16.32 6.06
N THR F 507 -16.83 16.63 5.61
CA THR F 507 -16.14 17.82 6.08
C THR F 507 -16.72 19.05 5.37
N ALA F 508 -17.65 19.74 6.05
CA ALA F 508 -18.54 20.70 5.39
C ALA F 508 -19.25 21.58 6.43
N ALA F 509 -20.03 22.54 5.93
CA ALA F 509 -20.83 23.46 6.76
C ALA F 509 -19.96 24.37 7.65
N SER F 510 -18.66 24.42 7.40
CA SER F 510 -17.71 25.27 8.15
C SER F 510 -17.57 24.95 9.63
N VAL F 511 -18.11 23.82 10.06
CA VAL F 511 -18.15 23.53 11.51
C VAL F 511 -17.10 22.53 11.99
N SER F 512 -16.19 22.11 11.11
CA SER F 512 -15.28 21.01 11.47
C SER F 512 -14.43 21.35 12.70
N THR F 513 -13.90 22.57 12.74
CA THR F 513 -13.13 23.01 13.89
C THR F 513 -13.96 22.94 15.17
N ASP F 514 -15.18 23.46 15.13
CA ASP F 514 -16.08 23.44 16.28
C ASP F 514 -16.29 22.00 16.76
N ILE F 515 -16.64 21.11 15.84
CA ILE F 515 -17.14 19.79 16.26
C ILE F 515 -16.02 18.77 16.53
N TYR F 516 -15.04 18.69 15.62
CA TYR F 516 -13.89 17.83 15.86
C TYR F 516 -13.02 18.37 16.98
N GLY F 517 -12.91 19.70 17.07
CA GLY F 517 -12.23 20.36 18.21
C GLY F 517 -12.82 19.90 19.53
N GLN F 518 -14.14 19.83 19.61
CA GLN F 518 -14.84 19.37 20.82
C GLN F 518 -14.61 17.88 21.09
N ALA F 519 -14.74 17.04 20.06
CA ALA F 519 -14.38 15.62 20.11
C ALA F 519 -12.95 15.34 20.59
N VAL F 520 -11.98 16.08 20.05
CA VAL F 520 -10.57 15.98 20.41
C VAL F 520 -10.39 16.41 21.86
N TYR F 521 -11.03 17.53 22.21
CA TYR F 521 -10.99 18.04 23.59
C TYR F 521 -11.46 17.00 24.59
N GLU F 522 -12.59 16.37 24.33
CA GLU F 522 -13.17 15.35 25.23
C GLU F 522 -12.27 14.14 25.40
N ALA F 523 -11.67 13.69 24.30
CA ALA F 523 -10.73 12.58 24.36
C ALA F 523 -9.49 12.96 25.17
N CYS F 524 -9.02 14.20 25.02
CA CYS F 524 -7.88 14.68 25.79
C CYS F 524 -8.20 14.69 27.28
N GLN F 525 -9.43 15.10 27.60
CA GLN F 525 -9.86 15.16 29.00
C GLN F 525 -9.82 13.77 29.66
N THR F 526 -10.33 12.76 28.95
CA THR F 526 -10.24 11.35 29.33
C THR F 526 -8.77 10.93 29.57
N ILE F 527 -7.88 11.24 28.64
CA ILE F 527 -6.45 10.96 28.85
C ILE F 527 -5.90 11.63 30.13
N LEU F 528 -6.17 12.92 30.32
CA LEU F 528 -5.72 13.65 31.52
C LEU F 528 -6.22 13.03 32.84
N LYS F 529 -7.48 12.61 32.86
CA LYS F 529 -8.06 11.97 34.05
C LYS F 529 -7.29 10.70 34.38
N ARG F 530 -6.93 9.94 33.36
CA ARG F 530 -6.25 8.66 33.55
C ARG F 530 -4.83 8.85 34.01
N LEU F 531 -4.20 9.93 33.54
CA LEU F 531 -2.81 10.24 33.90
C LEU F 531 -2.68 10.88 35.28
N GLU F 532 -3.76 11.49 35.76
CA GLU F 532 -3.73 12.28 37.00
C GLU F 532 -3.03 11.61 38.20
N PRO F 533 -3.30 10.31 38.47
CA PRO F 533 -2.67 9.63 39.61
C PRO F 533 -1.16 9.54 39.48
N PHE F 534 -0.69 9.41 38.24
CA PHE F 534 0.73 9.26 37.97
C PHE F 534 1.45 10.58 38.06
N LYS F 535 0.78 11.65 37.63
CA LYS F 535 1.19 13.03 37.89
C LYS F 535 1.39 13.26 39.39
N LYS F 536 0.39 12.92 40.19
CA LYS F 536 0.49 13.09 41.66
C LYS F 536 1.62 12.28 42.31
N LYS F 537 1.98 11.15 41.72
CA LYS F 537 3.07 10.30 42.24
C LYS F 537 4.47 10.82 41.87
N ASN F 538 4.55 11.62 40.82
CA ASN F 538 5.80 12.09 40.24
C ASN F 538 5.64 13.55 39.82
N PRO F 539 5.37 14.46 40.79
CA PRO F 539 4.96 15.81 40.43
C PRO F 539 6.04 16.64 39.74
N ASP F 540 7.30 16.24 39.90
CA ASP F 540 8.40 16.95 39.27
C ASP F 540 8.93 16.17 38.07
N GLY F 541 8.14 15.20 37.61
CA GLY F 541 8.49 14.40 36.45
C GLY F 541 7.98 15.01 35.16
N SER F 542 8.17 14.29 34.06
CA SER F 542 7.80 14.76 32.73
C SER F 542 6.61 13.97 32.20
N TRP F 543 5.95 14.53 31.20
CA TRP F 543 4.93 13.84 30.44
C TRP F 543 5.32 12.39 30.15
N GLU F 544 6.53 12.20 29.63
CA GLU F 544 7.00 10.89 29.19
C GLU F 544 7.06 9.90 30.36
N ASP F 545 7.49 10.38 31.52
CA ASP F 545 7.54 9.56 32.74
C ASP F 545 6.15 9.13 33.19
N TRP F 546 5.19 10.06 33.13
CA TRP F 546 3.81 9.81 33.54
C TRP F 546 3.13 8.81 32.60
N VAL F 547 3.39 8.93 31.30
CA VAL F 547 2.83 8.00 30.30
C VAL F 547 3.35 6.58 30.53
N MET F 548 4.67 6.45 30.74
CA MET F 548 5.28 5.14 30.95
C MET F 548 4.80 4.51 32.26
N ALA F 549 4.68 5.31 33.32
CA ALA F 549 4.12 4.81 34.58
C ALA F 549 2.68 4.30 34.40
N ALA F 550 1.88 5.03 33.65
CA ALA F 550 0.50 4.63 33.39
C ALA F 550 0.44 3.31 32.62
N TYR F 551 1.30 3.21 31.61
CA TYR F 551 1.40 1.98 30.82
C TYR F 551 1.76 0.77 31.69
N GLN F 552 2.79 0.95 32.50
CA GLN F 552 3.26 -0.12 33.36
C GLN F 552 2.27 -0.50 34.46
N ASP F 553 1.35 0.40 34.79
CA ASP F 553 0.23 0.12 35.71
C ASP F 553 -1.03 -0.38 34.98
N ARG F 554 -0.86 -0.69 33.70
CA ARG F 554 -1.94 -1.22 32.87
C ARG F 554 -3.18 -0.29 32.89
N VAL F 555 -2.92 0.98 32.61
CA VAL F 555 -3.94 1.98 32.34
C VAL F 555 -3.96 2.22 30.82
N SER F 556 -5.15 2.24 30.23
CA SER F 556 -5.28 2.37 28.77
C SER F 556 -4.90 3.77 28.35
N LEU F 557 -4.10 3.88 27.30
CA LEU F 557 -3.67 5.16 26.77
C LEU F 557 -4.37 5.44 25.42
N SER F 558 -5.54 4.84 25.23
CA SER F 558 -6.36 5.05 24.05
C SER F 558 -7.80 5.42 24.43
N THR F 559 -8.36 6.38 23.70
CA THR F 559 -9.73 6.78 23.96
C THR F 559 -10.38 7.40 22.72
N THR F 560 -11.69 7.23 22.64
CA THR F 560 -12.55 7.99 21.75
C THR F 560 -13.05 9.27 22.42
N GLY F 561 -13.54 10.20 21.60
CA GLY F 561 -14.13 11.43 22.02
C GLY F 561 -15.27 11.62 21.04
N PHE F 562 -16.34 12.24 21.52
CA PHE F 562 -17.53 12.40 20.68
C PHE F 562 -18.25 13.67 21.08
N TYR F 563 -18.74 14.39 20.07
CA TYR F 563 -19.53 15.59 20.32
C TYR F 563 -20.79 15.61 19.45
N ARG F 564 -21.88 16.07 20.04
CA ARG F 564 -23.18 16.19 19.38
C ARG F 564 -23.65 17.62 19.69
N THR F 565 -23.86 18.44 18.66
CA THR F 565 -24.31 19.85 18.88
C THR F 565 -25.69 19.87 19.55
N PRO F 566 -25.79 20.57 20.69
CA PRO F 566 -27.08 20.58 21.40
C PRO F 566 -28.15 21.49 20.78
N ASN F 567 -29.41 21.15 21.06
CA ASN F 567 -30.57 22.02 20.77
C ASN F 567 -30.77 22.44 19.31
N LEU F 568 -30.58 21.51 18.38
CA LEU F 568 -30.81 21.80 16.98
C LEU F 568 -32.04 21.01 16.53
N GLY F 569 -32.93 21.67 15.80
CA GLY F 569 -34.09 20.97 15.27
C GLY F 569 -35.18 21.87 14.73
N TYR F 570 -34.93 22.54 13.61
CA TYR F 570 -35.94 23.41 13.01
C TYR F 570 -37.02 22.61 12.29
N SER F 571 -38.26 23.06 12.40
CA SER F 571 -39.35 22.46 11.64
C SER F 571 -40.00 23.44 10.68
N PHE F 572 -40.05 23.03 9.41
CA PHE F 572 -40.72 23.79 8.35
C PHE F 572 -42.24 23.77 8.48
N GLU F 573 -42.75 22.79 9.21
CA GLU F 573 -44.17 22.76 9.55
C GLU F 573 -44.33 23.15 11.02
N THR F 574 -44.16 24.45 11.29
CA THR F 574 -44.36 25.11 12.61
C THR F 574 -43.51 26.38 12.68
N ASN F 575 -42.56 26.52 11.74
CA ASN F 575 -41.56 27.60 11.75
C ASN F 575 -40.96 27.87 13.13
N SER F 576 -40.44 26.83 13.77
CA SER F 576 -39.83 26.95 15.10
C SER F 576 -38.74 25.90 15.31
N GLY F 577 -37.93 26.14 16.34
CA GLY F 577 -36.79 25.30 16.70
C GLY F 577 -35.53 25.85 16.05
N ASN F 578 -34.41 25.82 16.76
CA ASN F 578 -33.16 26.34 16.22
C ASN F 578 -32.67 25.61 14.97
N ALA F 579 -32.44 26.39 13.92
CA ALA F 579 -31.83 25.88 12.71
C ALA F 579 -30.31 25.88 12.86
N PHE F 580 -29.77 26.86 13.60
CA PHE F 580 -28.31 27.03 13.68
C PHE F 580 -27.83 27.13 15.10
N HIS F 581 -26.56 26.84 15.32
CA HIS F 581 -25.96 26.92 16.67
C HIS F 581 -25.68 28.37 17.02
N TYR F 582 -25.17 29.13 16.05
CA TYR F 582 -24.87 30.55 16.19
C TYR F 582 -24.67 31.10 14.75
N PHE F 583 -24.38 32.39 14.64
CA PHE F 583 -24.16 33.02 13.33
C PHE F 583 -22.77 33.69 13.29
N THR F 584 -22.14 33.64 12.12
CA THR F 584 -20.89 34.37 11.85
C THR F 584 -21.32 35.64 11.06
N TYR F 585 -20.64 36.76 11.33
CA TYR F 585 -20.99 38.07 10.78
C TYR F 585 -19.77 38.74 10.16
N GLY F 586 -20.03 39.63 9.20
CA GLY F 586 -18.96 40.40 8.59
C GLY F 586 -19.52 41.53 7.77
N VAL F 587 -18.65 42.49 7.45
CA VAL F 587 -18.96 43.62 6.57
C VAL F 587 -17.77 43.82 5.62
N ALA F 588 -18.06 44.17 4.38
CA ALA F 588 -17.02 44.49 3.41
C ALA F 588 -17.38 45.76 2.65
N CYS F 589 -16.37 46.59 2.43
CA CYS F 589 -16.50 47.80 1.65
C CYS F 589 -15.53 47.67 0.46
N SER F 590 -16.03 47.83 -0.75
CA SER F 590 -15.20 47.73 -1.96
C SER F 590 -15.37 48.92 -2.90
N GLU F 591 -14.30 49.26 -3.59
CA GLU F 591 -14.30 50.34 -4.56
C GLU F 591 -13.76 49.80 -5.88
N VAL F 592 -14.42 50.16 -6.98
CA VAL F 592 -13.99 49.75 -8.31
C VAL F 592 -13.94 50.93 -9.28
N GLU F 593 -13.18 50.76 -10.36
CA GLU F 593 -13.19 51.69 -11.48
C GLU F 593 -13.57 50.89 -12.71
N ILE F 594 -14.61 51.33 -13.43
CA ILE F 594 -15.02 50.69 -14.67
C ILE F 594 -14.58 51.48 -15.89
N ASP F 595 -14.20 50.76 -16.95
CA ASP F 595 -13.98 51.36 -18.26
C ASP F 595 -15.27 51.24 -19.07
N CYS F 596 -16.01 52.34 -19.21
CA CYS F 596 -17.30 52.32 -19.89
C CYS F 596 -17.27 51.95 -21.37
N LEU F 597 -16.08 51.99 -21.98
CA LEU F 597 -15.94 51.69 -23.41
C LEU F 597 -15.57 50.23 -23.70
N THR F 598 -15.09 49.50 -22.68
CA THR F 598 -14.65 48.10 -22.86
C THR F 598 -15.39 47.12 -21.94
N GLY F 599 -15.93 47.60 -20.82
CA GLY F 599 -16.57 46.72 -19.84
C GLY F 599 -15.59 46.14 -18.83
N ASP F 600 -14.29 46.41 -19.01
CA ASP F 600 -13.30 46.03 -18.01
C ASP F 600 -13.46 46.87 -16.74
N HIS F 601 -12.97 46.34 -15.63
CA HIS F 601 -12.95 47.09 -14.38
C HIS F 601 -11.67 46.80 -13.59
N LYS F 602 -11.36 47.66 -12.63
CA LYS F 602 -10.22 47.48 -11.72
C LYS F 602 -10.77 47.46 -10.31
N ASN F 603 -10.37 46.48 -9.52
CA ASN F 603 -10.71 46.44 -8.10
C ASN F 603 -9.66 47.27 -7.36
N LEU F 604 -10.06 48.42 -6.85
CA LEU F 604 -9.11 49.39 -6.31
C LEU F 604 -8.76 49.13 -4.86
N ARG F 605 -9.79 48.90 -4.04
CA ARG F 605 -9.62 48.70 -2.63
C ARG F 605 -10.82 47.97 -2.04
N THR F 606 -10.51 47.08 -1.10
CA THR F 606 -11.51 46.38 -0.32
C THR F 606 -11.09 46.35 1.15
N ASP F 607 -12.02 46.68 2.04
CA ASP F 607 -11.81 46.53 3.48
C ASP F 607 -12.82 45.54 4.03
N ILE F 608 -12.36 44.58 4.82
CA ILE F 608 -13.26 43.61 5.43
C ILE F 608 -13.06 43.60 6.93
N VAL F 609 -14.18 43.56 7.66
CA VAL F 609 -14.17 43.30 9.10
C VAL F 609 -15.07 42.12 9.38
N MET F 610 -14.50 41.08 9.98
CA MET F 610 -15.21 39.82 10.21
C MET F 610 -15.24 39.53 11.69
N ASP F 611 -16.38 39.10 12.17
CA ASP F 611 -16.49 38.55 13.51
C ASP F 611 -16.27 37.03 13.44
N VAL F 612 -15.11 36.58 13.90
CA VAL F 612 -14.81 35.15 13.96
C VAL F 612 -14.60 34.72 15.41
N GLY F 613 -15.18 35.47 16.34
CA GLY F 613 -15.03 35.16 17.77
C GLY F 613 -13.58 35.34 18.18
N SER F 614 -13.12 34.52 19.12
CA SER F 614 -11.70 34.51 19.50
C SER F 614 -11.02 33.44 18.66
N SER F 615 -10.26 33.88 17.67
CA SER F 615 -9.68 33.00 16.66
C SER F 615 -8.70 31.98 17.27
N LEU F 616 -8.82 30.70 16.87
CA LEU F 616 -7.81 29.69 17.27
C LEU F 616 -6.46 29.98 16.61
N ASN F 617 -6.53 30.50 15.39
CA ASN F 617 -5.33 30.79 14.63
C ASN F 617 -5.67 31.92 13.66
N PRO F 618 -5.26 33.16 14.01
CA PRO F 618 -5.58 34.34 13.19
C PRO F 618 -5.00 34.31 11.78
N ALA F 619 -3.86 33.64 11.60
CA ALA F 619 -3.26 33.48 10.27
C ALA F 619 -4.14 32.61 9.37
N ILE F 620 -4.56 31.46 9.89
CA ILE F 620 -5.47 30.57 9.15
C ILE F 620 -6.80 31.29 8.90
N ASP F 621 -7.34 31.94 9.93
CA ASP F 621 -8.65 32.60 9.82
C ASP F 621 -8.63 33.77 8.83
N ILE F 622 -7.60 34.60 8.87
CA ILE F 622 -7.48 35.66 7.87
C ILE F 622 -7.31 35.06 6.48
N GLY F 623 -6.56 33.96 6.37
CA GLY F 623 -6.38 33.24 5.10
C GLY F 623 -7.70 32.72 4.57
N GLN F 624 -8.56 32.23 5.46
CA GLN F 624 -9.89 31.74 5.04
C GLN F 624 -10.78 32.87 4.54
N VAL F 625 -10.71 34.01 5.23
CA VAL F 625 -11.46 35.20 4.81
C VAL F 625 -11.08 35.74 3.40
N GLU F 626 -9.78 35.93 3.15
CA GLU F 626 -9.24 36.34 1.84
C GLU F 626 -9.57 35.34 0.74
N GLY F 627 -9.40 34.05 1.05
CA GLY F 627 -9.70 32.99 0.10
C GLY F 627 -11.16 32.95 -0.30
N ALA F 628 -12.05 32.99 0.69
CA ALA F 628 -13.47 32.96 0.45
C ALA F 628 -13.90 34.23 -0.31
N PHE F 629 -13.37 35.38 0.11
CA PHE F 629 -13.73 36.64 -0.56
C PHE F 629 -13.34 36.59 -2.04
N VAL F 630 -12.14 36.07 -2.33
CA VAL F 630 -11.71 35.97 -3.75
C VAL F 630 -12.57 34.98 -4.58
N GLN F 631 -13.01 33.87 -3.98
CA GLN F 631 -13.95 32.99 -4.67
C GLN F 631 -15.30 33.66 -4.96
N GLY F 632 -15.77 34.48 -4.00
CA GLY F 632 -16.98 35.30 -4.16
C GLY F 632 -16.85 36.34 -5.26
N LEU F 633 -15.73 37.06 -5.26
CA LEU F 633 -15.40 37.96 -6.35
C LEU F 633 -15.42 37.24 -7.73
N GLY F 634 -14.86 36.03 -7.82
CA GLY F 634 -14.99 35.20 -9.02
C GLY F 634 -16.45 34.89 -9.38
N LEU F 635 -17.22 34.42 -8.39
CA LEU F 635 -18.63 34.08 -8.61
C LEU F 635 -19.43 35.26 -9.16
N PHE F 636 -19.24 36.43 -8.56
CA PHE F 636 -20.05 37.59 -8.95
C PHE F 636 -19.52 38.46 -10.10
N THR F 637 -18.24 38.28 -10.48
CA THR F 637 -17.63 39.17 -11.48
C THR F 637 -16.85 38.56 -12.66
N LEU F 638 -16.44 37.29 -12.59
CA LEU F 638 -15.48 36.75 -13.55
C LEU F 638 -15.89 35.42 -14.12
N GLU F 639 -16.40 34.56 -13.26
CA GLU F 639 -16.59 33.16 -13.60
C GLU F 639 -17.93 32.97 -14.28
N GLU F 640 -17.88 32.44 -15.49
CA GLU F 640 -19.09 32.23 -16.28
C GLU F 640 -19.04 30.90 -17.00
N LEU F 641 -20.01 30.06 -16.71
CA LEU F 641 -20.22 28.81 -17.43
C LEU F 641 -21.19 29.06 -18.58
N HIS F 642 -20.84 28.54 -19.74
CA HIS F 642 -21.59 28.77 -20.95
C HIS F 642 -21.90 27.41 -21.60
N TYR F 643 -23.16 27.21 -21.98
CA TYR F 643 -23.64 25.95 -22.56
C TYR F 643 -24.12 26.14 -23.99
N SER F 644 -23.98 25.11 -24.82
CA SER F 644 -24.66 25.11 -26.12
C SER F 644 -26.19 25.01 -25.91
N PRO F 645 -26.99 25.39 -26.95
CA PRO F 645 -28.45 25.25 -26.84
C PRO F 645 -28.89 23.81 -26.55
N GLU F 646 -28.09 22.85 -27.00
CA GLU F 646 -28.34 21.43 -26.79
C GLU F 646 -27.88 20.93 -25.42
N GLY F 647 -27.30 21.83 -24.61
CA GLY F 647 -26.96 21.52 -23.22
C GLY F 647 -25.56 21.02 -22.95
N SER F 648 -24.64 21.30 -23.87
CA SER F 648 -23.24 20.90 -23.73
C SER F 648 -22.38 22.08 -23.27
N LEU F 649 -21.64 21.87 -22.19
CA LEU F 649 -20.75 22.87 -21.60
C LEU F 649 -19.63 23.27 -22.56
N HIS F 650 -19.54 24.57 -22.88
CA HIS F 650 -18.46 25.08 -23.71
C HIS F 650 -17.18 25.31 -22.90
N THR F 651 -17.35 25.77 -21.67
CA THR F 651 -16.25 26.30 -20.86
C THR F 651 -15.66 25.18 -19.98
N ARG F 652 -14.58 24.56 -20.45
CA ARG F 652 -14.05 23.31 -19.85
C ARG F 652 -12.58 23.39 -19.41
N GLY F 653 -12.04 24.59 -19.35
CA GLY F 653 -10.65 24.75 -18.92
C GLY F 653 -10.36 26.20 -18.60
N PRO F 654 -9.14 26.47 -18.09
CA PRO F 654 -8.80 27.84 -17.69
C PRO F 654 -8.69 28.83 -18.86
N SER F 655 -8.61 28.34 -20.10
CA SER F 655 -8.63 29.26 -21.26
C SER F 655 -10.01 29.87 -21.52
N THR F 656 -11.06 29.18 -21.07
CA THR F 656 -12.44 29.62 -21.32
C THR F 656 -13.24 29.89 -20.04
N TYR F 657 -12.70 29.43 -18.91
CA TYR F 657 -13.30 29.68 -17.60
C TYR F 657 -12.28 30.42 -16.74
N LYS F 658 -12.57 31.67 -16.39
CA LYS F 658 -11.59 32.52 -15.76
C LYS F 658 -11.83 32.66 -14.26
N ILE F 659 -11.03 31.97 -13.47
CA ILE F 659 -11.01 32.20 -12.03
C ILE F 659 -10.10 33.41 -11.69
N PRO F 660 -10.32 34.03 -10.51
CA PRO F 660 -9.44 35.15 -10.15
C PRO F 660 -7.95 34.81 -10.24
N ALA F 661 -7.17 35.76 -10.75
CA ALA F 661 -5.73 35.58 -10.95
C ALA F 661 -4.98 36.55 -10.03
N PHE F 662 -3.65 36.42 -9.96
CA PHE F 662 -2.83 37.32 -9.13
C PHE F 662 -3.22 38.75 -9.39
N GLY F 663 -3.40 39.09 -10.67
CA GLY F 663 -3.79 40.45 -11.05
C GLY F 663 -5.23 40.89 -10.79
N SER F 664 -6.11 39.99 -10.33
CA SER F 664 -7.54 40.31 -10.14
C SER F 664 -7.88 40.89 -8.75
N ILE F 665 -7.03 40.69 -7.77
CA ILE F 665 -7.38 41.06 -6.41
C ILE F 665 -7.26 42.58 -6.20
N PRO F 666 -8.05 43.13 -5.27
CA PRO F 666 -8.00 44.59 -5.07
C PRO F 666 -6.57 45.08 -4.81
N THR F 667 -6.18 46.19 -5.41
CA THR F 667 -4.84 46.78 -5.20
C THR F 667 -4.54 46.97 -3.69
N GLU F 668 -5.51 47.46 -2.95
CA GLU F 668 -5.44 47.56 -1.50
C GLU F 668 -6.43 46.58 -0.94
N PHE F 669 -5.96 45.65 -0.11
CA PHE F 669 -6.79 44.53 0.31
C PHE F 669 -6.62 44.35 1.81
N ARG F 670 -7.58 44.84 2.60
CA ARG F 670 -7.45 44.88 4.07
C ARG F 670 -8.48 44.03 4.78
N VAL F 671 -8.00 43.12 5.63
CA VAL F 671 -8.88 42.27 6.42
C VAL F 671 -8.58 42.45 7.89
N SER F 672 -9.61 42.73 8.68
CA SER F 672 -9.50 42.75 10.14
C SER F 672 -10.47 41.77 10.78
N LEU F 673 -10.04 41.14 11.86
CA LEU F 673 -10.92 40.36 12.70
C LEU F 673 -11.38 41.22 13.88
N LEU F 674 -12.68 41.28 14.09
CA LEU F 674 -13.28 42.06 15.17
C LEU F 674 -12.65 41.65 16.51
N ARG F 675 -12.29 42.63 17.34
CA ARG F 675 -11.67 42.35 18.63
C ARG F 675 -12.73 42.21 19.73
N ASP F 676 -12.36 41.51 20.80
CA ASP F 676 -13.19 41.36 22.01
C ASP F 676 -14.62 40.87 21.72
N CYS F 677 -14.73 39.72 21.05
CA CYS F 677 -16.05 39.17 20.77
C CYS F 677 -16.08 37.64 20.94
N PRO F 678 -15.90 37.15 22.19
CA PRO F 678 -15.82 35.70 22.36
C PRO F 678 -17.18 35.03 22.09
N ASN F 679 -17.12 33.83 21.50
CA ASN F 679 -18.30 33.02 21.24
C ASN F 679 -18.47 31.87 22.26
N LYS F 680 -19.40 32.04 23.20
CA LYS F 680 -19.70 31.02 24.21
C LYS F 680 -20.06 29.65 23.63
N LYS F 681 -20.54 29.64 22.39
CA LYS F 681 -21.13 28.45 21.77
C LYS F 681 -20.12 27.48 21.14
N ALA F 682 -18.86 27.87 21.00
CA ALA F 682 -17.89 26.97 20.36
C ALA F 682 -16.53 26.91 21.03
N ILE F 683 -15.76 25.87 20.70
CA ILE F 683 -14.46 25.56 21.30
C ILE F 683 -13.54 26.77 21.46
N TYR F 684 -13.09 27.00 22.69
CA TYR F 684 -12.20 28.10 23.02
C TYR F 684 -12.70 29.44 22.47
N ALA F 685 -14.03 29.58 22.43
CA ALA F 685 -14.73 30.84 22.08
C ALA F 685 -14.52 31.30 20.65
N SER F 686 -14.17 30.36 19.78
CA SER F 686 -13.95 30.64 18.35
C SER F 686 -15.27 30.58 17.54
N LYS F 687 -15.20 31.00 16.28
CA LYS F 687 -16.34 30.89 15.35
C LYS F 687 -15.90 30.32 13.99
N ALA F 688 -16.84 29.65 13.32
CA ALA F 688 -16.65 29.16 11.95
C ALA F 688 -16.31 30.28 10.98
N VAL F 689 -15.34 30.04 10.10
CA VAL F 689 -14.85 31.06 9.18
C VAL F 689 -14.79 30.63 7.70
N GLY F 690 -14.95 29.34 7.42
CA GLY F 690 -14.69 28.81 6.06
C GLY F 690 -15.59 29.40 4.97
N GLU F 691 -16.90 29.31 5.19
CA GLU F 691 -17.90 29.75 4.18
C GLU F 691 -18.44 31.19 4.35
N PRO F 692 -18.65 31.65 5.62
CA PRO F 692 -19.27 32.98 5.77
C PRO F 692 -18.73 34.18 4.96
N PRO F 693 -17.40 34.29 4.74
CA PRO F 693 -16.96 35.50 4.03
C PRO F 693 -17.13 35.53 2.51
N LEU F 694 -17.52 34.41 1.90
CA LEU F 694 -17.60 34.34 0.43
C LEU F 694 -18.59 35.37 -0.14
N PHE F 695 -19.75 35.52 0.51
CA PHE F 695 -20.75 36.44 0.03
C PHE F 695 -20.20 37.89 -0.01
N LEU F 696 -19.26 38.19 0.88
CA LEU F 696 -18.72 39.57 0.94
C LEU F 696 -18.06 40.01 -0.37
N GLY F 697 -17.65 39.04 -1.18
CA GLY F 697 -17.23 39.31 -2.56
C GLY F 697 -18.26 40.07 -3.40
N ALA F 698 -19.53 39.98 -3.02
CA ALA F 698 -20.61 40.73 -3.68
C ALA F 698 -20.46 42.24 -3.53
N SER F 699 -19.67 42.70 -2.55
CA SER F 699 -19.40 44.14 -2.40
C SER F 699 -18.79 44.75 -3.68
N VAL F 700 -18.03 43.94 -4.40
CA VAL F 700 -17.45 44.34 -5.69
C VAL F 700 -18.56 44.45 -6.75
N PHE F 701 -19.52 43.52 -6.72
CA PHE F 701 -20.63 43.53 -7.67
C PHE F 701 -21.46 44.80 -7.51
N PHE F 702 -21.83 45.11 -6.27
CA PHE F 702 -22.64 46.29 -6.00
C PHE F 702 -21.88 47.61 -6.22
N ALA F 703 -20.57 47.61 -5.97
CA ALA F 703 -19.67 48.70 -6.40
C ALA F 703 -19.69 48.90 -7.91
N ILE F 704 -19.60 47.81 -8.67
CA ILE F 704 -19.70 47.88 -10.15
C ILE F 704 -21.07 48.44 -10.58
N LYS F 705 -22.14 48.01 -9.91
CA LYS F 705 -23.50 48.45 -10.21
C LYS F 705 -23.62 49.98 -10.03
N ASP F 706 -23.05 50.47 -8.92
CA ASP F 706 -22.91 51.90 -8.55
C ASP F 706 -22.22 52.68 -9.68
N ALA F 707 -21.08 52.15 -10.14
CA ALA F 707 -20.36 52.74 -11.26
C ALA F 707 -21.17 52.74 -12.58
N ILE F 708 -21.88 51.67 -12.87
CA ILE F 708 -22.73 51.61 -14.08
C ILE F 708 -23.84 52.69 -13.99
N ARG F 709 -24.43 52.82 -12.82
CA ARG F 709 -25.46 53.83 -12.60
C ARG F 709 -24.95 55.26 -12.87
N ALA F 710 -23.71 55.51 -12.48
CA ALA F 710 -23.05 56.79 -12.77
C ALA F 710 -22.79 56.99 -14.26
N ALA F 711 -22.38 55.92 -14.96
CA ALA F 711 -22.19 55.96 -16.40
C ALA F 711 -23.52 56.18 -17.15
N ARG F 712 -24.58 55.53 -16.70
CA ARG F 712 -25.89 55.71 -17.33
C ARG F 712 -26.45 57.11 -17.08
N ALA F 713 -26.19 57.67 -15.90
CA ALA F 713 -26.55 59.06 -15.60
C ALA F 713 -25.94 60.01 -16.64
N GLN F 714 -24.65 59.77 -16.94
CA GLN F 714 -23.85 60.55 -17.90
C GLN F 714 -24.32 60.46 -19.35
N HIS F 715 -24.60 59.24 -19.83
CA HIS F 715 -24.78 58.98 -21.26
C HIS F 715 -26.19 58.61 -21.72
N THR F 716 -27.09 58.35 -20.78
CA THR F 716 -28.45 57.86 -21.10
C THR F 716 -29.55 58.75 -20.51
N ASN F 717 -30.74 58.14 -20.39
CA ASN F 717 -31.89 58.67 -19.63
C ASN F 717 -31.53 59.04 -18.17
N ASN F 718 -32.10 60.15 -17.70
CA ASN F 718 -31.61 60.81 -16.49
C ASN F 718 -32.48 60.67 -15.23
N ASN F 719 -33.18 59.54 -15.13
CA ASN F 719 -33.87 59.21 -13.89
C ASN F 719 -32.81 58.83 -12.87
N THR F 720 -32.77 59.58 -11.77
CA THR F 720 -31.93 59.22 -10.62
C THR F 720 -32.49 57.93 -10.03
N LYS F 721 -33.80 57.75 -10.17
CA LYS F 721 -34.51 56.62 -9.59
C LYS F 721 -34.78 55.53 -10.63
N GLU F 722 -33.98 55.52 -11.69
CA GLU F 722 -34.01 54.49 -12.72
C GLU F 722 -33.44 53.17 -12.21
N LEU F 723 -34.18 52.09 -12.45
CA LEU F 723 -33.70 50.75 -12.15
C LEU F 723 -33.39 49.98 -13.43
N PHE F 724 -32.41 49.09 -13.35
CA PHE F 724 -32.09 48.24 -14.48
C PHE F 724 -31.66 46.87 -13.97
N ARG F 725 -31.84 45.85 -14.80
CA ARG F 725 -31.49 44.49 -14.39
C ARG F 725 -30.04 44.17 -14.69
N LEU F 726 -29.30 43.77 -13.66
CA LEU F 726 -27.94 43.29 -13.84
C LEU F 726 -27.81 41.93 -13.16
N ASP F 727 -27.78 40.88 -13.97
CA ASP F 727 -27.64 39.52 -13.44
C ASP F 727 -26.19 39.25 -12.99
N SER F 728 -26.00 38.15 -12.26
CA SER F 728 -24.65 37.70 -11.92
C SER F 728 -24.25 36.52 -12.81
N PRO F 729 -22.98 36.44 -13.22
CA PRO F 729 -21.83 37.35 -12.95
C PRO F 729 -21.80 38.62 -13.80
N ALA F 730 -21.34 39.72 -13.21
CA ALA F 730 -21.16 40.98 -13.95
C ALA F 730 -19.85 40.91 -14.75
N THR F 731 -19.93 40.25 -15.91
CA THR F 731 -18.79 40.11 -16.83
C THR F 731 -18.63 41.39 -17.66
N PRO F 732 -17.49 41.54 -18.37
CA PRO F 732 -17.34 42.72 -19.24
C PRO F 732 -18.46 42.89 -20.26
N GLU F 733 -19.00 41.78 -20.78
CA GLU F 733 -20.16 41.87 -21.69
C GLU F 733 -21.35 42.55 -21.01
N LYS F 734 -21.69 42.08 -19.81
CA LYS F 734 -22.80 42.63 -19.08
C LYS F 734 -22.57 44.09 -18.73
N ILE F 735 -21.36 44.40 -18.26
CA ILE F 735 -21.01 45.74 -17.84
C ILE F 735 -21.06 46.67 -19.05
N ARG F 736 -20.46 46.27 -20.15
CA ARG F 736 -20.44 47.11 -21.34
C ARG F 736 -21.85 47.38 -21.88
N ASN F 737 -22.66 46.31 -22.01
CA ASN F 737 -24.03 46.43 -22.52
C ASN F 737 -24.91 47.33 -21.63
N ALA F 738 -24.63 47.34 -20.32
CA ALA F 738 -25.39 48.14 -19.36
C ALA F 738 -24.98 49.61 -19.39
N CYS F 739 -23.77 49.87 -19.90
CA CYS F 739 -23.30 51.24 -20.13
C CYS F 739 -23.78 51.76 -21.49
N VAL F 740 -25.10 51.85 -21.62
CA VAL F 740 -25.77 52.33 -22.83
C VAL F 740 -25.25 53.74 -23.20
N ASP F 741 -24.84 53.91 -24.45
CA ASP F 741 -24.25 55.16 -24.93
C ASP F 741 -24.45 55.27 -26.43
N LYS F 742 -23.78 56.25 -27.05
CA LYS F 742 -23.87 56.47 -28.51
C LYS F 742 -23.32 55.31 -29.36
N PHE F 743 -22.51 54.44 -28.74
CA PHE F 743 -21.95 53.29 -29.45
C PHE F 743 -22.82 52.05 -29.34
N THR F 744 -23.41 51.82 -28.17
CA THR F 744 -24.31 50.67 -27.99
C THR F 744 -25.59 50.89 -28.78
N THR F 745 -26.09 52.13 -28.76
CA THR F 745 -27.29 52.51 -29.48
C THR F 745 -27.03 52.59 -30.99
#